data_2ZC7
#
_entry.id   2ZC7
#
_cell.length_a   77.047
_cell.length_b   80.521
_cell.length_c   86.881
_cell.angle_alpha   76.23
_cell.angle_beta   68.88
_cell.angle_gamma   63.46
#
_symmetry.space_group_name_H-M   'P 1'
#
loop_
_entity.id
_entity.type
_entity.pdbx_description
1 polymer 'Beta-lactamase ACT-1'
2 water water
#
_entity_poly.entity_id   1
_entity_poly.type   'polypeptide(L)'
_entity_poly.pdbx_seq_one_letter_code
;PMSEKQLAEVVERTVTPLMKAQAIPGMAVAVIYEGQPHYFTFGKADVAANKPVTPQTLFELGSISKTFTGVLGGDAIARG
EISLGDPVTKYWPELTGKQWQGIRMLDLATYTAGGLPLQVPDEVKDNASLLRFYQNWQPQWKPGTTRLYANASIGLFGAL
AVKPSGMSYEQAITTRVFKPLKLDHTWINVPKAEEAHYAWGYRDGKAVHVSPGMLDAEAYGVKTNVQDMASWVMVNMKPD
SLQDNSLRKGLTLAQSRYWRVGAMYQGLGWEMLNWPVDAKTVVEGSDNKVALAPLPAREVNPPAPPVNASWVHKTGSTGG
FGSYVAFIPEKQLGIVMLANKSYPNPARVEAAYRILSAL
;
_entity_poly.pdbx_strand_id   A,B,C,D
#
# COMPACT_ATOMS: atom_id res chain seq x y z
N PRO A 1 44.03 -52.18 18.70
CA PRO A 1 44.86 -52.02 17.50
C PRO A 1 44.62 -50.67 16.86
N MET A 2 45.11 -49.59 17.46
CA MET A 2 44.75 -48.28 16.94
C MET A 2 44.68 -48.18 15.40
N SER A 3 45.67 -48.67 14.67
CA SER A 3 45.67 -48.57 13.22
C SER A 3 44.56 -49.35 12.47
N GLU A 4 44.11 -48.81 11.33
CA GLU A 4 43.11 -49.50 10.54
C GLU A 4 43.70 -50.80 9.95
N LYS A 5 44.99 -50.79 9.56
CA LYS A 5 45.68 -51.98 9.05
C LYS A 5 45.79 -53.02 10.22
N GLN A 6 46.06 -52.58 11.45
CA GLN A 6 46.12 -53.48 12.63
C GLN A 6 44.73 -54.09 12.85
N LEU A 7 43.71 -53.24 12.73
CA LEU A 7 42.30 -53.66 12.79
C LEU A 7 42.02 -54.70 11.66
N ALA A 8 42.38 -54.36 10.43
CA ALA A 8 42.14 -55.29 9.36
C ALA A 8 42.83 -56.65 9.66
N GLU A 9 44.02 -56.65 10.27
CA GLU A 9 44.71 -57.93 10.56
C GLU A 9 43.93 -58.78 11.58
N VAL A 10 43.49 -58.13 12.67
CA VAL A 10 42.70 -58.73 13.75
C VAL A 10 41.43 -59.38 13.22
N VAL A 11 40.84 -58.79 12.18
CA VAL A 11 39.61 -59.33 11.60
C VAL A 11 39.89 -60.51 10.68
N GLU A 12 40.73 -60.29 9.68
CA GLU A 12 41.18 -61.30 8.71
C GLU A 12 41.79 -62.56 9.31
N ARG A 13 42.72 -62.40 10.26
CA ARG A 13 43.37 -63.57 10.86
C ARG A 13 42.35 -64.46 11.55
N THR A 14 41.17 -63.92 11.86
CA THR A 14 40.13 -64.77 12.44
C THR A 14 39.09 -65.25 11.42
N VAL A 15 38.63 -64.32 10.58
CA VAL A 15 37.61 -64.56 9.56
C VAL A 15 38.01 -65.55 8.47
N THR A 16 39.20 -65.39 7.88
CA THR A 16 39.69 -66.27 6.81
C THR A 16 39.73 -67.74 7.25
N PRO A 17 40.42 -68.10 8.37
CA PRO A 17 40.45 -69.50 8.81
C PRO A 17 39.02 -69.99 9.14
N LEU A 18 38.12 -69.06 9.52
CA LEU A 18 36.70 -69.38 9.84
C LEU A 18 35.91 -69.79 8.58
N MET A 19 36.06 -69.03 7.49
CA MET A 19 35.40 -69.30 6.19
C MET A 19 35.84 -70.63 5.60
N LYS A 20 37.14 -70.93 5.71
CA LYS A 20 37.67 -72.20 5.24
C LYS A 20 37.15 -73.34 6.15
N ALA A 21 37.27 -73.25 7.47
CA ALA A 21 36.75 -74.36 8.29
C ALA A 21 35.23 -74.57 8.21
N GLN A 22 34.47 -73.53 7.89
CA GLN A 22 33.01 -73.70 7.87
C GLN A 22 32.37 -73.73 6.47
N ALA A 23 33.23 -73.63 5.45
CA ALA A 23 32.86 -73.58 4.01
C ALA A 23 31.87 -72.43 3.73
N ILE A 24 32.11 -71.26 4.32
CA ILE A 24 31.28 -70.04 4.19
C ILE A 24 31.74 -69.35 2.90
N PRO A 25 30.84 -69.09 1.94
CA PRO A 25 31.28 -68.43 0.70
C PRO A 25 31.70 -66.95 0.81
N GLY A 26 30.95 -66.22 1.64
CA GLY A 26 31.16 -64.79 1.83
C GLY A 26 30.79 -64.30 3.22
N MET A 27 31.33 -63.15 3.61
CA MET A 27 31.02 -62.61 4.92
C MET A 27 31.30 -61.13 4.85
N ALA A 28 30.44 -60.31 5.44
CA ALA A 28 30.73 -58.88 5.47
C ALA A 28 30.89 -58.60 6.94
N VAL A 29 31.94 -57.85 7.31
CA VAL A 29 32.19 -57.58 8.71
C VAL A 29 32.34 -56.11 9.00
N ALA A 30 31.79 -55.68 10.13
CA ALA A 30 31.92 -54.30 10.59
C ALA A 30 32.44 -54.28 12.01
N VAL A 31 33.55 -53.58 12.24
CA VAL A 31 34.02 -53.41 13.60
C VAL A 31 33.84 -51.91 13.92
N ILE A 32 33.16 -51.65 15.05
CA ILE A 32 32.99 -50.29 15.57
C ILE A 32 34.05 -50.14 16.66
N TYR A 33 35.04 -49.33 16.34
CA TYR A 33 36.17 -49.13 17.20
C TYR A 33 36.20 -47.64 17.49
N GLU A 34 36.05 -47.36 18.78
CA GLU A 34 35.93 -46.01 19.29
C GLU A 34 34.70 -45.39 18.61
N GLY A 35 33.63 -46.15 18.50
CA GLY A 35 32.47 -45.57 17.87
C GLY A 35 32.55 -45.28 16.39
N GLN A 36 33.47 -45.87 15.65
CA GLN A 36 33.39 -45.57 14.24
C GLN A 36 33.42 -46.88 13.48
N PRO A 37 32.63 -46.98 12.40
CA PRO A 37 32.61 -48.23 11.63
C PRO A 37 33.79 -48.43 10.71
N HIS A 38 34.19 -49.68 10.58
CA HIS A 38 35.25 -50.04 9.66
C HIS A 38 34.73 -51.32 9.03
N TYR A 39 34.77 -51.40 7.70
CA TYR A 39 34.32 -52.60 6.97
C TYR A 39 35.41 -53.47 6.34
N PHE A 40 35.20 -54.79 6.46
CA PHE A 40 36.08 -55.87 5.96
C PHE A 40 35.16 -56.86 5.22
N THR A 41 35.45 -57.12 3.96
CA THR A 41 34.62 -58.00 3.14
C THR A 41 35.43 -59.14 2.53
N PHE A 42 34.81 -60.31 2.52
CA PHE A 42 35.46 -61.53 2.14
C PHE A 42 34.58 -62.40 1.28
N GLY A 43 35.22 -63.05 0.31
CA GLY A 43 34.53 -64.01 -0.51
C GLY A 43 33.41 -63.57 -1.40
N LYS A 44 32.49 -64.50 -1.63
CA LYS A 44 31.43 -64.23 -2.59
C LYS A 44 30.00 -64.10 -2.11
N ALA A 45 29.30 -63.13 -2.68
CA ALA A 45 27.85 -62.94 -2.43
C ALA A 45 27.07 -63.92 -3.35
N ASP A 46 27.60 -64.11 -4.55
CA ASP A 46 26.99 -64.96 -5.54
C ASP A 46 28.15 -65.76 -6.11
N VAL A 47 28.18 -67.05 -5.73
CA VAL A 47 29.18 -68.01 -6.16
C VAL A 47 29.05 -68.35 -7.69
N ALA A 48 27.85 -68.56 -8.25
CA ALA A 48 27.71 -68.84 -9.71
C ALA A 48 28.22 -67.66 -10.59
N ALA A 49 27.81 -66.46 -10.22
CA ALA A 49 28.12 -65.23 -10.95
C ALA A 49 29.47 -64.64 -10.55
N ASN A 50 30.07 -65.23 -9.53
CA ASN A 50 31.33 -64.75 -8.97
C ASN A 50 31.24 -63.28 -8.49
N LYS A 51 30.21 -62.92 -7.72
CA LYS A 51 30.10 -61.54 -7.20
C LYS A 51 30.79 -61.43 -5.84
N PRO A 52 31.54 -60.37 -5.61
CA PRO A 52 32.17 -60.33 -4.28
C PRO A 52 31.22 -59.72 -3.26
N VAL A 53 31.38 -60.13 -2.01
CA VAL A 53 30.63 -59.48 -0.97
C VAL A 53 31.24 -58.08 -0.83
N THR A 54 30.43 -57.04 -0.90
CA THR A 54 30.96 -55.72 -0.56
C THR A 54 30.02 -55.21 0.60
N PRO A 55 30.22 -53.98 1.10
CA PRO A 55 29.37 -53.44 2.18
C PRO A 55 27.92 -53.11 1.68
N GLN A 56 27.69 -53.15 0.36
CA GLN A 56 26.35 -52.92 -0.21
C GLN A 56 25.55 -54.23 -0.29
N THR A 57 26.23 -55.36 -0.21
CA THR A 57 25.59 -56.67 -0.23
C THR A 57 24.57 -56.82 0.91
N LEU A 58 23.33 -57.19 0.54
CA LEU A 58 22.25 -57.46 1.49
C LEU A 58 22.35 -58.92 1.94
N PHE A 59 22.26 -59.11 3.25
CA PHE A 59 22.28 -60.43 3.83
C PHE A 59 20.95 -60.58 4.61
N GLU A 60 20.55 -61.83 4.78
CA GLU A 60 19.40 -62.13 5.61
C GLU A 60 19.90 -62.20 7.07
N LEU A 61 19.34 -61.31 7.87
CA LEU A 61 19.59 -61.22 9.31
C LEU A 61 19.09 -62.44 10.09
N GLY A 62 18.05 -63.11 9.58
CA GLY A 62 17.47 -64.16 10.36
C GLY A 62 16.97 -63.58 11.68
N SER A 63 17.33 -64.27 12.75
CA SER A 63 16.88 -63.91 14.08
C SER A 63 17.31 -62.59 14.66
N ILE A 64 18.29 -61.94 14.01
CA ILE A 64 18.76 -60.64 14.43
C ILE A 64 17.63 -59.65 14.16
N SER A 65 16.71 -60.02 13.27
CA SER A 65 15.51 -59.21 13.04
C SER A 65 14.78 -58.96 14.39
N LYS A 66 14.89 -59.89 15.33
CA LYS A 66 14.24 -59.78 16.64
C LYS A 66 14.65 -58.56 17.47
N THR A 67 15.82 -57.99 17.12
CA THR A 67 16.32 -56.80 17.79
C THR A 67 15.55 -55.60 17.26
N PHE A 68 15.14 -55.68 16.00
CA PHE A 68 14.29 -54.64 15.42
C PHE A 68 12.91 -54.78 16.00
N THR A 69 12.38 -56.00 16.05
CA THR A 69 11.08 -56.21 16.66
C THR A 69 11.02 -55.63 18.10
N GLY A 70 12.06 -55.91 18.88
CA GLY A 70 12.17 -55.52 20.27
C GLY A 70 12.11 -54.03 20.45
N VAL A 71 12.92 -53.34 19.66
CA VAL A 71 12.98 -51.90 19.67
C VAL A 71 11.67 -51.33 19.13
N LEU A 72 11.03 -51.95 18.14
CA LEU A 72 9.74 -51.45 17.68
C LEU A 72 8.67 -51.60 18.82
N GLY A 73 8.74 -52.71 19.56
CA GLY A 73 7.83 -52.96 20.67
C GLY A 73 8.13 -51.94 21.75
N GLY A 74 9.40 -51.61 21.97
CA GLY A 74 9.76 -50.61 22.97
C GLY A 74 9.27 -49.21 22.62
N ASP A 75 9.30 -48.90 21.33
CA ASP A 75 8.82 -47.61 20.84
C ASP A 75 7.28 -47.54 21.01
N ALA A 76 6.55 -48.65 20.91
CA ALA A 76 5.10 -48.59 21.08
C ALA A 76 4.73 -48.43 22.55
N ILE A 77 5.61 -48.91 23.43
CA ILE A 77 5.40 -48.82 24.86
C ILE A 77 5.59 -47.35 25.29
N ALA A 78 6.69 -46.71 24.84
CA ALA A 78 6.98 -45.28 25.12
C ALA A 78 5.85 -44.36 24.57
N ARG A 79 5.14 -44.84 23.57
CA ARG A 79 4.03 -44.11 22.96
C ARG A 79 2.73 -44.33 23.76
N GLY A 80 2.72 -45.29 24.71
CA GLY A 80 1.52 -45.60 25.48
C GLY A 80 0.55 -46.50 24.71
N GLU A 81 0.99 -47.03 23.57
CA GLU A 81 0.12 -47.85 22.73
C GLU A 81 -0.08 -49.28 23.22
N ILE A 82 0.98 -49.83 23.82
CA ILE A 82 0.93 -51.18 24.37
C ILE A 82 1.73 -51.23 25.66
N SER A 83 1.39 -52.14 26.55
CA SER A 83 2.23 -52.29 27.74
C SER A 83 2.56 -53.78 27.84
N LEU A 84 3.80 -54.07 28.20
CA LEU A 84 4.28 -55.43 28.44
C LEU A 84 3.42 -56.20 29.50
N GLY A 85 2.84 -55.42 30.42
CA GLY A 85 2.04 -55.96 31.50
C GLY A 85 0.75 -56.56 31.00
N ASP A 86 0.27 -56.05 29.88
CA ASP A 86 -1.01 -56.50 29.37
C ASP A 86 -1.18 -57.94 28.94
N PRO A 87 -2.41 -58.48 29.12
CA PRO A 87 -2.74 -59.85 28.73
C PRO A 87 -2.64 -59.85 27.19
N VAL A 88 -2.07 -60.89 26.58
CA VAL A 88 -1.96 -61.01 25.12
C VAL A 88 -3.36 -60.74 24.50
N THR A 89 -4.32 -61.40 25.13
CA THR A 89 -5.74 -61.33 24.87
C THR A 89 -6.34 -59.92 24.68
N LYS A 90 -5.67 -58.85 25.10
CA LYS A 90 -6.21 -57.49 24.84
C LYS A 90 -5.86 -57.06 23.38
N TYR A 91 -4.92 -57.77 22.75
CA TYR A 91 -4.47 -57.48 21.37
C TYR A 91 -4.97 -58.50 20.37
N TRP A 92 -5.48 -59.64 20.87
CA TRP A 92 -6.06 -60.67 20.04
C TRP A 92 -7.35 -61.21 20.76
N PRO A 93 -8.46 -60.43 20.77
CA PRO A 93 -9.63 -60.99 21.48
C PRO A 93 -10.15 -62.37 21.06
N GLU A 94 -9.84 -62.80 19.84
CA GLU A 94 -10.29 -64.09 19.37
C GLU A 94 -9.52 -65.28 20.04
N LEU A 95 -8.44 -64.96 20.75
CA LEU A 95 -7.65 -65.95 21.50
C LEU A 95 -8.36 -66.18 22.87
N THR A 96 -9.45 -66.96 22.87
CA THR A 96 -10.30 -67.22 24.05
C THR A 96 -9.99 -68.45 24.91
N GLY A 97 -9.08 -69.29 24.44
CA GLY A 97 -8.68 -70.50 25.17
C GLY A 97 -8.15 -70.13 26.55
N LYS A 98 -8.43 -70.97 27.55
CA LYS A 98 -8.07 -70.75 28.96
C LYS A 98 -6.57 -70.75 29.30
N GLN A 99 -5.76 -71.39 28.44
CA GLN A 99 -4.31 -71.42 28.62
C GLN A 99 -3.76 -70.04 28.45
N TRP A 100 -4.51 -69.22 27.72
CA TRP A 100 -4.05 -67.90 27.41
C TRP A 100 -4.11 -66.88 28.49
N GLN A 101 -4.76 -67.03 29.62
CA GLN A 101 -4.36 -65.86 30.34
C GLN A 101 -3.33 -66.12 31.37
N GLY A 102 -2.88 -65.01 31.92
CA GLY A 102 -1.77 -65.03 32.83
C GLY A 102 -0.62 -64.78 31.85
N ILE A 103 -0.85 -65.02 30.55
CA ILE A 103 0.17 -64.81 29.48
C ILE A 103 0.13 -63.33 29.03
N ARG A 104 1.20 -62.59 29.35
CA ARG A 104 1.29 -61.16 29.03
C ARG A 104 2.09 -60.85 27.75
N MET A 105 1.92 -59.65 27.22
CA MET A 105 2.74 -59.20 26.11
C MET A 105 4.24 -59.47 26.50
N LEU A 106 4.65 -59.15 27.73
CA LEU A 106 6.01 -59.49 28.16
C LEU A 106 6.42 -60.97 27.89
N ASP A 107 5.53 -61.92 28.19
CA ASP A 107 5.86 -63.32 28.02
C ASP A 107 6.04 -63.63 26.54
N LEU A 108 5.27 -62.96 25.68
CA LEU A 108 5.43 -63.18 24.25
C LEU A 108 6.77 -62.57 23.79
N ALA A 109 7.04 -61.31 24.14
CA ALA A 109 8.28 -60.66 23.71
C ALA A 109 9.58 -61.37 24.13
N THR A 110 9.52 -62.11 25.26
CA THR A 110 10.69 -62.73 25.87
C THR A 110 10.74 -64.26 26.08
N TYR A 111 9.84 -64.95 25.34
CA TYR A 111 9.80 -66.43 25.18
C TYR A 111 9.50 -67.23 26.42
N THR A 112 8.75 -66.54 27.28
CA THR A 112 8.42 -66.92 28.62
C THR A 112 6.92 -67.28 28.86
N ALA A 113 6.18 -67.49 27.77
CA ALA A 113 4.76 -67.84 27.85
C ALA A 113 4.43 -69.29 28.32
N GLY A 114 5.41 -70.21 28.30
CA GLY A 114 5.14 -71.55 28.77
C GLY A 114 5.40 -72.63 27.76
N GLY A 115 6.13 -72.29 26.69
CA GLY A 115 6.49 -73.27 25.71
C GLY A 115 5.99 -73.16 24.29
N LEU A 116 5.76 -71.95 23.82
CA LEU A 116 5.38 -71.75 22.43
C LEU A 116 6.58 -72.37 21.64
N PRO A 117 6.33 -73.07 20.50
CA PRO A 117 7.43 -73.68 19.76
C PRO A 117 8.45 -72.76 19.04
N LEU A 118 9.66 -73.31 18.84
CA LEU A 118 10.77 -72.64 18.12
C LEU A 118 10.27 -71.98 16.82
N GLN A 119 9.57 -72.78 16.00
CA GLN A 119 9.01 -72.36 14.70
C GLN A 119 7.47 -72.46 14.61
N VAL A 120 6.85 -71.52 13.90
CA VAL A 120 5.42 -71.65 13.54
C VAL A 120 5.37 -72.87 12.53
N PRO A 121 4.44 -73.83 12.72
CA PRO A 121 4.39 -74.96 11.76
C PRO A 121 4.17 -74.48 10.30
N ASP A 122 4.77 -75.19 9.32
CA ASP A 122 4.59 -74.79 7.91
C ASP A 122 3.18 -75.08 7.33
N GLU A 123 2.37 -75.78 8.12
CA GLU A 123 0.97 -76.07 7.84
C GLU A 123 0.23 -74.73 7.92
N VAL A 124 0.77 -73.81 8.73
CA VAL A 124 0.14 -72.51 8.97
C VAL A 124 0.45 -71.45 7.90
N LYS A 125 -0.54 -71.22 7.03
CA LYS A 125 -0.40 -70.29 5.91
C LYS A 125 -1.23 -68.99 5.96
N ASP A 126 -2.18 -68.88 6.90
CA ASP A 126 -2.92 -67.62 7.06
C ASP A 126 -3.35 -67.30 8.51
N ASN A 127 -4.08 -66.22 8.69
CA ASN A 127 -4.56 -65.72 10.00
C ASN A 127 -5.47 -66.68 10.78
N ALA A 128 -6.32 -67.36 10.04
CA ALA A 128 -7.22 -68.39 10.55
C ALA A 128 -6.43 -69.60 11.07
N SER A 129 -5.56 -70.20 10.24
CA SER A 129 -4.82 -71.39 10.72
C SER A 129 -3.84 -71.05 11.84
N LEU A 130 -3.40 -69.77 11.90
CA LEU A 130 -2.49 -69.24 12.94
C LEU A 130 -3.31 -69.11 14.26
N LEU A 131 -4.55 -68.61 14.15
CA LEU A 131 -5.48 -68.48 15.30
C LEU A 131 -5.69 -69.88 15.91
N ARG A 132 -6.10 -70.82 15.05
CA ARG A 132 -6.29 -72.22 15.42
C ARG A 132 -4.99 -72.77 16.02
N PHE A 133 -3.83 -72.36 15.51
CA PHE A 133 -2.59 -72.90 16.08
C PHE A 133 -2.39 -72.49 17.58
N TYR A 134 -2.63 -71.21 17.90
CA TYR A 134 -2.42 -70.68 19.27
C TYR A 134 -3.54 -71.11 20.24
N GLN A 135 -4.76 -71.28 19.69
CA GLN A 135 -5.93 -71.79 20.42
C GLN A 135 -5.65 -73.24 20.83
N ASN A 136 -5.06 -74.06 19.95
CA ASN A 136 -4.76 -75.46 20.29
C ASN A 136 -3.40 -75.80 20.97
N TRP A 137 -2.54 -74.80 21.14
CA TRP A 137 -1.25 -74.98 21.83
C TRP A 137 -1.41 -75.20 23.34
N GLN A 138 -0.69 -76.19 23.80
CA GLN A 138 -0.76 -76.57 25.19
C GLN A 138 0.60 -76.30 25.84
N PRO A 139 0.62 -75.37 26.81
CA PRO A 139 1.78 -74.93 27.59
C PRO A 139 2.43 -76.11 28.30
N GLN A 140 3.75 -76.13 28.41
CA GLN A 140 4.29 -77.23 29.19
C GLN A 140 4.62 -76.71 30.60
N TRP A 141 4.81 -75.39 30.74
CA TRP A 141 5.14 -74.75 32.02
C TRP A 141 4.18 -73.57 32.31
N LYS A 142 4.18 -73.11 33.55
CA LYS A 142 3.28 -72.02 33.94
C LYS A 142 3.84 -70.77 33.27
N PRO A 143 2.97 -69.79 32.97
CA PRO A 143 3.47 -68.57 32.33
C PRO A 143 4.37 -67.74 33.24
N GLY A 144 5.40 -67.18 32.63
CA GLY A 144 6.32 -66.35 33.33
C GLY A 144 7.34 -67.09 34.15
N THR A 145 7.65 -68.34 33.80
CA THR A 145 8.62 -69.09 34.61
C THR A 145 9.74 -69.72 33.81
N THR A 146 9.44 -70.03 32.55
CA THR A 146 10.35 -70.74 31.69
C THR A 146 10.56 -70.11 30.33
N ARG A 147 11.84 -69.99 30.02
CA ARG A 147 12.23 -69.39 28.78
C ARG A 147 12.49 -70.49 27.74
N LEU A 148 11.81 -70.35 26.61
CA LEU A 148 12.05 -71.26 25.49
C LEU A 148 12.16 -70.35 24.25
N TYR A 149 13.37 -70.19 23.72
CA TYR A 149 13.56 -69.36 22.53
C TYR A 149 12.57 -69.77 21.43
N ALA A 150 11.82 -68.80 20.92
CA ALA A 150 10.79 -69.10 19.97
C ALA A 150 10.35 -68.01 19.01
N ASN A 151 10.30 -68.37 17.71
CA ASN A 151 9.84 -67.47 16.64
C ASN A 151 8.32 -67.27 16.85
N ALA A 152 7.65 -68.35 17.26
CA ALA A 152 6.21 -68.33 17.51
C ALA A 152 5.86 -67.41 18.69
N SER A 153 6.79 -67.16 19.63
CA SER A 153 6.48 -66.25 20.76
C SER A 153 6.74 -64.78 20.33
N ILE A 154 7.99 -64.37 20.15
CA ILE A 154 8.29 -63.00 19.69
C ILE A 154 7.68 -62.65 18.29
N GLY A 155 7.47 -63.63 17.42
CA GLY A 155 6.84 -63.31 16.15
C GLY A 155 5.45 -62.73 16.47
N LEU A 156 4.72 -63.39 17.39
CA LEU A 156 3.36 -62.93 17.77
C LEU A 156 3.38 -61.59 18.53
N PHE A 157 4.36 -61.42 19.42
CA PHE A 157 4.53 -60.13 20.09
C PHE A 157 4.59 -58.99 19.05
N GLY A 158 5.39 -59.18 17.99
CA GLY A 158 5.58 -58.18 16.95
C GLY A 158 4.34 -57.82 16.18
N ALA A 159 3.62 -58.85 15.72
CA ALA A 159 2.36 -58.69 14.98
C ALA A 159 1.28 -58.03 15.87
N LEU A 160 1.25 -58.37 17.15
CA LEU A 160 0.30 -57.75 18.07
C LEU A 160 0.74 -56.31 18.50
N ALA A 161 2.04 -56.08 18.70
CA ALA A 161 2.55 -54.77 19.15
C ALA A 161 2.14 -53.59 18.28
N VAL A 162 2.04 -53.90 17.00
CA VAL A 162 1.73 -52.94 15.95
C VAL A 162 0.27 -52.69 15.61
N LYS A 163 -0.64 -53.46 16.20
CA LYS A 163 -2.03 -53.25 15.88
C LYS A 163 -2.61 -51.90 16.34
N PRO A 164 -2.15 -51.34 17.48
CA PRO A 164 -2.71 -50.04 17.93
C PRO A 164 -2.33 -48.80 17.09
N SER A 165 -1.38 -48.99 16.19
CA SER A 165 -0.83 -47.93 15.34
C SER A 165 -1.62 -47.79 14.08
N GLY A 166 -2.29 -48.89 13.78
CA GLY A 166 -3.14 -49.05 12.62
C GLY A 166 -2.30 -49.44 11.44
N MET A 167 -1.00 -49.67 11.65
CA MET A 167 -0.10 -49.98 10.54
C MET A 167 0.25 -51.44 10.44
N SER A 168 0.50 -51.90 9.22
CA SER A 168 0.99 -53.25 9.00
C SER A 168 2.39 -53.31 9.68
N TYR A 169 2.89 -54.52 9.90
CA TYR A 169 4.18 -54.67 10.56
C TYR A 169 5.27 -54.04 9.70
N GLU A 170 5.19 -54.28 8.40
CA GLU A 170 6.20 -53.73 7.53
C GLU A 170 6.13 -52.20 7.56
N GLN A 171 4.93 -51.64 7.56
CA GLN A 171 4.88 -50.19 7.56
C GLN A 171 5.37 -49.58 8.87
N ALA A 172 5.00 -50.18 10.02
CA ALA A 172 5.40 -49.71 11.37
C ALA A 172 6.93 -49.71 11.53
N ILE A 173 7.56 -50.85 11.27
CA ILE A 173 9.02 -50.98 11.37
C ILE A 173 9.77 -49.99 10.45
N THR A 174 9.25 -49.82 9.24
CA THR A 174 9.86 -48.96 8.24
C THR A 174 9.74 -47.52 8.67
N THR A 175 8.53 -47.05 8.98
CA THR A 175 8.31 -45.68 9.47
C THR A 175 8.84 -45.32 10.87
N ARG A 176 8.81 -46.24 11.84
CA ARG A 176 9.19 -45.90 13.23
C ARG A 176 10.59 -46.26 13.62
N VAL A 177 11.17 -47.21 12.88
CA VAL A 177 12.53 -47.65 13.17
C VAL A 177 13.55 -47.45 12.01
N PHE A 178 13.32 -48.05 10.84
CA PHE A 178 14.28 -47.92 9.74
C PHE A 178 14.49 -46.51 9.26
N LYS A 179 13.42 -45.81 8.90
CA LYS A 179 13.60 -44.48 8.34
C LYS A 179 14.16 -43.45 9.30
N PRO A 180 13.58 -43.29 10.50
CA PRO A 180 14.13 -42.30 11.44
C PRO A 180 15.64 -42.48 11.68
N LEU A 181 16.13 -43.70 11.55
CA LEU A 181 17.54 -44.05 11.82
C LEU A 181 18.45 -44.08 10.61
N LYS A 182 17.86 -43.68 9.47
CA LYS A 182 18.43 -43.65 8.14
C LYS A 182 19.01 -44.98 7.66
N LEU A 183 18.29 -46.03 8.01
CA LEU A 183 18.61 -47.37 7.55
C LEU A 183 17.72 -47.49 6.26
N ASP A 184 18.15 -46.79 5.21
CA ASP A 184 17.45 -46.78 3.92
C ASP A 184 17.69 -48.02 3.06
N HIS A 185 18.60 -48.90 3.46
CA HIS A 185 18.84 -50.11 2.68
C HIS A 185 18.58 -51.33 3.53
N THR A 186 17.59 -51.21 4.43
CA THR A 186 17.13 -52.26 5.35
C THR A 186 15.64 -52.53 5.04
N TRP A 187 15.32 -53.77 4.69
CA TRP A 187 13.95 -54.10 4.28
C TRP A 187 13.36 -55.37 4.85
N ILE A 188 12.03 -55.46 4.78
CA ILE A 188 11.35 -56.72 5.13
C ILE A 188 11.27 -57.48 3.78
N ASN A 189 10.96 -56.77 2.70
CA ASN A 189 10.89 -57.34 1.36
C ASN A 189 11.87 -56.55 0.53
N VAL A 190 12.89 -57.22 -0.02
CA VAL A 190 13.88 -56.48 -0.80
C VAL A 190 13.26 -56.05 -2.14
N PRO A 191 13.33 -54.73 -2.45
CA PRO A 191 12.77 -54.21 -3.72
C PRO A 191 13.40 -54.96 -4.92
N LYS A 192 12.64 -55.12 -6.01
CA LYS A 192 13.13 -55.82 -7.22
C LYS A 192 14.25 -54.94 -7.76
N ALA A 193 14.04 -53.62 -7.64
CA ALA A 193 15.02 -52.65 -8.10
C ALA A 193 16.38 -52.74 -7.38
N GLU A 194 16.46 -53.43 -6.24
CA GLU A 194 17.70 -53.56 -5.47
C GLU A 194 18.24 -54.97 -5.33
N GLU A 195 17.58 -55.88 -6.01
CA GLU A 195 17.85 -57.29 -5.98
C GLU A 195 19.27 -57.68 -6.31
N ALA A 196 19.88 -56.90 -7.19
CA ALA A 196 21.24 -57.16 -7.61
C ALA A 196 22.21 -57.25 -6.41
N HIS A 197 21.97 -56.48 -5.33
CA HIS A 197 22.83 -56.47 -4.11
C HIS A 197 22.57 -57.61 -3.13
N TYR A 198 21.54 -58.38 -3.42
CA TYR A 198 21.10 -59.42 -2.50
C TYR A 198 21.90 -60.70 -2.66
N ALA A 199 22.72 -61.02 -1.67
CA ALA A 199 23.52 -62.23 -1.68
C ALA A 199 22.60 -63.45 -1.73
N TRP A 200 23.12 -64.57 -2.22
CA TRP A 200 22.37 -65.81 -2.16
C TRP A 200 22.90 -66.50 -0.89
N GLY A 201 22.04 -67.22 -0.17
CA GLY A 201 22.52 -68.00 0.96
C GLY A 201 22.89 -69.39 0.44
N TYR A 202 23.76 -70.10 1.13
CA TYR A 202 24.11 -71.44 0.67
C TYR A 202 23.81 -72.47 1.78
N ARG A 203 22.94 -73.44 1.45
CA ARG A 203 22.55 -74.49 2.41
C ARG A 203 23.23 -75.82 2.11
N ASP A 204 22.90 -76.57 1.08
CA ASP A 204 23.76 -77.77 0.95
C ASP A 204 24.47 -77.55 -0.39
N GLY A 205 25.32 -76.53 -0.43
CA GLY A 205 25.93 -76.13 -1.68
C GLY A 205 24.82 -75.52 -2.60
N LYS A 206 23.57 -75.34 -2.14
CA LYS A 206 22.45 -74.78 -2.95
C LYS A 206 22.16 -73.31 -2.62
N ALA A 207 21.96 -72.50 -3.66
CA ALA A 207 21.65 -71.08 -3.46
C ALA A 207 20.15 -70.95 -3.12
N VAL A 208 19.87 -70.39 -1.95
CA VAL A 208 18.52 -70.24 -1.42
C VAL A 208 18.27 -68.90 -0.73
N HIS A 209 17.02 -68.47 -0.74
CA HIS A 209 16.60 -67.29 0.03
C HIS A 209 15.50 -67.82 0.97
N VAL A 210 15.25 -67.08 2.04
CA VAL A 210 14.25 -67.47 3.02
C VAL A 210 12.87 -67.62 2.39
N SER A 211 12.13 -68.67 2.76
CA SER A 211 10.80 -68.90 2.19
C SER A 211 9.72 -68.12 2.93
N PRO A 212 8.65 -67.66 2.22
CA PRO A 212 7.61 -66.92 2.95
C PRO A 212 7.12 -67.80 4.12
N GLY A 213 6.73 -67.15 5.21
CA GLY A 213 6.25 -67.89 6.36
C GLY A 213 5.44 -66.95 7.24
N MET A 214 4.54 -67.51 8.05
CA MET A 214 3.72 -66.69 8.95
C MET A 214 4.65 -66.18 10.06
N LEU A 215 4.57 -64.88 10.35
CA LEU A 215 5.39 -64.15 11.34
C LEU A 215 6.89 -64.08 11.01
N ASP A 216 7.22 -64.28 9.72
CA ASP A 216 8.60 -64.17 9.24
C ASP A 216 9.18 -62.77 9.45
N ALA A 217 8.49 -61.72 8.98
CA ALA A 217 9.00 -60.35 9.16
C ALA A 217 9.32 -60.07 10.63
N GLU A 218 8.40 -60.49 11.50
CA GLU A 218 8.48 -60.27 12.92
C GLU A 218 9.61 -61.00 13.65
N ALA A 219 9.87 -62.24 13.23
CA ALA A 219 10.87 -63.11 13.86
C ALA A 219 12.23 -63.34 13.14
N TYR A 220 12.27 -63.28 11.81
CA TYR A 220 13.54 -63.61 11.14
C TYR A 220 13.67 -63.05 9.72
N GLY A 221 12.81 -62.07 9.39
CA GLY A 221 12.72 -61.50 8.04
C GLY A 221 13.44 -60.22 7.58
N VAL A 222 14.24 -59.54 8.40
CA VAL A 222 14.94 -58.33 7.91
C VAL A 222 16.20 -58.64 7.05
N LYS A 223 16.41 -57.83 6.01
CA LYS A 223 17.59 -57.94 5.13
C LYS A 223 18.26 -56.58 5.10
N THR A 224 19.57 -56.55 5.27
CA THR A 224 20.31 -55.30 5.24
C THR A 224 21.68 -55.60 4.72
N ASN A 225 22.46 -54.54 4.72
CA ASN A 225 23.85 -54.67 4.37
C ASN A 225 24.67 -54.35 5.65
N VAL A 226 25.99 -54.37 5.54
CA VAL A 226 26.82 -54.18 6.72
C VAL A 226 26.87 -52.71 7.18
N GLN A 227 26.62 -51.78 6.25
CA GLN A 227 26.57 -50.32 6.51
C GLN A 227 25.39 -50.03 7.46
N ASP A 228 24.18 -50.40 7.06
CA ASP A 228 23.03 -50.21 7.94
C ASP A 228 23.17 -51.02 9.25
N MET A 229 23.76 -52.22 9.17
CA MET A 229 23.92 -53.02 10.36
C MET A 229 24.89 -52.33 11.35
N ALA A 230 25.96 -51.74 10.82
CA ALA A 230 26.87 -51.02 11.67
C ALA A 230 26.13 -49.80 12.31
N SER A 231 25.29 -49.11 11.54
CA SER A 231 24.55 -47.94 12.07
C SER A 231 23.61 -48.37 13.15
N TRP A 232 23.00 -49.55 12.97
CA TRP A 232 22.07 -50.09 13.95
C TRP A 232 22.80 -50.36 15.27
N VAL A 233 24.01 -50.90 15.17
CA VAL A 233 24.83 -51.22 16.35
C VAL A 233 25.26 -49.94 17.07
N MET A 234 25.82 -48.97 16.35
CA MET A 234 26.27 -47.70 16.93
C MET A 234 25.15 -46.91 17.66
N VAL A 235 23.95 -46.96 17.09
CA VAL A 235 22.75 -46.33 17.65
C VAL A 235 22.30 -47.12 18.95
N ASN A 236 22.26 -48.46 18.91
CA ASN A 236 21.96 -49.23 20.13
C ASN A 236 23.09 -49.09 21.20
N MET A 237 24.35 -48.91 20.78
CA MET A 237 25.54 -48.72 21.67
C MET A 237 25.43 -47.36 22.41
N LYS A 238 24.88 -46.35 21.74
CA LYS A 238 24.78 -45.02 22.30
C LYS A 238 23.46 -44.33 21.93
N PRO A 239 22.37 -44.69 22.62
CA PRO A 239 21.04 -44.12 22.40
C PRO A 239 20.98 -42.62 22.69
N ASP A 240 21.71 -42.19 23.71
CA ASP A 240 21.72 -40.79 24.15
C ASP A 240 22.19 -39.84 23.04
N SER A 241 22.69 -40.43 21.95
CA SER A 241 23.05 -39.63 20.78
C SER A 241 21.76 -39.29 19.99
N LEU A 242 20.57 -39.64 20.51
CA LEU A 242 19.28 -39.39 19.83
C LEU A 242 18.41 -38.20 20.34
N GLN A 243 17.08 -38.14 20.12
CA GLN A 243 16.36 -36.88 20.50
C GLN A 243 15.28 -36.87 21.58
N ASP A 244 15.34 -37.85 22.44
CA ASP A 244 14.35 -38.01 23.48
C ASP A 244 13.02 -38.01 22.88
N ASN A 245 12.86 -39.09 22.18
CA ASN A 245 11.62 -39.38 21.64
C ASN A 245 11.39 -40.80 22.02
N SER A 246 10.31 -41.27 21.46
CA SER A 246 9.78 -42.59 21.56
C SER A 246 10.76 -43.67 21.14
N LEU A 247 11.59 -43.36 20.14
CA LEU A 247 12.54 -44.33 19.60
C LEU A 247 13.74 -44.50 20.54
N ARG A 248 14.23 -43.37 21.08
CA ARG A 248 15.33 -43.34 22.08
C ARG A 248 14.91 -44.23 23.28
N LYS A 249 13.70 -43.99 23.81
CA LYS A 249 13.10 -44.74 24.93
C LYS A 249 12.99 -46.22 24.53
N GLY A 250 12.59 -46.44 23.26
CA GLY A 250 12.47 -47.79 22.68
C GLY A 250 13.77 -48.58 22.74
N LEU A 251 14.86 -47.95 22.28
CA LEU A 251 16.21 -48.55 22.31
C LEU A 251 16.61 -48.86 23.78
N THR A 252 16.24 -47.98 24.73
CA THR A 252 16.53 -48.18 26.17
C THR A 252 15.75 -49.38 26.73
N LEU A 253 14.49 -49.48 26.34
CA LEU A 253 13.65 -50.62 26.72
C LEU A 253 14.21 -51.95 26.17
N ALA A 254 14.70 -51.97 24.93
CA ALA A 254 15.17 -53.23 24.32
C ALA A 254 16.43 -53.81 24.97
N GLN A 255 17.20 -52.95 25.64
CA GLN A 255 18.39 -53.36 26.36
C GLN A 255 18.18 -53.37 27.89
N SER A 256 16.92 -53.25 28.28
CA SER A 256 16.60 -53.41 29.70
C SER A 256 16.59 -54.91 29.94
N ARG A 257 16.79 -55.26 31.22
CA ARG A 257 16.89 -56.64 31.70
C ARG A 257 15.57 -57.05 32.42
N TYR A 258 14.89 -58.01 31.77
CA TYR A 258 13.56 -58.51 32.15
C TYR A 258 13.58 -59.85 32.83
N TRP A 259 14.64 -60.63 32.56
CA TRP A 259 14.81 -61.96 33.14
C TRP A 259 16.28 -62.31 33.28
N ARG A 260 16.59 -63.18 34.23
CA ARG A 260 17.95 -63.65 34.37
C ARG A 260 17.83 -65.17 34.12
N VAL A 261 18.55 -65.64 33.12
CA VAL A 261 18.61 -67.07 32.75
C VAL A 261 20.09 -67.48 32.71
N GLY A 262 20.51 -68.22 33.73
CA GLY A 262 21.88 -68.63 33.79
C GLY A 262 22.65 -67.35 33.95
N ALA A 263 23.59 -67.13 33.06
CA ALA A 263 24.46 -65.99 33.14
C ALA A 263 24.03 -64.87 32.21
N MET A 264 22.87 -65.04 31.61
CA MET A 264 22.39 -64.01 30.71
C MET A 264 21.13 -63.27 31.17
N TYR A 265 20.94 -62.08 30.59
CA TYR A 265 19.74 -61.30 30.81
C TYR A 265 19.01 -61.13 29.48
N GLN A 266 17.72 -61.29 29.55
CA GLN A 266 16.91 -61.23 28.36
C GLN A 266 16.36 -59.83 28.19
N GLY A 267 16.71 -59.17 27.08
CA GLY A 267 16.14 -57.84 26.80
C GLY A 267 15.00 -58.11 25.80
N LEU A 268 14.56 -57.09 25.07
CA LEU A 268 13.59 -57.30 23.98
C LEU A 268 14.41 -57.55 22.67
N GLY A 269 14.55 -58.83 22.33
CA GLY A 269 15.34 -59.22 21.17
C GLY A 269 16.79 -59.37 21.61
N TRP A 270 17.34 -58.32 22.20
CA TRP A 270 18.72 -58.37 22.64
C TRP A 270 18.90 -59.23 23.86
N GLU A 271 20.09 -59.84 23.92
CA GLU A 271 20.52 -60.64 25.05
C GLU A 271 21.83 -59.99 25.50
N MET A 272 22.01 -60.02 26.81
CA MET A 272 23.13 -59.37 27.46
C MET A 272 23.70 -60.29 28.52
N LEU A 273 24.98 -60.10 28.81
CA LEU A 273 25.68 -60.84 29.84
C LEU A 273 26.61 -59.78 30.41
N ASN A 274 26.90 -59.84 31.70
CA ASN A 274 27.82 -58.86 32.27
C ASN A 274 29.23 -59.01 31.64
N TRP A 275 29.68 -57.85 31.25
CA TRP A 275 31.01 -57.64 30.80
C TRP A 275 32.01 -57.18 31.90
N PRO A 276 33.19 -57.77 31.93
CA PRO A 276 33.94 -58.71 31.11
C PRO A 276 33.06 -60.03 31.24
N VAL A 277 33.35 -60.78 30.23
CA VAL A 277 32.73 -62.11 30.26
C VAL A 277 33.68 -63.23 29.84
N ASP A 278 33.59 -64.35 30.52
CA ASP A 278 34.35 -65.55 30.25
C ASP A 278 33.97 -66.03 28.83
N ALA A 279 34.96 -66.32 28.00
CA ALA A 279 34.70 -66.81 26.64
C ALA A 279 33.91 -68.13 26.64
N LYS A 280 34.23 -68.98 27.61
CA LYS A 280 33.61 -70.29 27.78
C LYS A 280 32.10 -70.22 28.04
N THR A 281 31.72 -69.30 28.92
CA THR A 281 30.33 -69.03 29.28
C THR A 281 29.49 -68.56 28.07
N VAL A 282 29.96 -67.51 27.37
CA VAL A 282 29.24 -66.97 26.20
C VAL A 282 29.22 -67.94 24.96
N VAL A 283 30.35 -68.54 24.56
CA VAL A 283 30.42 -69.50 23.44
C VAL A 283 29.52 -70.75 23.71
N GLU A 284 29.60 -71.32 24.91
CA GLU A 284 28.84 -72.51 25.28
C GLU A 284 27.37 -72.19 25.48
N GLY A 285 27.11 -71.01 26.02
CA GLY A 285 25.72 -70.63 26.14
C GLY A 285 25.02 -70.48 24.78
N SER A 286 25.75 -70.31 23.68
CA SER A 286 25.15 -70.12 22.34
C SER A 286 24.89 -71.40 21.54
N ASP A 287 25.39 -72.51 22.07
CA ASP A 287 25.20 -73.83 21.49
C ASP A 287 23.68 -74.09 21.50
N ASN A 288 23.20 -74.81 20.49
CA ASN A 288 21.78 -75.21 20.38
C ASN A 288 21.31 -75.96 21.63
N LYS A 289 22.19 -76.81 22.19
CA LYS A 289 21.85 -77.61 23.37
C LYS A 289 21.43 -76.74 24.57
N VAL A 290 21.95 -75.51 24.63
CA VAL A 290 21.63 -74.61 25.74
C VAL A 290 20.68 -73.47 25.29
N ALA A 291 21.05 -72.75 24.22
CA ALA A 291 20.27 -71.63 23.66
C ALA A 291 18.87 -71.98 23.13
N LEU A 292 18.67 -73.21 22.64
CA LEU A 292 17.33 -73.64 22.15
C LEU A 292 16.55 -74.51 23.19
N ALA A 293 17.16 -74.75 24.35
CA ALA A 293 16.56 -75.53 25.44
C ALA A 293 15.63 -74.69 26.36
N PRO A 294 14.66 -75.36 27.01
CA PRO A 294 13.79 -74.59 27.93
C PRO A 294 14.61 -74.34 29.24
N LEU A 295 14.67 -73.10 29.71
CA LEU A 295 15.43 -72.87 30.94
C LEU A 295 14.61 -72.03 31.94
N PRO A 296 14.73 -72.34 33.24
CA PRO A 296 13.98 -71.57 34.23
C PRO A 296 14.39 -70.09 34.10
N ALA A 297 13.44 -69.19 34.31
CA ALA A 297 13.70 -67.76 34.15
C ALA A 297 13.24 -66.94 35.36
N ARG A 298 14.17 -66.20 35.96
CA ARG A 298 13.83 -65.35 37.09
C ARG A 298 13.51 -63.91 36.58
N GLU A 299 12.27 -63.50 36.79
CA GLU A 299 11.82 -62.16 36.38
C GLU A 299 12.48 -61.01 37.16
N VAL A 300 13.03 -60.01 36.46
CA VAL A 300 13.62 -58.84 37.16
C VAL A 300 12.45 -57.80 37.43
N ASN A 301 12.06 -57.52 38.72
CA ASN A 301 10.88 -56.56 39.24
C ASN A 301 11.33 -55.20 38.82
N PRO A 302 10.43 -54.48 38.08
CA PRO A 302 10.93 -53.30 37.50
C PRO A 302 12.06 -53.81 36.81
N PRO A 303 11.89 -53.97 35.53
CA PRO A 303 12.96 -54.41 34.67
C PRO A 303 14.23 -53.49 34.96
N ALA A 304 15.41 -54.07 35.18
CA ALA A 304 16.65 -53.29 35.41
C ALA A 304 16.93 -52.47 34.15
N PRO A 305 17.37 -51.22 34.29
CA PRO A 305 17.64 -50.45 33.07
C PRO A 305 19.01 -50.91 32.44
N PRO A 306 19.38 -50.46 31.23
CA PRO A 306 20.67 -50.91 30.64
C PRO A 306 21.97 -50.73 31.44
N VAL A 307 22.80 -51.77 31.56
CA VAL A 307 24.11 -51.56 32.19
C VAL A 307 25.14 -51.50 31.06
N ASN A 308 25.92 -50.42 31.03
CA ASN A 308 26.87 -50.24 29.95
C ASN A 308 27.95 -51.32 29.91
N ALA A 309 28.29 -51.91 31.06
CA ALA A 309 29.27 -52.97 31.07
C ALA A 309 28.57 -54.31 30.80
N SER A 310 28.16 -54.46 29.55
CA SER A 310 27.54 -55.68 29.05
C SER A 310 28.15 -56.12 27.73
N TRP A 311 28.02 -57.42 27.51
CA TRP A 311 28.32 -58.01 26.23
C TRP A 311 26.83 -58.12 25.71
N VAL A 312 26.46 -57.27 24.75
CA VAL A 312 25.09 -57.25 24.19
C VAL A 312 25.16 -57.95 22.83
N HIS A 313 24.43 -59.04 22.64
CA HIS A 313 24.55 -59.72 21.36
C HIS A 313 23.27 -60.41 20.84
N LYS A 314 23.34 -60.87 19.60
CA LYS A 314 22.25 -61.61 18.97
C LYS A 314 22.80 -62.35 17.76
N THR A 315 22.53 -63.66 17.75
CA THR A 315 22.88 -64.50 16.62
C THR A 315 21.57 -64.68 15.81
N GLY A 316 21.71 -64.67 14.50
CA GLY A 316 20.55 -64.82 13.63
C GLY A 316 20.86 -65.72 12.47
N SER A 317 19.97 -66.69 12.24
CA SER A 317 20.09 -67.61 11.12
C SER A 317 18.79 -67.75 10.26
N THR A 318 19.00 -68.18 9.01
CA THR A 318 17.94 -68.64 8.10
C THR A 318 18.57 -69.94 7.52
N GLY A 319 17.89 -70.66 6.63
CA GLY A 319 18.50 -71.85 6.07
C GLY A 319 19.78 -71.54 5.30
N GLY A 320 19.90 -70.37 4.69
CA GLY A 320 21.11 -70.13 3.91
C GLY A 320 22.07 -69.08 4.45
N PHE A 321 21.74 -68.46 5.59
CA PHE A 321 22.55 -67.39 6.19
C PHE A 321 22.90 -67.52 7.68
N GLY A 322 24.05 -66.98 8.09
CA GLY A 322 24.47 -67.06 9.49
C GLY A 322 25.13 -65.73 9.83
N SER A 323 24.53 -65.00 10.76
CA SER A 323 24.99 -63.67 11.11
C SER A 323 25.02 -63.54 12.59
N TYR A 324 25.87 -62.62 13.05
CA TYR A 324 26.07 -62.41 14.46
C TYR A 324 26.40 -60.93 14.79
N VAL A 325 25.89 -60.45 15.93
CA VAL A 325 26.17 -59.08 16.42
C VAL A 325 26.45 -59.11 17.92
N ALA A 326 27.47 -58.37 18.34
CA ALA A 326 27.85 -58.28 19.75
C ALA A 326 28.43 -56.87 19.94
N PHE A 327 28.09 -56.22 21.04
CA PHE A 327 28.69 -54.93 21.29
C PHE A 327 28.88 -54.67 22.82
N ILE A 328 29.74 -53.74 23.21
CA ILE A 328 29.99 -53.49 24.64
C ILE A 328 29.89 -52.00 24.69
N PRO A 329 28.74 -51.49 25.15
CA PRO A 329 28.63 -50.03 25.16
C PRO A 329 29.67 -49.28 26.00
N GLU A 330 30.13 -49.94 27.06
CA GLU A 330 31.10 -49.39 27.99
C GLU A 330 32.40 -49.00 27.28
N LYS A 331 32.95 -49.96 26.54
CA LYS A 331 34.13 -49.77 25.70
C LYS A 331 33.79 -49.17 24.31
N GLN A 332 32.52 -49.00 23.95
CA GLN A 332 32.10 -48.46 22.63
C GLN A 332 32.71 -49.31 21.49
N LEU A 333 32.72 -50.61 21.77
CA LEU A 333 33.29 -51.61 20.89
C LEU A 333 32.19 -52.53 20.42
N GLY A 334 32.20 -52.76 19.12
CA GLY A 334 31.25 -53.64 18.49
C GLY A 334 31.71 -54.35 17.21
N ILE A 335 30.96 -55.40 16.90
CA ILE A 335 31.19 -56.20 15.70
C ILE A 335 29.87 -56.74 15.12
N VAL A 336 29.87 -56.79 13.80
CA VAL A 336 28.79 -57.30 12.98
C VAL A 336 29.48 -58.25 11.97
N MET A 337 28.98 -59.47 11.89
CA MET A 337 29.52 -60.48 10.98
C MET A 337 28.33 -61.03 10.19
N LEU A 338 28.15 -60.64 8.93
CA LEU A 338 27.01 -61.13 8.12
C LEU A 338 27.59 -62.16 7.19
N ALA A 339 27.05 -63.38 7.18
CA ALA A 339 27.53 -64.45 6.30
C ALA A 339 26.39 -65.19 5.56
N ASN A 340 26.69 -65.56 4.32
CA ASN A 340 25.76 -66.28 3.47
C ASN A 340 25.88 -67.83 3.56
N LYS A 341 26.08 -68.29 4.80
CA LYS A 341 26.06 -69.71 5.10
C LYS A 341 25.78 -69.81 6.61
N SER A 342 24.75 -70.58 6.98
CA SER A 342 24.39 -70.81 8.36
C SER A 342 25.34 -71.88 8.98
N TYR A 343 26.34 -71.42 9.73
CA TYR A 343 27.30 -72.32 10.36
C TYR A 343 27.02 -72.29 11.89
N PRO A 344 27.53 -73.28 12.65
CA PRO A 344 27.24 -73.28 14.10
C PRO A 344 27.31 -71.95 14.87
N ASN A 345 26.31 -71.69 15.72
CA ASN A 345 26.27 -70.46 16.52
C ASN A 345 27.50 -70.26 17.44
N PRO A 346 28.01 -71.34 18.09
CA PRO A 346 29.20 -71.23 18.96
C PRO A 346 30.43 -70.68 18.19
N ALA A 347 30.54 -71.06 16.91
CA ALA A 347 31.66 -70.58 16.08
C ALA A 347 31.53 -69.09 15.77
N ARG A 348 30.29 -68.56 15.77
CA ARG A 348 30.09 -67.14 15.49
C ARG A 348 30.53 -66.40 16.72
N VAL A 349 30.06 -66.87 17.87
CA VAL A 349 30.37 -66.23 19.14
C VAL A 349 31.87 -66.29 19.43
N GLU A 350 32.47 -67.47 19.22
CA GLU A 350 33.90 -67.65 19.40
C GLU A 350 34.68 -66.66 18.54
N ALA A 351 34.36 -66.57 17.24
CA ALA A 351 35.09 -65.67 16.36
C ALA A 351 34.97 -64.21 16.79
N ALA A 352 33.75 -63.74 17.10
CA ALA A 352 33.55 -62.35 17.53
C ALA A 352 34.29 -62.05 18.84
N TYR A 353 34.25 -62.99 19.79
CA TYR A 353 34.95 -62.85 21.06
C TYR A 353 36.47 -62.65 20.84
N ARG A 354 37.04 -63.53 20.01
CA ARG A 354 38.45 -63.49 19.65
C ARG A 354 38.81 -62.12 19.07
N ILE A 355 38.03 -61.64 18.10
CA ILE A 355 38.30 -60.32 17.54
C ILE A 355 38.15 -59.21 18.62
N LEU A 356 37.01 -59.16 19.31
CA LEU A 356 36.80 -58.13 20.35
C LEU A 356 37.74 -58.13 21.58
N SER A 357 38.11 -59.31 22.10
CA SER A 357 39.03 -59.36 23.24
C SER A 357 40.44 -58.88 22.83
N ALA A 358 40.73 -58.73 21.53
CA ALA A 358 42.05 -58.21 21.10
C ALA A 358 42.05 -56.68 20.89
N LEU A 359 41.01 -55.94 21.28
CA LEU A 359 40.92 -54.50 20.98
C LEU A 359 40.69 -53.59 22.20
N PRO B 1 -16.91 35.24 -12.78
CA PRO B 1 -17.25 35.05 -11.39
C PRO B 1 -16.58 33.88 -10.71
N MET B 2 -15.53 34.18 -9.93
CA MET B 2 -14.78 33.15 -9.23
C MET B 2 -15.17 33.04 -7.76
N SER B 3 -15.51 34.16 -7.13
CA SER B 3 -16.03 34.05 -5.77
C SER B 3 -17.44 33.45 -5.97
N GLU B 4 -17.81 32.56 -5.05
CA GLU B 4 -19.10 31.89 -5.06
C GLU B 4 -20.23 32.94 -4.81
N LYS B 5 -19.82 34.22 -4.71
CA LYS B 5 -20.73 35.36 -4.43
C LYS B 5 -20.94 36.27 -5.66
N GLN B 6 -19.91 36.36 -6.49
CA GLN B 6 -20.04 37.00 -7.79
C GLN B 6 -20.99 36.03 -8.61
N LEU B 7 -20.79 34.70 -8.46
CA LEU B 7 -21.60 33.66 -9.14
C LEU B 7 -23.06 33.70 -8.69
N ALA B 8 -23.26 33.80 -7.36
CA ALA B 8 -24.59 33.90 -6.73
C ALA B 8 -25.30 35.11 -7.29
N GLU B 9 -24.58 36.23 -7.42
CA GLU B 9 -25.09 37.49 -7.97
C GLU B 9 -25.46 37.33 -9.47
N VAL B 10 -24.65 36.58 -10.24
CA VAL B 10 -24.94 36.32 -11.67
C VAL B 10 -26.23 35.45 -11.71
N VAL B 11 -26.26 34.34 -10.96
CA VAL B 11 -27.44 33.46 -10.88
C VAL B 11 -28.74 34.18 -10.38
N GLU B 12 -28.68 34.91 -9.25
CA GLU B 12 -29.82 35.65 -8.64
C GLU B 12 -30.32 36.82 -9.47
N ARG B 13 -29.43 37.56 -10.13
CA ARG B 13 -29.93 38.70 -10.88
C ARG B 13 -30.67 38.25 -12.16
N THR B 14 -30.44 37.00 -12.57
CA THR B 14 -31.19 36.44 -13.70
C THR B 14 -32.41 35.64 -13.21
N VAL B 15 -32.27 34.81 -12.17
CA VAL B 15 -33.36 33.95 -11.69
C VAL B 15 -34.50 34.66 -10.93
N THR B 16 -34.15 35.65 -10.11
CA THR B 16 -35.16 36.40 -9.37
C THR B 16 -36.19 37.08 -10.31
N PRO B 17 -35.79 37.89 -11.33
CA PRO B 17 -36.83 38.49 -12.20
C PRO B 17 -37.61 37.50 -13.08
N LEU B 18 -37.01 36.34 -13.41
CA LEU B 18 -37.67 35.26 -14.19
C LEU B 18 -38.78 34.71 -13.32
N MET B 19 -38.40 34.28 -12.12
CA MET B 19 -39.37 33.75 -11.16
C MET B 19 -40.54 34.64 -10.83
N LYS B 20 -40.29 35.94 -10.66
CA LYS B 20 -41.34 36.89 -10.31
C LYS B 20 -42.24 37.23 -11.48
N ALA B 21 -41.64 37.36 -12.65
CA ALA B 21 -42.44 37.73 -13.80
C ALA B 21 -43.29 36.53 -14.20
N GLN B 22 -42.69 35.34 -14.27
CA GLN B 22 -43.43 34.13 -14.63
C GLN B 22 -44.23 33.50 -13.48
N ALA B 23 -44.23 34.16 -12.33
CA ALA B 23 -44.93 33.65 -11.18
C ALA B 23 -44.52 32.18 -10.88
N ILE B 24 -43.23 31.87 -11.04
CA ILE B 24 -42.78 30.52 -10.68
C ILE B 24 -42.60 30.45 -9.12
N PRO B 25 -43.31 29.53 -8.43
CA PRO B 25 -43.19 29.40 -6.96
C PRO B 25 -41.76 29.04 -6.40
N GLY B 26 -41.17 27.96 -6.95
CA GLY B 26 -39.86 27.43 -6.57
C GLY B 26 -38.93 26.98 -7.71
N MET B 27 -37.64 27.19 -7.55
CA MET B 27 -36.67 26.78 -8.57
C MET B 27 -35.38 26.41 -7.88
N ALA B 28 -34.77 25.31 -8.35
CA ALA B 28 -33.50 24.83 -7.84
C ALA B 28 -32.57 24.93 -9.04
N VAL B 29 -31.41 25.57 -8.81
CA VAL B 29 -30.41 25.83 -9.83
C VAL B 29 -29.02 25.28 -9.48
N ALA B 30 -28.36 24.63 -10.45
CA ALA B 30 -26.98 24.21 -10.25
C ALA B 30 -26.15 24.85 -11.33
N VAL B 31 -25.04 25.47 -10.96
CA VAL B 31 -24.10 25.95 -11.96
C VAL B 31 -22.92 25.01 -11.72
N ILE B 32 -22.45 24.40 -12.81
CA ILE B 32 -21.26 23.55 -12.79
C ILE B 32 -20.21 24.56 -13.31
N TYR B 33 -19.27 24.88 -12.44
CA TYR B 33 -18.21 25.84 -12.71
C TYR B 33 -16.90 25.08 -12.51
N GLU B 34 -16.19 24.97 -13.63
CA GLU B 34 -14.97 24.19 -13.81
C GLU B 34 -15.19 22.75 -13.33
N GLY B 35 -16.36 22.23 -13.72
CA GLY B 35 -16.71 20.86 -13.40
C GLY B 35 -17.18 20.62 -11.99
N GLN B 36 -17.23 21.69 -11.17
CA GLN B 36 -17.66 21.58 -9.78
C GLN B 36 -19.05 22.19 -9.61
N PRO B 37 -19.93 21.49 -8.88
CA PRO B 37 -21.31 21.94 -8.66
C PRO B 37 -21.65 23.01 -7.60
N HIS B 38 -22.35 24.10 -7.97
CA HIS B 38 -22.84 25.11 -6.98
C HIS B 38 -24.35 25.23 -7.01
N TYR B 39 -24.99 25.17 -5.83
CA TYR B 39 -26.45 25.13 -5.67
C TYR B 39 -27.10 26.38 -5.16
N PHE B 40 -28.15 26.79 -5.84
CA PHE B 40 -28.90 27.95 -5.43
C PHE B 40 -30.37 27.57 -5.43
N THR B 41 -31.05 27.79 -4.30
CA THR B 41 -32.48 27.44 -4.26
C THR B 41 -33.34 28.66 -3.98
N PHE B 42 -34.52 28.72 -4.60
CA PHE B 42 -35.41 29.87 -4.44
C PHE B 42 -36.87 29.49 -4.22
N GLY B 43 -37.59 30.23 -3.38
CA GLY B 43 -38.99 29.96 -3.19
C GLY B 43 -39.47 28.67 -2.57
N LYS B 44 -40.69 28.31 -2.97
CA LYS B 44 -41.42 27.22 -2.39
C LYS B 44 -41.66 26.00 -3.25
N ALA B 45 -41.51 24.83 -2.64
CA ALA B 45 -41.79 23.55 -3.26
C ALA B 45 -43.31 23.27 -3.15
N ASP B 46 -43.93 23.80 -2.09
CA ASP B 46 -45.35 23.64 -1.75
C ASP B 46 -45.82 25.01 -1.20
N VAL B 47 -46.69 25.72 -1.93
CA VAL B 47 -47.12 27.05 -1.50
C VAL B 47 -48.09 27.08 -0.29
N ALA B 48 -49.15 26.26 -0.32
CA ALA B 48 -50.18 26.17 0.76
C ALA B 48 -49.54 25.80 2.09
N ALA B 49 -48.59 24.87 2.02
CA ALA B 49 -47.88 24.42 3.20
C ALA B 49 -46.59 25.23 3.55
N ASN B 50 -46.20 26.15 2.67
CA ASN B 50 -45.02 26.99 2.84
C ASN B 50 -43.66 26.22 2.93
N LYS B 51 -43.55 25.04 2.32
CA LYS B 51 -42.29 24.30 2.35
C LYS B 51 -41.32 24.86 1.29
N PRO B 52 -40.12 25.29 1.72
CA PRO B 52 -39.12 25.86 0.80
C PRO B 52 -38.47 24.84 -0.16
N VAL B 53 -37.89 25.34 -1.25
CA VAL B 53 -37.14 24.49 -2.19
C VAL B 53 -35.74 24.35 -1.53
N THR B 54 -35.23 23.13 -1.52
CA THR B 54 -33.92 22.84 -0.96
C THR B 54 -33.22 21.96 -1.98
N PRO B 55 -31.95 21.57 -1.73
CA PRO B 55 -31.22 20.72 -2.67
C PRO B 55 -31.80 19.31 -2.72
N GLN B 56 -32.75 19.02 -1.84
CA GLN B 56 -33.38 17.71 -1.79
C GLN B 56 -34.74 17.60 -2.51
N THR B 57 -35.37 18.75 -2.75
CA THR B 57 -36.67 18.89 -3.46
C THR B 57 -36.71 18.17 -4.80
N LEU B 58 -37.69 17.30 -4.96
CA LEU B 58 -37.78 16.59 -6.22
C LEU B 58 -38.60 17.45 -7.15
N PHE B 59 -38.19 17.46 -8.42
CA PHE B 59 -38.94 18.21 -9.41
C PHE B 59 -39.17 17.27 -10.56
N GLU B 60 -40.23 17.51 -11.34
CA GLU B 60 -40.47 16.70 -12.54
C GLU B 60 -39.66 17.27 -13.73
N LEU B 61 -38.82 16.40 -14.27
CA LEU B 61 -37.92 16.66 -15.38
C LEU B 61 -38.61 16.81 -16.74
N GLY B 62 -39.78 16.21 -16.89
CA GLY B 62 -40.51 16.36 -18.12
C GLY B 62 -39.63 15.77 -19.18
N SER B 63 -39.61 16.37 -20.37
CA SER B 63 -38.81 15.88 -21.48
C SER B 63 -37.31 15.73 -21.23
N ILE B 64 -36.73 16.36 -20.22
CA ILE B 64 -35.32 16.09 -20.04
C ILE B 64 -35.12 14.58 -19.79
N SER B 65 -36.20 13.86 -19.44
CA SER B 65 -36.16 12.40 -19.25
C SER B 65 -35.58 11.71 -20.52
N LYS B 66 -35.81 12.30 -21.69
CA LYS B 66 -35.28 11.76 -22.94
C LYS B 66 -33.72 11.63 -22.95
N THR B 67 -32.99 12.47 -22.20
CA THR B 67 -31.51 12.35 -22.17
C THR B 67 -31.09 10.99 -21.54
N PHE B 68 -31.84 10.56 -20.52
CA PHE B 68 -31.66 9.27 -19.85
C PHE B 68 -31.96 8.09 -20.77
N THR B 69 -33.08 8.18 -21.48
CA THR B 69 -33.53 7.17 -22.41
C THR B 69 -32.45 7.11 -23.45
N GLY B 70 -32.02 8.29 -23.86
CA GLY B 70 -31.02 8.38 -24.90
C GLY B 70 -29.76 7.61 -24.57
N VAL B 71 -29.27 7.88 -23.36
CA VAL B 71 -28.06 7.28 -22.80
C VAL B 71 -28.22 5.77 -22.60
N LEU B 72 -29.41 5.35 -22.13
CA LEU B 72 -29.74 3.93 -21.98
C LEU B 72 -29.77 3.25 -23.38
N GLY B 73 -30.22 3.93 -24.45
CA GLY B 73 -30.18 3.35 -25.79
C GLY B 73 -28.72 3.16 -26.22
N GLY B 74 -27.88 4.15 -25.87
CA GLY B 74 -26.45 4.08 -26.17
C GLY B 74 -25.76 2.94 -25.44
N ASP B 75 -26.19 2.70 -24.22
CA ASP B 75 -25.62 1.65 -23.40
C ASP B 75 -26.05 0.30 -24.00
N ALA B 76 -27.32 0.21 -24.43
CA ALA B 76 -27.82 -1.03 -25.07
C ALA B 76 -27.05 -1.21 -26.39
N ILE B 77 -26.74 -0.13 -27.10
CA ILE B 77 -25.94 -0.32 -28.30
C ILE B 77 -24.53 -0.89 -27.96
N ALA B 78 -23.90 -0.36 -26.91
CA ALA B 78 -22.57 -0.78 -26.45
C ALA B 78 -22.49 -2.26 -26.01
N ARG B 79 -23.59 -2.80 -25.47
CA ARG B 79 -23.67 -4.20 -25.03
C ARG B 79 -23.97 -5.14 -26.20
N GLY B 80 -24.27 -4.57 -27.34
CA GLY B 80 -24.58 -5.38 -28.51
C GLY B 80 -26.05 -5.77 -28.51
N GLU B 81 -26.89 -5.21 -27.62
CA GLU B 81 -28.29 -5.64 -27.60
C GLU B 81 -29.19 -5.00 -28.66
N ILE B 82 -28.73 -3.85 -29.11
CA ILE B 82 -29.44 -3.08 -30.11
C ILE B 82 -28.45 -2.45 -31.11
N SER B 83 -28.94 -2.11 -32.29
CA SER B 83 -28.15 -1.36 -33.26
C SER B 83 -29.12 -0.40 -33.94
N LEU B 84 -28.75 0.88 -33.97
CA LEU B 84 -29.56 1.92 -34.60
C LEU B 84 -29.91 1.66 -36.07
N GLY B 85 -29.10 0.88 -36.78
CA GLY B 85 -29.41 0.57 -38.18
C GLY B 85 -30.52 -0.46 -38.37
N ASP B 86 -30.82 -1.21 -37.31
CA ASP B 86 -31.82 -2.28 -37.34
C ASP B 86 -33.24 -1.81 -37.58
N PRO B 87 -34.09 -2.62 -38.28
CA PRO B 87 -35.45 -2.10 -38.45
C PRO B 87 -36.17 -2.18 -37.08
N VAL B 88 -37.07 -1.23 -36.86
CA VAL B 88 -37.86 -1.15 -35.63
C VAL B 88 -38.55 -2.51 -35.38
N THR B 89 -39.03 -3.11 -36.47
CA THR B 89 -39.71 -4.42 -36.52
C THR B 89 -38.96 -5.60 -35.91
N LYS B 90 -37.64 -5.55 -35.85
CA LYS B 90 -36.86 -6.62 -35.26
C LYS B 90 -37.12 -6.67 -33.74
N TYR B 91 -37.32 -5.48 -33.15
CA TYR B 91 -37.56 -5.40 -31.71
C TYR B 91 -39.03 -5.46 -31.29
N TRP B 92 -39.95 -5.33 -32.25
CA TRP B 92 -41.39 -5.50 -31.96
C TRP B 92 -41.98 -6.42 -33.03
N PRO B 93 -41.74 -7.76 -32.90
CA PRO B 93 -42.26 -8.70 -33.90
C PRO B 93 -43.73 -8.56 -34.27
N GLU B 94 -44.58 -8.19 -33.30
CA GLU B 94 -46.01 -7.97 -33.56
C GLU B 94 -46.32 -6.78 -34.47
N LEU B 95 -45.35 -5.89 -34.66
CA LEU B 95 -45.60 -4.69 -35.47
C LEU B 95 -45.19 -4.88 -36.92
N THR B 96 -46.16 -5.30 -37.72
CA THR B 96 -45.95 -5.66 -39.11
C THR B 96 -46.54 -4.73 -40.17
N GLY B 97 -46.99 -3.53 -39.83
CA GLY B 97 -47.45 -2.68 -40.91
C GLY B 97 -46.41 -2.53 -42.03
N LYS B 98 -46.89 -2.36 -43.27
CA LYS B 98 -45.96 -2.17 -44.38
C LYS B 98 -45.28 -0.75 -44.37
N GLN B 99 -45.81 0.23 -43.59
CA GLN B 99 -45.21 1.60 -43.44
C GLN B 99 -43.95 1.49 -42.59
N TRP B 100 -43.74 0.36 -41.94
CA TRP B 100 -42.61 0.21 -41.05
C TRP B 100 -41.34 -0.27 -41.73
N GLN B 101 -41.48 -0.64 -43.00
CA GLN B 101 -40.33 -1.06 -43.78
C GLN B 101 -39.46 0.21 -44.04
N GLY B 102 -38.19 0.10 -43.65
CA GLY B 102 -37.24 1.18 -43.82
C GLY B 102 -37.12 2.07 -42.60
N ILE B 103 -37.99 1.84 -41.61
CA ILE B 103 -37.91 2.59 -40.36
C ILE B 103 -36.94 1.83 -39.40
N ARG B 104 -35.86 2.53 -39.09
CA ARG B 104 -34.79 2.05 -38.24
C ARG B 104 -34.95 2.42 -36.77
N MET B 105 -34.27 1.72 -35.88
CA MET B 105 -34.31 2.10 -34.48
C MET B 105 -33.83 3.57 -34.30
N LEU B 106 -32.89 3.98 -35.16
CA LEU B 106 -32.35 5.35 -35.19
C LEU B 106 -33.46 6.41 -35.38
N ASP B 107 -34.38 6.12 -36.30
CA ASP B 107 -35.46 7.03 -36.65
C ASP B 107 -36.42 7.25 -35.48
N LEU B 108 -36.61 6.24 -34.62
CA LEU B 108 -37.49 6.46 -33.48
C LEU B 108 -36.70 7.18 -32.36
N ALA B 109 -35.43 6.83 -32.21
CA ALA B 109 -34.64 7.49 -31.20
C ALA B 109 -34.50 9.00 -31.49
N THR B 110 -34.41 9.37 -32.78
CA THR B 110 -34.19 10.75 -33.20
C THR B 110 -35.31 11.46 -34.00
N TYR B 111 -36.54 10.98 -33.86
CA TYR B 111 -37.73 11.66 -34.41
C TYR B 111 -37.89 11.77 -35.91
N THR B 112 -37.25 10.84 -36.62
CA THR B 112 -37.30 10.82 -38.09
C THR B 112 -38.05 9.65 -38.78
N ALA B 113 -38.84 8.94 -37.98
CA ALA B 113 -39.65 7.83 -38.48
C ALA B 113 -40.58 8.31 -39.63
N GLY B 114 -40.98 9.59 -39.64
CA GLY B 114 -41.82 10.14 -40.70
C GLY B 114 -43.12 10.77 -40.27
N GLY B 115 -43.12 11.37 -39.08
CA GLY B 115 -44.33 12.01 -38.55
C GLY B 115 -45.05 11.40 -37.35
N LEU B 116 -44.36 10.63 -36.51
CA LEU B 116 -44.99 10.12 -35.31
C LEU B 116 -45.40 11.40 -34.48
N PRO B 117 -46.62 11.43 -33.90
CA PRO B 117 -47.02 12.64 -33.17
C PRO B 117 -46.30 13.03 -31.89
N LEU B 118 -46.44 14.31 -31.57
CA LEU B 118 -45.88 14.90 -30.39
C LEU B 118 -46.28 14.09 -29.15
N GLN B 119 -47.53 13.63 -29.10
CA GLN B 119 -48.02 12.86 -27.97
C GLN B 119 -48.66 11.55 -28.33
N VAL B 120 -48.55 10.59 -27.42
CA VAL B 120 -49.24 9.33 -27.57
C VAL B 120 -50.69 9.74 -27.25
N PRO B 121 -51.64 9.51 -28.20
CA PRO B 121 -53.05 9.87 -27.96
C PRO B 121 -53.37 9.44 -26.52
N ASP B 122 -53.82 10.43 -25.73
CA ASP B 122 -54.19 10.29 -24.31
C ASP B 122 -55.28 9.27 -24.18
N GLU B 123 -55.32 8.40 -25.15
CA GLU B 123 -56.41 7.46 -25.16
C GLU B 123 -55.87 6.08 -25.20
N VAL B 124 -54.64 5.97 -25.67
CA VAL B 124 -54.01 4.68 -25.70
C VAL B 124 -53.58 4.36 -24.26
N LYS B 125 -54.27 3.43 -23.61
CA LYS B 125 -54.01 3.13 -22.21
C LYS B 125 -53.61 1.69 -21.95
N ASP B 126 -53.42 0.92 -23.02
CA ASP B 126 -53.05 -0.50 -22.89
C ASP B 126 -52.23 -1.11 -24.07
N ASN B 127 -51.76 -2.37 -23.92
CA ASN B 127 -50.93 -3.02 -24.95
C ASN B 127 -51.53 -3.13 -26.34
N ALA B 128 -52.78 -3.58 -26.41
CA ALA B 128 -53.44 -3.76 -27.69
C ALA B 128 -53.67 -2.43 -28.40
N SER B 129 -53.99 -1.38 -27.64
CA SER B 129 -54.28 -0.10 -28.28
C SER B 129 -52.97 0.67 -28.59
N LEU B 130 -51.92 0.46 -27.80
CA LEU B 130 -50.62 0.98 -28.19
C LEU B 130 -50.22 0.31 -29.56
N LEU B 131 -50.34 -1.04 -29.69
CA LEU B 131 -49.98 -1.73 -30.96
C LEU B 131 -50.80 -1.21 -32.14
N ARG B 132 -52.11 -1.09 -31.96
CA ARG B 132 -53.08 -0.59 -32.97
C ARG B 132 -52.73 0.85 -33.40
N PHE B 133 -52.36 1.69 -32.44
CA PHE B 133 -51.96 3.04 -32.75
C PHE B 133 -50.79 3.04 -33.74
N TYR B 134 -49.73 2.29 -33.43
CA TYR B 134 -48.55 2.20 -34.29
C TYR B 134 -48.77 1.49 -35.65
N GLN B 135 -49.58 0.42 -35.65
CA GLN B 135 -49.93 -0.37 -36.85
C GLN B 135 -50.77 0.42 -37.81
N ASN B 136 -51.48 1.38 -37.26
CA ASN B 136 -52.41 2.12 -38.08
C ASN B 136 -52.06 3.56 -38.01
N TRP B 137 -50.79 3.78 -37.66
CA TRP B 137 -50.24 5.10 -37.58
C TRP B 137 -50.20 5.54 -39.00
N GLN B 138 -50.10 6.83 -39.14
CA GLN B 138 -50.27 7.47 -40.39
C GLN B 138 -49.16 8.39 -40.85
N PRO B 139 -48.05 7.83 -41.35
CA PRO B 139 -46.92 8.61 -41.83
C PRO B 139 -47.27 9.61 -42.94
N GLN B 140 -46.64 10.77 -42.84
CA GLN B 140 -46.76 11.92 -43.74
C GLN B 140 -45.43 12.27 -44.48
N TRP B 141 -44.28 11.74 -44.03
CA TRP B 141 -42.99 11.94 -44.72
C TRP B 141 -42.29 10.59 -44.86
N LYS B 142 -41.37 10.54 -45.83
CA LYS B 142 -40.57 9.36 -46.15
C LYS B 142 -39.73 9.08 -44.90
N PRO B 143 -39.56 7.80 -44.50
CA PRO B 143 -38.76 7.58 -43.29
C PRO B 143 -37.33 8.13 -43.44
N GLY B 144 -36.79 8.73 -42.39
CA GLY B 144 -35.42 9.24 -42.45
C GLY B 144 -35.13 10.51 -43.23
N THR B 145 -36.10 11.42 -43.31
CA THR B 145 -35.90 12.65 -44.05
C THR B 145 -36.32 13.90 -43.27
N THR B 146 -37.22 13.67 -42.32
CA THR B 146 -37.85 14.72 -41.54
C THR B 146 -37.91 14.51 -40.01
N ARG B 147 -37.48 15.54 -39.29
CA ARG B 147 -37.52 15.50 -37.83
C ARG B 147 -38.77 16.18 -37.28
N LEU B 148 -39.59 15.39 -36.59
CA LEU B 148 -40.75 15.92 -35.91
C LEU B 148 -40.58 15.44 -34.42
N TYR B 149 -40.30 16.39 -33.53
CA TYR B 149 -40.12 16.07 -32.10
C TYR B 149 -41.38 15.35 -31.63
N ALA B 150 -41.19 14.27 -30.88
CA ALA B 150 -42.31 13.40 -30.61
C ALA B 150 -42.09 12.40 -29.51
N ASN B 151 -42.89 12.49 -28.44
CA ASN B 151 -42.87 11.49 -27.35
C ASN B 151 -43.20 10.05 -27.88
N ALA B 152 -44.04 9.96 -28.93
CA ALA B 152 -44.50 8.71 -29.57
C ALA B 152 -43.36 7.99 -30.27
N SER B 153 -42.34 8.77 -30.59
CA SER B 153 -41.12 8.35 -31.28
C SER B 153 -40.06 7.77 -30.34
N ILE B 154 -39.46 8.63 -29.50
CA ILE B 154 -38.39 8.22 -28.58
C ILE B 154 -38.92 7.42 -27.38
N GLY B 155 -40.22 7.57 -27.15
CA GLY B 155 -40.89 6.81 -26.13
C GLY B 155 -40.90 5.36 -26.59
N LEU B 156 -41.14 5.08 -27.87
CA LEU B 156 -41.17 3.68 -28.30
C LEU B 156 -39.75 3.17 -28.44
N PHE B 157 -38.83 4.06 -28.83
CA PHE B 157 -37.40 3.72 -28.92
C PHE B 157 -36.97 3.14 -27.56
N GLY B 158 -37.28 3.89 -26.50
CA GLY B 158 -37.01 3.49 -25.14
C GLY B 158 -37.63 2.17 -24.69
N ALA B 159 -38.93 1.98 -24.95
CA ALA B 159 -39.64 0.75 -24.61
C ALA B 159 -39.05 -0.42 -25.44
N LEU B 160 -38.77 -0.18 -26.72
CA LEU B 160 -38.16 -1.23 -27.57
C LEU B 160 -36.67 -1.54 -27.28
N ALA B 161 -35.88 -0.52 -26.97
CA ALA B 161 -34.44 -0.71 -26.73
C ALA B 161 -34.13 -1.62 -25.55
N VAL B 162 -35.10 -1.77 -24.67
CA VAL B 162 -34.85 -2.56 -23.50
C VAL B 162 -35.44 -3.95 -23.50
N LYS B 163 -36.06 -4.31 -24.63
CA LYS B 163 -36.71 -5.60 -24.76
C LYS B 163 -35.73 -6.78 -24.82
N PRO B 164 -34.56 -6.61 -25.46
CA PRO B 164 -33.56 -7.70 -25.54
C PRO B 164 -33.02 -8.10 -24.15
N SER B 165 -32.89 -7.12 -23.24
CA SER B 165 -32.41 -7.37 -21.89
C SER B 165 -33.43 -8.07 -20.97
N GLY B 166 -34.69 -8.19 -21.41
CA GLY B 166 -35.78 -8.77 -20.63
C GLY B 166 -36.20 -7.91 -19.42
N MET B 167 -36.11 -6.59 -19.58
CA MET B 167 -36.45 -5.65 -18.50
C MET B 167 -37.41 -4.57 -18.90
N SER B 168 -38.12 -4.00 -17.91
CA SER B 168 -38.99 -2.86 -18.19
C SER B 168 -38.05 -1.67 -18.35
N TYR B 169 -38.59 -0.59 -18.89
CA TYR B 169 -37.79 0.59 -19.03
C TYR B 169 -37.37 1.05 -17.63
N GLU B 170 -38.33 1.19 -16.72
CA GLU B 170 -38.00 1.60 -15.37
C GLU B 170 -36.90 0.71 -14.72
N GLN B 171 -37.02 -0.60 -14.83
CA GLN B 171 -36.02 -1.48 -14.26
C GLN B 171 -34.66 -1.30 -14.96
N ALA B 172 -34.65 -1.25 -16.30
CA ALA B 172 -33.41 -1.08 -17.04
C ALA B 172 -32.72 0.26 -16.71
N ILE B 173 -33.42 1.40 -16.73
CA ILE B 173 -32.73 2.67 -16.45
C ILE B 173 -32.23 2.79 -14.99
N THR B 174 -32.96 2.19 -14.04
CA THR B 174 -32.55 2.25 -12.64
C THR B 174 -31.25 1.48 -12.45
N THR B 175 -31.21 0.28 -13.03
CA THR B 175 -30.10 -0.68 -12.97
C THR B 175 -28.86 -0.30 -13.79
N ARG B 176 -29.06 0.20 -15.00
CA ARG B 176 -27.92 0.50 -15.85
C ARG B 176 -27.46 1.95 -15.82
N VAL B 177 -28.33 2.87 -15.38
CA VAL B 177 -27.98 4.28 -15.34
C VAL B 177 -28.13 4.96 -13.96
N PHE B 178 -29.31 5.01 -13.34
CA PHE B 178 -29.35 5.70 -12.04
C PHE B 178 -28.39 5.13 -11.01
N LYS B 179 -28.49 3.84 -10.70
CA LYS B 179 -27.66 3.28 -9.63
C LYS B 179 -26.14 3.33 -9.86
N PRO B 180 -25.65 2.92 -11.06
CA PRO B 180 -24.20 3.00 -11.28
C PRO B 180 -23.68 4.43 -11.09
N LEU B 181 -24.53 5.41 -11.42
CA LEU B 181 -24.13 6.80 -11.31
C LEU B 181 -24.40 7.43 -9.96
N LYS B 182 -24.96 6.66 -9.03
CA LYS B 182 -25.29 7.12 -7.67
C LYS B 182 -26.31 8.21 -7.65
N LEU B 183 -27.16 8.20 -8.68
CA LEU B 183 -28.32 9.08 -8.76
C LEU B 183 -29.37 8.25 -7.94
N ASP B 184 -29.31 8.39 -6.62
CA ASP B 184 -30.15 7.66 -5.65
C ASP B 184 -31.47 8.32 -5.23
N HIS B 185 -31.67 9.55 -5.71
CA HIS B 185 -32.85 10.37 -5.45
C HIS B 185 -33.39 10.85 -6.81
N THR B 186 -33.37 9.91 -7.75
CA THR B 186 -33.84 10.10 -9.12
C THR B 186 -34.71 8.88 -9.29
N TRP B 187 -35.93 9.11 -9.78
CA TRP B 187 -36.98 8.10 -9.89
C TRP B 187 -37.92 8.20 -11.07
N ILE B 188 -38.47 7.06 -11.46
CA ILE B 188 -39.57 7.04 -12.42
C ILE B 188 -40.85 7.16 -11.51
N ASN B 189 -40.85 6.45 -10.37
CA ASN B 189 -41.95 6.48 -9.37
C ASN B 189 -41.36 6.88 -8.04
N VAL B 190 -41.75 8.03 -7.51
CA VAL B 190 -41.13 8.40 -6.25
C VAL B 190 -41.74 7.59 -5.08
N PRO B 191 -40.89 6.82 -4.35
CA PRO B 191 -41.37 6.00 -3.22
C PRO B 191 -42.06 6.84 -2.20
N LYS B 192 -43.07 6.26 -1.53
CA LYS B 192 -43.84 6.95 -0.47
C LYS B 192 -42.94 7.76 0.50
N ALA B 193 -41.96 7.09 1.09
CA ALA B 193 -40.95 7.65 1.99
C ALA B 193 -40.41 9.03 1.54
N GLU B 194 -40.13 9.14 0.23
CA GLU B 194 -39.56 10.35 -0.39
C GLU B 194 -40.56 11.44 -0.81
N GLU B 195 -41.87 11.20 -0.70
CA GLU B 195 -42.88 12.18 -1.12
C GLU B 195 -42.93 13.54 -0.42
N ALA B 196 -42.34 13.56 0.76
CA ALA B 196 -42.26 14.75 1.58
C ALA B 196 -41.36 15.75 0.83
N HIS B 197 -40.41 15.23 0.05
CA HIS B 197 -39.52 16.08 -0.73
C HIS B 197 -39.99 16.55 -2.10
N TYR B 198 -41.07 15.92 -2.59
CA TYR B 198 -41.63 16.16 -3.91
C TYR B 198 -42.44 17.42 -4.06
N ALA B 199 -41.85 18.41 -4.71
CA ALA B 199 -42.53 19.66 -4.97
C ALA B 199 -43.86 19.40 -5.69
N TRP B 200 -44.86 20.24 -5.41
CA TRP B 200 -46.09 20.21 -6.21
C TRP B 200 -45.74 21.11 -7.43
N GLY B 201 -46.35 20.81 -8.57
CA GLY B 201 -46.21 21.64 -9.77
C GLY B 201 -47.42 22.56 -9.66
N TYR B 202 -47.39 23.75 -10.28
CA TYR B 202 -48.50 24.69 -10.23
C TYR B 202 -48.92 24.95 -11.66
N ARG B 203 -50.18 24.62 -11.98
CA ARG B 203 -50.67 24.87 -13.34
C ARG B 203 -51.85 25.79 -13.50
N ASP B 204 -53.06 25.47 -13.11
CA ASP B 204 -54.04 26.53 -13.38
C ASP B 204 -54.60 26.98 -12.08
N GLY B 205 -53.74 27.52 -11.24
CA GLY B 205 -54.21 27.88 -9.95
C GLY B 205 -54.18 26.60 -9.11
N LYS B 206 -53.86 25.46 -9.73
CA LYS B 206 -53.87 24.18 -8.99
C LYS B 206 -52.52 23.57 -8.73
N ALA B 207 -52.43 22.69 -7.73
CA ALA B 207 -51.20 21.93 -7.44
C ALA B 207 -51.36 20.59 -8.18
N VAL B 208 -50.42 20.24 -9.04
CA VAL B 208 -50.54 19.03 -9.83
C VAL B 208 -49.26 18.25 -9.91
N HIS B 209 -49.38 16.94 -10.16
CA HIS B 209 -48.23 16.08 -10.40
C HIS B 209 -48.53 15.50 -11.78
N VAL B 210 -47.51 15.03 -12.50
CA VAL B 210 -47.74 14.48 -13.86
C VAL B 210 -48.71 13.29 -13.77
N SER B 211 -49.53 13.13 -14.81
CA SER B 211 -50.51 12.03 -14.88
C SER B 211 -49.84 10.88 -15.64
N PRO B 212 -50.20 9.60 -15.34
CA PRO B 212 -49.52 8.53 -16.11
C PRO B 212 -49.97 8.50 -17.55
N GLY B 213 -49.10 8.07 -18.46
CA GLY B 213 -49.52 7.93 -19.85
C GLY B 213 -48.69 6.80 -20.46
N MET B 214 -49.13 6.17 -21.55
CA MET B 214 -48.28 5.16 -22.20
C MET B 214 -46.96 5.89 -22.60
N LEU B 215 -45.85 5.20 -22.32
CA LEU B 215 -44.48 5.64 -22.57
C LEU B 215 -44.05 6.94 -21.77
N ASP B 216 -44.66 7.17 -20.61
CA ASP B 216 -44.27 8.34 -19.84
C ASP B 216 -42.83 8.26 -19.29
N ALA B 217 -42.47 7.09 -18.73
CA ALA B 217 -41.15 6.82 -18.14
C ALA B 217 -40.14 7.22 -19.19
N GLU B 218 -40.27 6.64 -20.38
CA GLU B 218 -39.36 6.91 -21.49
C GLU B 218 -39.34 8.32 -22.05
N ALA B 219 -40.48 9.01 -22.08
CA ALA B 219 -40.60 10.31 -22.71
C ALA B 219 -40.58 11.52 -21.82
N TYR B 220 -41.21 11.40 -20.66
CA TYR B 220 -41.26 12.55 -19.77
C TYR B 220 -41.43 12.24 -18.29
N GLY B 221 -41.16 11.01 -17.86
CA GLY B 221 -41.41 10.68 -16.46
C GLY B 221 -40.37 10.70 -15.34
N VAL B 222 -39.16 11.21 -15.53
CA VAL B 222 -38.18 11.23 -14.44
C VAL B 222 -38.38 12.44 -13.47
N LYS B 223 -38.20 12.18 -12.18
CA LYS B 223 -38.24 13.22 -11.14
C LYS B 223 -36.92 13.08 -10.39
N THR B 224 -36.26 14.21 -10.15
CA THR B 224 -34.97 14.28 -9.45
C THR B 224 -34.90 15.53 -8.60
N ASN B 225 -33.78 15.63 -7.89
CA ASN B 225 -33.42 16.80 -7.11
C ASN B 225 -32.26 17.43 -7.90
N VAL B 226 -31.84 18.62 -7.50
CA VAL B 226 -30.83 19.38 -8.24
C VAL B 226 -29.44 18.80 -8.07
N GLN B 227 -29.25 18.05 -6.98
CA GLN B 227 -27.94 17.44 -6.75
C GLN B 227 -27.74 16.26 -7.73
N ASP B 228 -28.72 15.34 -7.84
CA ASP B 228 -28.62 14.27 -8.83
C ASP B 228 -28.53 14.93 -10.25
N MET B 229 -29.27 16.01 -10.54
CA MET B 229 -29.18 16.64 -11.88
C MET B 229 -27.82 17.21 -12.22
N ALA B 230 -27.21 17.90 -11.25
CA ALA B 230 -25.87 18.48 -11.44
C ALA B 230 -24.92 17.34 -11.79
N SER B 231 -25.01 16.29 -10.98
CA SER B 231 -24.19 15.12 -11.19
C SER B 231 -24.48 14.37 -12.55
N TRP B 232 -25.73 14.38 -13.04
CA TRP B 232 -26.07 13.82 -14.37
C TRP B 232 -25.31 14.70 -15.40
N VAL B 233 -25.36 16.02 -15.22
CA VAL B 233 -24.66 16.96 -16.12
C VAL B 233 -23.12 16.80 -16.03
N MET B 234 -22.53 16.64 -14.84
CA MET B 234 -21.07 16.43 -14.76
C MET B 234 -20.66 15.17 -15.53
N VAL B 235 -21.28 14.03 -15.26
CA VAL B 235 -20.91 12.85 -16.00
C VAL B 235 -21.15 12.97 -17.53
N ASN B 236 -22.25 13.57 -18.01
CA ASN B 236 -22.44 13.71 -19.47
C ASN B 236 -21.39 14.64 -20.12
N MET B 237 -20.89 15.60 -19.36
CA MET B 237 -19.90 16.55 -19.86
C MET B 237 -18.44 16.03 -19.82
N LYS B 238 -18.17 14.99 -19.02
CA LYS B 238 -16.83 14.39 -18.93
C LYS B 238 -17.07 12.89 -18.59
N PRO B 239 -17.60 12.08 -19.56
CA PRO B 239 -17.90 10.64 -19.41
C PRO B 239 -16.72 9.72 -19.17
N ASP B 240 -15.61 10.28 -19.61
CA ASP B 240 -14.39 9.55 -19.80
C ASP B 240 -13.70 8.95 -18.63
N SER B 241 -14.10 9.45 -17.49
CA SER B 241 -13.56 9.16 -16.18
C SER B 241 -14.63 8.43 -15.40
N LEU B 242 -15.01 7.23 -15.80
CA LEU B 242 -16.17 6.62 -15.14
C LEU B 242 -16.05 5.16 -14.81
N GLN B 243 -16.19 4.41 -15.88
CA GLN B 243 -16.15 2.98 -15.89
C GLN B 243 -17.37 2.20 -15.43
N ASP B 244 -17.76 1.49 -16.48
CA ASP B 244 -18.78 0.51 -16.87
C ASP B 244 -18.64 0.95 -18.30
N ASN B 245 -17.85 0.19 -19.01
CA ASN B 245 -17.59 0.50 -20.40
C ASN B 245 -18.83 0.83 -21.23
N SER B 246 -19.90 0.05 -21.02
CA SER B 246 -21.12 0.22 -21.80
C SER B 246 -21.82 1.54 -21.52
N LEU B 247 -21.87 1.93 -20.23
CA LEU B 247 -22.47 3.18 -19.71
C LEU B 247 -21.68 4.37 -20.22
N ARG B 248 -20.34 4.30 -20.09
CA ARG B 248 -19.42 5.33 -20.61
C ARG B 248 -19.64 5.48 -22.14
N LYS B 249 -19.69 4.36 -22.89
CA LYS B 249 -19.91 4.38 -24.36
C LYS B 249 -21.28 4.96 -24.73
N GLY B 250 -22.29 4.58 -23.94
CA GLY B 250 -23.67 5.05 -24.10
C GLY B 250 -23.74 6.54 -23.91
N LEU B 251 -22.99 7.09 -22.95
CA LEU B 251 -22.90 8.54 -22.75
C LEU B 251 -22.28 9.25 -23.99
N THR B 252 -21.21 8.67 -24.56
CA THR B 252 -20.56 9.22 -25.76
C THR B 252 -21.53 9.09 -26.94
N LEU B 253 -22.22 7.96 -27.04
CA LEU B 253 -23.18 7.80 -28.13
C LEU B 253 -24.33 8.80 -28.08
N ALA B 254 -24.73 9.25 -26.89
CA ALA B 254 -25.84 10.19 -26.79
C ALA B 254 -25.51 11.61 -27.28
N GLN B 255 -24.24 12.00 -27.13
CA GLN B 255 -23.79 13.30 -27.59
C GLN B 255 -23.17 13.33 -28.98
N SER B 256 -23.27 12.18 -29.64
CA SER B 256 -22.82 11.98 -31.02
C SER B 256 -23.87 12.61 -31.95
N ARG B 257 -23.42 13.03 -33.13
CA ARG B 257 -24.27 13.74 -34.05
C ARG B 257 -24.86 12.84 -35.14
N TYR B 258 -26.18 12.68 -35.14
CA TYR B 258 -26.85 11.78 -36.09
C TYR B 258 -27.54 12.42 -37.28
N TRP B 259 -27.94 13.67 -37.07
CA TRP B 259 -28.64 14.50 -38.04
C TRP B 259 -28.22 15.92 -37.78
N ARG B 260 -28.31 16.74 -38.83
CA ARG B 260 -28.06 18.16 -38.74
C ARG B 260 -29.43 18.71 -39.17
N VAL B 261 -29.99 19.58 -38.34
CA VAL B 261 -31.28 20.19 -38.64
C VAL B 261 -31.09 21.69 -38.38
N GLY B 262 -30.63 22.43 -39.40
CA GLY B 262 -30.36 23.86 -39.29
C GLY B 262 -29.07 24.09 -38.49
N ALA B 263 -29.18 24.93 -37.46
CA ALA B 263 -28.10 25.21 -36.50
C ALA B 263 -27.93 24.04 -35.50
N MET B 264 -28.89 23.12 -35.40
CA MET B 264 -28.70 22.08 -34.38
C MET B 264 -28.34 20.65 -34.84
N TYR B 265 -27.67 19.89 -33.98
CA TYR B 265 -27.38 18.48 -34.28
C TYR B 265 -28.14 17.60 -33.30
N GLN B 266 -28.83 16.59 -33.81
CA GLN B 266 -29.58 15.69 -32.97
C GLN B 266 -28.78 14.49 -32.43
N GLY B 267 -28.63 14.45 -31.10
CA GLY B 267 -28.02 13.31 -30.43
C GLY B 267 -29.17 12.35 -30.01
N LEU B 268 -28.87 11.51 -29.02
CA LEU B 268 -29.85 10.60 -28.47
C LEU B 268 -30.35 11.31 -27.20
N GLY B 269 -31.49 11.98 -27.32
CA GLY B 269 -32.05 12.70 -26.20
C GLY B 269 -31.46 14.09 -26.25
N TRP B 270 -30.14 14.18 -26.20
CA TRP B 270 -29.47 15.46 -26.21
C TRP B 270 -29.50 16.21 -27.56
N GLU B 271 -29.53 17.54 -27.48
CA GLU B 271 -29.40 18.35 -28.69
C GLU B 271 -28.11 19.21 -28.55
N MET B 272 -27.51 19.50 -29.70
CA MET B 272 -26.25 20.20 -29.74
C MET B 272 -26.19 21.31 -30.78
N LEU B 273 -25.53 22.39 -30.43
CA LEU B 273 -25.29 23.48 -31.35
C LEU B 273 -23.82 23.72 -31.17
N ASN B 274 -23.13 24.15 -32.22
CA ASN B 274 -21.71 24.48 -32.09
C ASN B 274 -21.55 25.73 -31.19
N TRP B 275 -20.56 25.68 -30.29
CA TRP B 275 -20.20 26.77 -29.36
C TRP B 275 -18.92 27.46 -29.93
N PRO B 276 -18.81 28.82 -29.87
CA PRO B 276 -19.80 29.81 -29.38
C PRO B 276 -21.08 29.76 -30.18
N VAL B 277 -22.18 30.08 -29.53
CA VAL B 277 -23.39 30.15 -30.28
C VAL B 277 -24.05 31.43 -29.94
N ASP B 278 -24.75 31.85 -30.95
CA ASP B 278 -25.54 33.00 -30.98
C ASP B 278 -26.73 32.89 -30.00
N ALA B 279 -27.06 33.99 -29.31
CA ALA B 279 -28.20 34.04 -28.37
C ALA B 279 -29.55 33.81 -29.10
N LYS B 280 -29.78 34.58 -30.16
CA LYS B 280 -30.99 34.52 -31.00
C LYS B 280 -31.27 33.09 -31.45
N THR B 281 -30.25 32.50 -32.06
CA THR B 281 -30.29 31.14 -32.59
C THR B 281 -30.80 30.05 -31.62
N VAL B 282 -30.22 29.98 -30.41
CA VAL B 282 -30.61 28.97 -29.41
C VAL B 282 -31.94 29.27 -28.74
N VAL B 283 -32.11 30.50 -28.24
CA VAL B 283 -33.37 31.00 -27.64
C VAL B 283 -34.58 30.84 -28.61
N GLU B 284 -34.43 31.28 -29.87
CA GLU B 284 -35.50 31.14 -30.87
C GLU B 284 -35.73 29.76 -31.41
N GLY B 285 -34.69 28.93 -31.48
CA GLY B 285 -34.84 27.55 -31.93
C GLY B 285 -35.58 26.76 -30.85
N SER B 286 -35.71 27.36 -29.65
CA SER B 286 -36.44 26.70 -28.55
C SER B 286 -37.93 27.05 -28.51
N ASP B 287 -38.37 28.04 -29.29
CA ASP B 287 -39.79 28.40 -29.31
C ASP B 287 -40.60 27.28 -29.96
N ASN B 288 -41.78 26.98 -29.41
CA ASN B 288 -42.64 25.96 -30.05
C ASN B 288 -42.81 26.16 -31.55
N LYS B 289 -43.09 27.38 -32.00
CA LYS B 289 -43.20 27.73 -33.42
C LYS B 289 -42.23 26.92 -34.29
N VAL B 290 -41.07 26.68 -33.68
CA VAL B 290 -39.94 26.12 -34.35
C VAL B 290 -39.50 24.73 -33.85
N ALA B 291 -39.43 24.56 -32.52
CA ALA B 291 -39.01 23.29 -31.89
C ALA B 291 -40.01 22.11 -32.05
N LEU B 292 -41.29 22.42 -32.31
CA LEU B 292 -42.28 21.37 -32.51
C LEU B 292 -42.68 21.21 -34.00
N ALA B 293 -42.04 21.98 -34.89
CA ALA B 293 -42.34 21.95 -36.35
C ALA B 293 -41.68 20.79 -37.18
N PRO B 294 -42.38 20.21 -38.20
CA PRO B 294 -41.68 19.14 -38.96
C PRO B 294 -40.53 19.78 -39.77
N LEU B 295 -39.30 19.28 -39.69
CA LEU B 295 -38.20 19.89 -40.49
C LEU B 295 -37.31 18.89 -41.23
N PRO B 296 -36.83 19.28 -42.44
CA PRO B 296 -35.97 18.40 -43.24
C PRO B 296 -34.70 18.15 -42.43
N ALA B 297 -34.22 16.91 -42.41
CA ALA B 297 -33.03 16.55 -41.63
C ALA B 297 -31.93 15.92 -42.49
N ARG B 298 -30.69 16.27 -42.19
CA ARG B 298 -29.59 15.69 -42.95
C ARG B 298 -28.83 14.69 -42.07
N GLU B 299 -28.79 13.44 -42.52
CA GLU B 299 -28.14 12.39 -41.79
C GLU B 299 -26.63 12.50 -41.84
N VAL B 300 -25.97 12.53 -40.68
CA VAL B 300 -24.52 12.57 -40.77
C VAL B 300 -24.14 11.09 -40.85
N ASN B 301 -23.67 10.65 -42.04
CA ASN B 301 -23.50 9.20 -42.31
C ASN B 301 -22.78 8.38 -41.20
N PRO B 302 -21.40 8.50 -40.97
CA PRO B 302 -21.44 7.61 -39.78
C PRO B 302 -21.57 8.76 -38.82
N PRO B 303 -22.38 8.54 -37.81
CA PRO B 303 -22.55 9.62 -36.84
C PRO B 303 -21.18 10.15 -36.40
N ALA B 304 -21.11 11.45 -36.21
CA ALA B 304 -19.87 12.08 -35.78
C ALA B 304 -19.70 11.96 -34.26
N PRO B 305 -18.46 11.65 -33.79
CA PRO B 305 -18.29 11.54 -32.33
C PRO B 305 -18.63 12.91 -31.68
N PRO B 306 -18.72 12.99 -30.35
CA PRO B 306 -19.07 14.29 -29.74
C PRO B 306 -18.06 15.40 -29.94
N VAL B 307 -18.55 16.63 -29.96
CA VAL B 307 -17.58 17.70 -30.08
C VAL B 307 -17.66 18.58 -28.85
N ASN B 308 -16.52 18.68 -28.17
CA ASN B 308 -16.43 19.46 -26.95
C ASN B 308 -16.91 20.92 -27.11
N ALA B 309 -16.65 21.52 -28.27
CA ALA B 309 -17.06 22.90 -28.61
C ALA B 309 -18.53 22.87 -28.96
N SER B 310 -19.31 22.53 -27.96
CA SER B 310 -20.73 22.40 -28.15
C SER B 310 -21.52 23.07 -27.05
N TRP B 311 -22.71 23.50 -27.44
CA TRP B 311 -23.68 23.96 -26.46
C TRP B 311 -24.65 22.76 -26.44
N VAL B 312 -24.56 21.87 -25.45
CA VAL B 312 -25.54 20.78 -25.42
C VAL B 312 -26.63 21.06 -24.37
N HIS B 313 -27.88 20.82 -24.77
CA HIS B 313 -29.02 21.12 -23.93
C HIS B 313 -30.28 20.28 -24.23
N LYS B 314 -31.30 20.48 -23.39
CA LYS B 314 -32.59 19.83 -23.42
C LYS B 314 -33.46 20.56 -22.40
N THR B 315 -34.61 20.95 -22.93
CA THR B 315 -35.70 21.57 -22.22
C THR B 315 -36.69 20.41 -22.00
N GLY B 316 -37.43 20.51 -20.91
CA GLY B 316 -38.43 19.51 -20.56
C GLY B 316 -39.51 20.05 -19.65
N SER B 317 -40.77 19.78 -19.99
CA SER B 317 -41.89 20.21 -19.21
C SER B 317 -42.90 19.10 -18.92
N THR B 318 -43.68 19.37 -17.88
CA THR B 318 -44.88 18.60 -17.61
C THR B 318 -46.04 19.64 -17.48
N GLY B 319 -47.20 19.20 -17.02
CA GLY B 319 -48.30 20.12 -16.91
C GLY B 319 -47.96 21.17 -15.86
N GLY B 320 -47.22 20.74 -14.84
CA GLY B 320 -46.89 21.66 -13.77
C GLY B 320 -45.45 22.06 -13.51
N PHE B 321 -44.53 21.61 -14.35
CA PHE B 321 -43.12 21.88 -14.16
C PHE B 321 -42.40 22.34 -15.41
N GLY B 322 -41.36 23.13 -15.21
CA GLY B 322 -40.56 23.64 -16.31
C GLY B 322 -39.09 23.53 -15.90
N SER B 323 -38.36 22.71 -16.66
CA SER B 323 -36.95 22.46 -16.39
C SER B 323 -35.98 22.63 -17.59
N TYR B 324 -34.71 22.92 -17.30
CA TYR B 324 -33.71 23.15 -18.34
C TYR B 324 -32.27 22.84 -17.93
N VAL B 325 -31.56 22.13 -18.82
CA VAL B 325 -30.15 21.81 -18.67
C VAL B 325 -29.44 22.22 -19.99
N ALA B 326 -28.25 22.77 -19.85
CA ALA B 326 -27.42 23.23 -20.96
C ALA B 326 -26.02 23.08 -20.44
N PHE B 327 -25.10 22.59 -21.27
CA PHE B 327 -23.70 22.56 -20.84
C PHE B 327 -22.73 22.69 -22.03
N ILE B 328 -21.51 23.18 -21.79
CA ILE B 328 -20.45 23.34 -22.82
C ILE B 328 -19.22 22.52 -22.33
N PRO B 329 -19.00 21.28 -22.84
CA PRO B 329 -17.85 20.44 -22.40
C PRO B 329 -16.47 21.08 -22.52
N GLU B 330 -16.20 21.74 -23.65
CA GLU B 330 -14.95 22.47 -23.86
C GLU B 330 -14.58 23.25 -22.56
N LYS B 331 -15.55 24.00 -22.01
CA LYS B 331 -15.36 24.85 -20.81
C LYS B 331 -15.67 24.19 -19.46
N GLN B 332 -16.20 22.99 -19.53
CA GLN B 332 -16.62 22.29 -18.32
C GLN B 332 -17.60 23.20 -17.52
N LEU B 333 -18.55 23.81 -18.23
CA LEU B 333 -19.57 24.71 -17.65
C LEU B 333 -20.98 24.18 -17.92
N GLY B 334 -21.88 24.37 -16.96
CA GLY B 334 -23.24 23.91 -17.13
C GLY B 334 -24.18 24.52 -16.11
N ILE B 335 -25.47 24.44 -16.42
CA ILE B 335 -26.50 24.92 -15.54
C ILE B 335 -27.65 23.93 -15.60
N VAL B 336 -28.34 23.82 -14.47
CA VAL B 336 -29.56 23.02 -14.33
C VAL B 336 -30.59 23.97 -13.71
N MET B 337 -31.79 24.08 -14.31
CA MET B 337 -32.87 24.94 -13.78
C MET B 337 -34.15 24.11 -13.66
N LEU B 338 -34.56 23.87 -12.41
CA LEU B 338 -35.71 23.04 -12.07
C LEU B 338 -36.73 23.98 -11.47
N ALA B 339 -37.92 24.07 -12.08
CA ALA B 339 -38.94 24.96 -11.57
C ALA B 339 -40.25 24.22 -11.54
N ASN B 340 -41.05 24.54 -10.53
CA ASN B 340 -42.35 23.92 -10.36
C ASN B 340 -43.51 24.73 -10.94
N LYS B 341 -43.23 25.22 -12.14
CA LYS B 341 -44.23 25.84 -13.00
C LYS B 341 -43.69 25.84 -14.42
N SER B 342 -44.54 25.47 -15.38
CA SER B 342 -44.15 25.48 -16.78
C SER B 342 -44.28 26.89 -17.34
N TYR B 343 -43.17 27.42 -17.85
CA TYR B 343 -43.12 28.77 -18.40
C TYR B 343 -42.52 28.63 -19.81
N PRO B 344 -42.66 29.63 -20.69
CA PRO B 344 -42.09 29.34 -22.03
C PRO B 344 -40.65 28.87 -22.17
N ASN B 345 -40.40 27.94 -23.09
CA ASN B 345 -39.04 27.42 -23.30
C ASN B 345 -37.99 28.48 -23.65
N PRO B 346 -38.32 29.48 -24.50
CA PRO B 346 -37.37 30.53 -24.88
C PRO B 346 -36.82 31.30 -23.66
N ALA B 347 -37.66 31.50 -22.64
CA ALA B 347 -37.22 32.23 -21.43
C ALA B 347 -36.24 31.36 -20.62
N ARG B 348 -36.42 30.04 -20.67
CA ARG B 348 -35.53 29.10 -19.98
C ARG B 348 -34.13 29.18 -20.56
N VAL B 349 -34.05 29.12 -21.89
CA VAL B 349 -32.82 29.14 -22.66
C VAL B 349 -32.07 30.47 -22.48
N GLU B 350 -32.81 31.58 -22.62
CA GLU B 350 -32.33 32.96 -22.47
C GLU B 350 -31.77 33.23 -21.07
N ALA B 351 -32.48 32.83 -20.00
CA ALA B 351 -31.92 32.95 -18.65
C ALA B 351 -30.63 32.07 -18.51
N ALA B 352 -30.59 30.84 -19.05
CA ALA B 352 -29.38 30.00 -18.92
C ALA B 352 -28.21 30.62 -19.70
N TYR B 353 -28.53 31.07 -20.92
CA TYR B 353 -27.58 31.77 -21.79
C TYR B 353 -26.97 33.00 -21.10
N ARG B 354 -27.77 33.85 -20.46
CA ARG B 354 -27.26 35.03 -19.72
C ARG B 354 -26.37 34.63 -18.54
N ILE B 355 -26.72 33.54 -17.88
CA ILE B 355 -25.93 33.13 -16.74
C ILE B 355 -24.58 32.57 -17.18
N LEU B 356 -24.59 31.55 -18.04
CA LEU B 356 -23.33 30.93 -18.49
C LEU B 356 -22.41 31.86 -19.26
N SER B 357 -22.97 32.86 -19.93
CA SER B 357 -22.11 33.73 -20.69
C SER B 357 -21.43 34.80 -19.83
N ALA B 358 -21.77 34.89 -18.55
CA ALA B 358 -21.07 35.83 -17.65
C ALA B 358 -19.89 35.13 -16.90
N LEU B 359 -19.75 33.81 -17.15
CA LEU B 359 -18.78 32.90 -16.52
C LEU B 359 -17.73 32.39 -17.52
N PRO C 1 43.77 7.64 0.83
CA PRO C 1 43.74 6.66 -0.30
C PRO C 1 43.23 5.26 0.15
N MET C 2 42.31 5.30 1.14
CA MET C 2 41.56 4.24 1.89
C MET C 2 41.67 2.70 1.67
N SER C 3 41.84 1.95 2.77
CA SER C 3 41.87 0.47 2.66
C SER C 3 40.41 -0.07 2.76
N GLU C 4 40.16 -1.36 2.47
CA GLU C 4 38.77 -1.88 2.52
C GLU C 4 38.14 -1.76 3.91
N LYS C 5 38.91 -2.09 4.95
CA LYS C 5 38.48 -2.04 6.35
C LYS C 5 38.04 -0.61 6.77
N GLN C 6 38.73 0.43 6.26
CA GLN C 6 38.45 1.85 6.52
C GLN C 6 37.13 2.31 5.89
N LEU C 7 36.88 1.89 4.65
CA LEU C 7 35.62 2.08 3.88
C LEU C 7 34.48 1.29 4.59
N ALA C 8 34.78 0.06 5.02
CA ALA C 8 33.81 -0.75 5.74
C ALA C 8 33.31 0.05 6.95
N GLU C 9 34.23 0.64 7.74
CA GLU C 9 33.90 1.48 8.92
C GLU C 9 33.04 2.66 8.48
N VAL C 10 33.40 3.34 7.39
CA VAL C 10 32.64 4.50 6.86
C VAL C 10 31.21 4.14 6.44
N VAL C 11 30.98 3.01 5.76
CA VAL C 11 29.62 2.61 5.36
C VAL C 11 28.88 2.11 6.61
N GLU C 12 29.49 1.19 7.34
CA GLU C 12 28.87 0.65 8.53
C GLU C 12 28.56 1.68 9.60
N ARG C 13 29.48 2.57 9.97
CA ARG C 13 29.11 3.49 11.05
C ARG C 13 27.92 4.41 10.72
N THR C 14 27.53 4.45 9.44
CA THR C 14 26.40 5.26 9.03
C THR C 14 25.19 4.42 8.68
N VAL C 15 25.38 3.19 8.19
CA VAL C 15 24.23 2.37 7.79
C VAL C 15 23.58 1.65 8.97
N THR C 16 24.36 1.07 9.88
CA THR C 16 23.78 0.41 11.06
C THR C 16 22.81 1.35 11.88
N PRO C 17 23.22 2.62 12.21
CA PRO C 17 22.30 3.51 12.94
C PRO C 17 21.16 3.98 12.00
N LEU C 18 21.40 4.07 10.69
CA LEU C 18 20.30 4.45 9.80
C LEU C 18 19.16 3.41 9.88
N MET C 19 19.53 2.12 9.85
CA MET C 19 18.54 1.01 9.89
C MET C 19 17.76 0.91 11.21
N LYS C 20 18.46 1.12 12.34
CA LYS C 20 17.85 1.17 13.68
C LYS C 20 16.88 2.36 13.74
N ALA C 21 17.29 3.56 13.37
CA ALA C 21 16.37 4.71 13.45
C ALA C 21 15.13 4.60 12.51
N GLN C 22 15.29 3.93 11.37
CA GLN C 22 14.25 3.85 10.33
C GLN C 22 13.52 2.53 10.28
N ALA C 23 13.95 1.66 11.18
CA ALA C 23 13.49 0.28 11.23
C ALA C 23 13.65 -0.40 9.85
N ILE C 24 14.82 -0.27 9.20
CA ILE C 24 15.02 -0.98 7.92
C ILE C 24 15.41 -2.44 8.22
N PRO C 25 14.66 -3.42 7.69
CA PRO C 25 15.10 -4.78 8.02
C PRO C 25 16.45 -5.26 7.34
N GLY C 26 16.68 -4.89 6.08
CA GLY C 26 17.89 -5.26 5.33
C GLY C 26 18.39 -4.22 4.32
N MET C 27 19.70 -4.17 4.13
CA MET C 27 20.21 -3.23 3.15
C MET C 27 21.43 -3.81 2.39
N ALA C 28 21.46 -3.54 1.08
CA ALA C 28 22.63 -3.90 0.29
C ALA C 28 23.21 -2.59 -0.20
N VAL C 29 24.50 -2.42 0.09
CA VAL C 29 25.25 -1.25 -0.30
C VAL C 29 26.47 -1.57 -1.17
N ALA C 30 26.73 -0.71 -2.15
CA ALA C 30 27.91 -0.84 -2.97
C ALA C 30 28.55 0.55 -3.03
N VAL C 31 29.84 0.61 -2.75
CA VAL C 31 30.56 1.86 -2.90
C VAL C 31 31.56 1.63 -4.05
N ILE C 32 31.48 2.49 -5.06
CA ILE C 32 32.41 2.47 -6.21
C ILE C 32 33.51 3.50 -5.81
N TYR C 33 34.66 2.97 -5.44
CA TYR C 33 35.81 3.76 -4.96
C TYR C 33 36.98 3.54 -5.92
N GLU C 34 37.43 4.65 -6.54
CA GLU C 34 38.42 4.63 -7.60
C GLU C 34 37.90 3.62 -8.67
N GLY C 35 36.62 3.76 -9.01
CA GLY C 35 36.01 2.89 -10.01
C GLY C 35 35.89 1.38 -9.72
N GLN C 36 36.19 0.89 -8.52
CA GLN C 36 36.05 -0.55 -8.21
C GLN C 36 34.97 -0.71 -7.12
N PRO C 37 34.05 -1.68 -7.29
CA PRO C 37 32.97 -1.89 -6.33
C PRO C 37 33.29 -2.67 -5.07
N HIS C 38 32.74 -2.20 -3.95
CA HIS C 38 32.92 -2.81 -2.65
C HIS C 38 31.48 -3.00 -2.12
N TYR C 39 31.19 -4.22 -1.67
CA TYR C 39 29.89 -4.71 -1.20
C TYR C 39 29.72 -4.85 0.33
N PHE C 40 28.71 -4.19 0.89
CA PHE C 40 28.42 -4.27 2.33
C PHE C 40 26.95 -4.64 2.42
N THR C 41 26.64 -5.69 3.19
CA THR C 41 25.27 -6.15 3.34
C THR C 41 24.88 -6.11 4.81
N PHE C 42 23.59 -5.89 5.07
CA PHE C 42 23.11 -5.71 6.43
C PHE C 42 21.74 -6.30 6.68
N GLY C 43 21.55 -7.02 7.78
CA GLY C 43 20.23 -7.48 8.09
C GLY C 43 19.58 -8.56 7.24
N LYS C 44 18.26 -8.50 7.19
CA LYS C 44 17.44 -9.53 6.60
C LYS C 44 16.77 -9.24 5.29
N ALA C 45 16.75 -10.20 4.38
CA ALA C 45 16.02 -10.01 3.12
C ALA C 45 14.56 -10.43 3.40
N ASP C 46 14.42 -11.38 4.32
CA ASP C 46 13.16 -12.00 4.76
C ASP C 46 13.17 -12.13 6.30
N VAL C 47 12.41 -11.28 6.98
CA VAL C 47 12.30 -11.34 8.43
C VAL C 47 11.74 -12.69 9.01
N ALA C 48 10.57 -13.16 8.55
CA ALA C 48 9.98 -14.38 9.11
C ALA C 48 10.87 -15.58 8.88
N ALA C 49 11.48 -15.65 7.71
CA ALA C 49 12.32 -16.82 7.51
C ALA C 49 13.77 -16.62 7.98
N ASN C 50 14.11 -15.40 8.44
CA ASN C 50 15.47 -15.05 8.91
C ASN C 50 16.53 -15.30 7.80
N LYS C 51 16.22 -14.80 6.58
CA LYS C 51 17.09 -14.87 5.38
C LYS C 51 18.00 -13.59 5.34
N PRO C 52 19.35 -13.73 5.39
CA PRO C 52 20.28 -12.58 5.36
C PRO C 52 20.29 -11.89 3.99
N VAL C 53 20.58 -10.57 3.99
CA VAL C 53 20.81 -9.86 2.73
C VAL C 53 22.25 -10.32 2.25
N THR C 54 22.35 -10.65 0.97
CA THR C 54 23.64 -11.04 0.37
C THR C 54 23.79 -10.21 -0.93
N PRO C 55 24.94 -10.33 -1.65
CA PRO C 55 25.02 -9.53 -2.88
C PRO C 55 24.12 -10.13 -4.00
N GLN C 56 23.53 -11.29 -3.73
CA GLN C 56 22.63 -11.93 -4.69
C GLN C 56 21.15 -11.53 -4.48
N THR C 57 20.81 -10.98 -3.31
CA THR C 57 19.43 -10.54 -2.97
C THR C 57 18.88 -9.54 -3.97
N LEU C 58 17.67 -9.83 -4.44
CA LEU C 58 17.00 -8.95 -5.40
C LEU C 58 16.15 -7.94 -4.63
N PHE C 59 16.29 -6.66 -4.98
CA PHE C 59 15.52 -5.56 -4.38
C PHE C 59 14.68 -4.88 -5.50
N GLU C 60 13.54 -4.31 -5.12
CA GLU C 60 12.78 -3.56 -6.11
C GLU C 60 13.41 -2.18 -6.12
N LEU C 61 13.80 -1.74 -7.30
CA LEU C 61 14.43 -0.45 -7.51
C LEU C 61 13.49 0.76 -7.43
N GLY C 62 12.20 0.52 -7.68
CA GLY C 62 11.24 1.61 -7.70
C GLY C 62 11.64 2.50 -8.87
N SER C 63 11.47 3.80 -8.67
CA SER C 63 11.76 4.80 -9.68
C SER C 63 13.20 4.92 -10.18
N ILE C 64 14.14 4.14 -9.64
CA ILE C 64 15.50 4.19 -10.19
C ILE C 64 15.38 3.45 -11.54
N SER C 65 14.27 2.74 -11.74
CA SER C 65 14.01 2.07 -13.02
C SER C 65 13.99 3.13 -14.14
N LYS C 66 13.65 4.37 -13.78
CA LYS C 66 13.63 5.47 -14.76
C LYS C 66 14.98 5.78 -15.43
N THR C 67 16.09 5.36 -14.82
CA THR C 67 17.44 5.58 -15.37
C THR C 67 17.69 4.60 -16.48
N PHE C 68 17.12 3.39 -16.35
CA PHE C 68 17.17 2.36 -17.38
C PHE C 68 16.31 2.80 -18.59
N THR C 69 15.14 3.36 -18.30
CA THR C 69 14.23 3.92 -19.33
C THR C 69 14.87 5.13 -20.03
N GLY C 70 15.59 5.98 -19.31
CA GLY C 70 16.18 7.15 -19.94
C GLY C 70 17.38 6.76 -20.78
N VAL C 71 18.07 5.70 -20.36
CA VAL C 71 19.23 5.22 -21.11
C VAL C 71 18.68 4.40 -22.29
N LEU C 72 17.61 3.65 -22.07
CA LEU C 72 17.02 2.98 -23.19
C LEU C 72 16.54 4.04 -24.22
N GLY C 73 15.88 5.12 -23.79
CA GLY C 73 15.48 6.12 -24.79
C GLY C 73 16.62 6.80 -25.57
N GLY C 74 17.73 7.06 -24.87
CA GLY C 74 18.91 7.70 -25.43
C GLY C 74 19.61 6.79 -26.42
N ASP C 75 19.55 5.48 -26.14
CA ASP C 75 20.10 4.44 -27.03
C ASP C 75 19.24 4.42 -28.32
N ALA C 76 17.90 4.51 -28.19
CA ALA C 76 17.00 4.56 -29.35
C ALA C 76 17.22 5.85 -30.17
N ILE C 77 17.49 6.99 -29.52
CA ILE C 77 17.86 8.25 -30.20
C ILE C 77 19.18 8.06 -30.99
N ALA C 78 20.22 7.47 -30.35
CA ALA C 78 21.53 7.20 -30.98
C ALA C 78 21.32 6.25 -32.17
N ARG C 79 20.33 5.35 -32.07
CA ARG C 79 20.05 4.45 -33.19
C ARG C 79 19.21 5.14 -34.28
N GLY C 80 18.94 6.44 -34.14
CA GLY C 80 18.09 7.10 -35.12
C GLY C 80 16.58 6.76 -35.08
N GLU C 81 16.11 5.89 -34.18
CA GLU C 81 14.65 5.57 -34.14
C GLU C 81 13.71 6.61 -33.54
N ILE C 82 14.24 7.48 -32.71
CA ILE C 82 13.41 8.45 -32.03
C ILE C 82 14.16 9.76 -32.02
N SER C 83 13.40 10.84 -31.93
CA SER C 83 13.98 12.16 -31.80
C SER C 83 13.25 12.77 -30.60
N LEU C 84 13.98 13.43 -29.70
CA LEU C 84 13.30 14.08 -28.57
C LEU C 84 12.45 15.31 -29.04
N GLY C 85 12.82 15.94 -30.16
CA GLY C 85 12.07 17.10 -30.65
C GLY C 85 10.71 16.75 -31.24
N ASP C 86 10.53 15.49 -31.61
CA ASP C 86 9.30 14.96 -32.24
C ASP C 86 8.03 15.02 -31.40
N PRO C 87 6.85 15.40 -32.00
CA PRO C 87 5.62 15.42 -31.18
C PRO C 87 5.32 13.97 -30.77
N VAL C 88 4.56 13.78 -29.69
CA VAL C 88 4.23 12.44 -29.15
C VAL C 88 3.32 11.67 -30.09
N THR C 89 2.41 12.43 -30.74
CA THR C 89 1.42 11.87 -31.66
C THR C 89 2.09 11.12 -32.80
N LYS C 90 3.34 11.45 -33.09
CA LYS C 90 4.08 10.73 -34.11
C LYS C 90 4.37 9.27 -33.71
N TYR C 91 4.38 8.99 -32.41
CA TYR C 91 4.64 7.65 -31.89
C TYR C 91 3.37 6.90 -31.46
N TRP C 92 2.26 7.63 -31.42
CA TRP C 92 0.95 7.10 -31.08
C TRP C 92 0.01 7.95 -31.92
N PRO C 93 -0.31 7.52 -33.17
CA PRO C 93 -1.22 8.28 -34.05
C PRO C 93 -2.70 8.10 -33.64
N GLU C 94 -2.98 7.01 -32.92
CA GLU C 94 -4.31 6.71 -32.36
C GLU C 94 -4.60 7.69 -31.23
N LEU C 95 -3.68 8.66 -31.00
CA LEU C 95 -3.78 9.73 -29.97
C LEU C 95 -4.03 11.07 -30.71
N THR C 96 -5.25 11.58 -30.56
CA THR C 96 -5.69 12.73 -31.35
C THR C 96 -6.24 14.00 -30.66
N GLY C 97 -6.38 13.97 -29.33
CA GLY C 97 -6.86 15.14 -28.60
C GLY C 97 -5.91 16.30 -28.85
N LYS C 98 -6.44 17.51 -29.05
CA LYS C 98 -5.64 18.70 -29.39
C LYS C 98 -4.73 19.35 -28.32
N GLN C 99 -4.84 18.89 -27.07
CA GLN C 99 -3.95 19.37 -25.99
C GLN C 99 -2.53 18.83 -26.21
N TRP C 100 -2.40 17.79 -27.04
CA TRP C 100 -1.14 17.09 -27.38
C TRP C 100 -0.37 17.70 -28.55
N GLN C 101 -0.41 19.00 -28.79
CA GLN C 101 0.23 19.43 -30.04
C GLN C 101 1.29 20.42 -29.92
N GLY C 102 1.97 20.26 -28.83
CA GLY C 102 3.09 21.08 -28.54
C GLY C 102 3.87 20.08 -27.72
N ILE C 103 3.22 18.99 -27.33
CA ILE C 103 3.87 18.00 -26.48
C ILE C 103 4.86 17.11 -27.23
N ARG C 104 6.15 17.34 -27.02
CA ARG C 104 7.18 16.53 -27.64
C ARG C 104 7.55 15.40 -26.71
N MET C 105 8.24 14.43 -27.29
CA MET C 105 8.81 13.29 -26.58
C MET C 105 9.76 13.79 -25.47
N LEU C 106 10.45 14.92 -25.66
CA LEU C 106 11.28 15.47 -24.60
C LEU C 106 10.41 15.79 -23.37
N ASP C 107 9.15 16.20 -23.59
CA ASP C 107 8.31 16.58 -22.45
C ASP C 107 7.84 15.43 -21.61
N LEU C 108 7.62 14.28 -22.24
CA LEU C 108 7.20 13.08 -21.51
C LEU C 108 8.38 12.54 -20.72
N ALA C 109 9.54 12.53 -21.38
CA ALA C 109 10.82 12.06 -20.87
C ALA C 109 11.29 12.73 -19.62
N THR C 110 11.04 14.04 -19.62
CA THR C 110 11.52 14.92 -18.57
C THR C 110 10.43 15.62 -17.75
N TYR C 111 9.24 15.01 -17.70
CA TYR C 111 8.08 15.43 -16.88
C TYR C 111 7.60 16.86 -17.06
N THR C 112 7.65 17.30 -18.30
CA THR C 112 7.39 18.68 -18.61
C THR C 112 6.22 18.93 -19.59
N ALA C 113 5.40 17.90 -19.78
CA ALA C 113 4.29 17.99 -20.73
C ALA C 113 3.19 18.95 -20.34
N GLY C 114 3.18 19.38 -19.07
CA GLY C 114 2.14 20.25 -18.56
C GLY C 114 1.29 19.62 -17.44
N GLY C 115 1.85 18.64 -16.73
CA GLY C 115 1.13 18.10 -15.60
C GLY C 115 0.57 16.70 -15.59
N LEU C 116 1.13 15.79 -16.38
CA LEU C 116 0.66 14.41 -16.34
C LEU C 116 0.76 14.04 -14.83
N PRO C 117 -0.13 13.19 -14.34
CA PRO C 117 -0.02 12.90 -12.91
C PRO C 117 1.08 11.97 -12.44
N LEU C 118 1.40 12.07 -11.15
CA LEU C 118 2.43 11.26 -10.52
C LEU C 118 2.25 9.77 -10.72
N GLN C 119 1.00 9.32 -10.67
CA GLN C 119 0.69 7.91 -10.91
C GLN C 119 -0.29 7.72 -12.07
N VAL C 120 -0.16 6.59 -12.73
CA VAL C 120 -1.20 6.19 -13.64
C VAL C 120 -2.38 5.75 -12.66
N PRO C 121 -3.63 6.25 -12.91
CA PRO C 121 -4.79 5.89 -12.06
C PRO C 121 -4.83 4.36 -12.10
N ASP C 122 -5.01 3.67 -10.96
CA ASP C 122 -4.99 2.21 -11.00
C ASP C 122 -6.25 1.57 -11.61
N GLU C 123 -7.23 2.43 -11.93
CA GLU C 123 -8.48 2.10 -12.66
C GLU C 123 -8.04 1.68 -14.11
N VAL C 124 -7.16 2.49 -14.70
CA VAL C 124 -6.54 2.21 -16.01
C VAL C 124 -5.76 0.87 -15.84
N LYS C 125 -6.31 -0.25 -16.31
CA LYS C 125 -5.67 -1.58 -16.22
C LYS C 125 -5.36 -2.22 -17.58
N ASP C 126 -5.55 -1.49 -18.68
CA ASP C 126 -5.25 -2.08 -19.98
C ASP C 126 -4.86 -1.06 -21.00
N ASN C 127 -4.41 -1.55 -22.11
CA ASN C 127 -4.05 -0.61 -23.10
C ASN C 127 -5.27 0.35 -23.47
N ALA C 128 -6.47 -0.12 -23.88
CA ALA C 128 -7.66 0.74 -24.18
C ALA C 128 -7.92 1.92 -23.19
N SER C 129 -7.98 1.61 -21.89
CA SER C 129 -8.11 2.66 -20.85
C SER C 129 -6.86 3.56 -20.74
N LEU C 130 -5.64 3.08 -21.02
CA LEU C 130 -4.47 3.98 -20.99
C LEU C 130 -4.65 5.05 -22.07
N LEU C 131 -5.02 4.64 -23.29
CA LEU C 131 -5.23 5.55 -24.42
C LEU C 131 -6.25 6.63 -24.09
N ARG C 132 -7.32 6.19 -23.42
CA ARG C 132 -8.44 7.01 -22.97
C ARG C 132 -8.00 8.03 -21.89
N PHE C 133 -7.13 7.62 -21.00
CA PHE C 133 -6.67 8.52 -19.95
C PHE C 133 -5.87 9.65 -20.62
N TYR C 134 -5.05 9.29 -21.61
CA TYR C 134 -4.21 10.26 -22.35
C TYR C 134 -4.99 11.11 -23.40
N GLN C 135 -6.02 10.53 -24.02
CA GLN C 135 -6.92 11.27 -24.92
C GLN C 135 -7.71 12.34 -24.11
N ASN C 136 -8.05 12.02 -22.85
CA ASN C 136 -8.89 12.90 -22.01
C ASN C 136 -8.25 13.78 -20.93
N TRP C 137 -6.95 13.56 -20.70
CA TRP C 137 -6.12 14.35 -19.79
C TRP C 137 -6.03 15.82 -20.25
N GLN C 138 -6.15 16.71 -19.27
CA GLN C 138 -6.13 18.13 -19.49
C GLN C 138 -4.89 18.76 -18.90
N PRO C 139 -4.05 19.39 -19.73
CA PRO C 139 -2.86 20.03 -19.16
C PRO C 139 -3.23 21.18 -18.18
N GLN C 140 -2.55 21.27 -17.02
CA GLN C 140 -2.78 22.44 -16.14
C GLN C 140 -1.69 23.55 -16.45
N TRP C 141 -0.62 23.21 -17.17
CA TRP C 141 0.38 24.21 -17.62
C TRP C 141 0.68 23.99 -19.11
N LYS C 142 1.19 25.04 -19.76
CA LYS C 142 1.51 24.98 -21.19
C LYS C 142 2.67 23.98 -21.30
N PRO C 143 2.66 23.16 -22.37
CA PRO C 143 3.68 22.14 -22.58
C PRO C 143 5.05 22.80 -22.64
N GLY C 144 6.06 22.18 -22.03
CA GLY C 144 7.38 22.78 -22.03
C GLY C 144 7.69 23.91 -21.05
N THR C 145 6.93 24.03 -19.95
CA THR C 145 7.18 25.13 -19.03
C THR C 145 7.34 24.73 -17.57
N THR C 146 6.74 23.59 -17.26
CA THR C 146 6.64 23.12 -15.90
C THR C 146 6.99 21.66 -15.65
N ARG C 147 8.01 21.43 -14.82
CA ARG C 147 8.39 20.06 -14.45
C ARG C 147 7.58 19.57 -13.26
N LEU C 148 6.82 18.51 -13.48
CA LEU C 148 6.08 17.85 -12.41
C LEU C 148 6.52 16.35 -12.46
N TYR C 149 7.42 15.94 -11.56
CA TYR C 149 7.92 14.54 -11.56
C TYR C 149 6.70 13.64 -11.68
N ALA C 150 6.73 12.67 -12.60
CA ALA C 150 5.54 11.84 -12.91
C ALA C 150 5.79 10.49 -13.58
N ASN C 151 5.17 9.42 -13.09
CA ASN C 151 5.28 8.08 -13.70
C ASN C 151 4.40 8.02 -14.99
N ALA C 152 3.36 8.84 -15.08
CA ALA C 152 2.50 8.84 -16.27
C ALA C 152 3.20 9.55 -17.42
N SER C 153 4.23 10.34 -17.09
CA SER C 153 4.98 11.06 -18.09
C SER C 153 6.13 10.16 -18.65
N ILE C 154 7.18 9.90 -17.86
CA ILE C 154 8.30 9.05 -18.30
C ILE C 154 7.96 7.60 -18.60
N GLY C 155 6.91 7.06 -17.99
CA GLY C 155 6.47 5.70 -18.28
C GLY C 155 5.94 5.66 -19.71
N LEU C 156 5.20 6.69 -20.15
CA LEU C 156 4.71 6.74 -21.55
C LEU C 156 5.87 6.99 -22.51
N PHE C 157 6.81 7.85 -22.13
CA PHE C 157 7.98 8.03 -22.96
C PHE C 157 8.61 6.64 -23.25
N GLY C 158 8.67 5.79 -22.23
CA GLY C 158 9.29 4.48 -22.36
C GLY C 158 8.53 3.51 -23.24
N ALA C 159 7.20 3.52 -23.12
CA ALA C 159 6.40 2.63 -23.95
C ALA C 159 6.45 3.05 -25.43
N LEU C 160 6.51 4.35 -25.67
CA LEU C 160 6.57 4.94 -27.01
C LEU C 160 7.97 4.88 -27.63
N ALA C 161 8.96 5.08 -26.78
CA ALA C 161 10.35 5.12 -27.19
C ALA C 161 10.75 3.84 -27.86
N VAL C 162 9.98 2.81 -27.58
CA VAL C 162 10.25 1.45 -27.98
C VAL C 162 9.51 0.86 -29.17
N LYS C 163 8.41 1.49 -29.53
CA LYS C 163 7.57 1.04 -30.64
C LYS C 163 8.32 0.87 -31.98
N PRO C 164 9.13 1.87 -32.40
CA PRO C 164 9.86 1.72 -33.68
C PRO C 164 10.59 0.34 -33.80
N SER C 165 11.16 -0.13 -32.67
CA SER C 165 11.88 -1.41 -32.59
C SER C 165 10.98 -2.66 -32.73
N GLY C 166 9.68 -2.54 -32.43
CA GLY C 166 8.78 -3.68 -32.55
C GLY C 166 8.86 -4.63 -31.39
N MET C 167 9.48 -4.18 -30.31
CA MET C 167 9.57 -5.03 -29.16
C MET C 167 8.73 -4.51 -28.02
N SER C 168 8.27 -5.42 -27.17
CA SER C 168 7.58 -5.04 -25.94
C SER C 168 8.64 -4.20 -25.13
N TYR C 169 8.23 -3.51 -24.05
CA TYR C 169 9.22 -2.77 -23.26
C TYR C 169 10.14 -3.78 -22.54
N GLU C 170 9.58 -4.85 -21.98
CA GLU C 170 10.39 -5.85 -21.27
C GLU C 170 11.51 -6.38 -22.17
N GLN C 171 11.20 -6.73 -23.42
CA GLN C 171 12.18 -7.23 -24.39
C GLN C 171 13.26 -6.23 -24.87
N ALA C 172 12.86 -4.96 -25.09
CA ALA C 172 13.75 -3.88 -25.55
C ALA C 172 14.85 -3.55 -24.52
N ILE C 173 14.46 -3.47 -23.25
CA ILE C 173 15.36 -3.16 -22.16
C ILE C 173 16.24 -4.38 -21.82
N THR C 174 15.69 -5.58 -21.97
CA THR C 174 16.43 -6.79 -21.69
C THR C 174 17.51 -6.98 -22.73
N THR C 175 17.09 -6.82 -23.98
CA THR C 175 17.84 -6.94 -25.21
C THR C 175 18.86 -5.87 -25.45
N ARG C 176 18.51 -4.62 -25.15
CA ARG C 176 19.38 -3.48 -25.44
C ARG C 176 20.11 -2.86 -24.26
N VAL C 177 19.80 -3.22 -23.02
CA VAL C 177 20.52 -2.61 -21.91
C VAL C 177 21.06 -3.63 -20.91
N PHE C 178 20.19 -4.53 -20.39
CA PHE C 178 20.55 -5.54 -19.40
C PHE C 178 21.54 -6.49 -20.01
N LYS C 179 21.10 -7.26 -21.00
CA LYS C 179 21.99 -8.23 -21.64
C LYS C 179 23.35 -7.68 -22.14
N PRO C 180 23.36 -6.60 -22.97
CA PRO C 180 24.67 -6.08 -23.41
C PRO C 180 25.57 -5.72 -22.22
N LEU C 181 24.97 -5.23 -21.14
CA LEU C 181 25.74 -4.84 -19.97
C LEU C 181 26.03 -5.98 -18.99
N LYS C 182 25.62 -7.18 -19.35
CA LYS C 182 25.75 -8.36 -18.49
C LYS C 182 25.07 -8.22 -17.10
N LEU C 183 24.03 -7.39 -17.07
CA LEU C 183 23.22 -7.23 -15.87
C LEU C 183 22.29 -8.45 -15.96
N ASP C 184 22.88 -9.63 -15.70
CA ASP C 184 22.17 -10.89 -15.78
C ASP C 184 21.20 -11.29 -14.65
N HIS C 185 21.10 -10.46 -13.61
CA HIS C 185 20.21 -10.70 -12.49
C HIS C 185 19.37 -9.44 -12.28
N THR C 186 19.09 -8.76 -13.40
CA THR C 186 18.28 -7.53 -13.44
C THR C 186 17.09 -7.97 -14.32
N TRP C 187 15.90 -7.78 -13.75
CA TRP C 187 14.66 -8.28 -14.31
C TRP C 187 13.46 -7.33 -14.24
N ILE C 188 12.53 -7.49 -15.20
CA ILE C 188 11.22 -6.82 -15.13
C ILE C 188 10.32 -7.84 -14.34
N ASN C 189 10.39 -9.13 -14.68
CA ASN C 189 9.65 -10.16 -13.96
C ASN C 189 10.69 -11.15 -13.49
N VAL C 190 10.71 -11.36 -12.17
CA VAL C 190 11.67 -12.27 -11.58
C VAL C 190 11.31 -13.72 -11.91
N PRO C 191 12.18 -14.42 -12.67
CA PRO C 191 11.88 -15.81 -13.00
C PRO C 191 11.60 -16.57 -11.73
N LYS C 192 10.85 -17.65 -11.86
CA LYS C 192 10.61 -18.55 -10.77
C LYS C 192 11.94 -19.11 -10.22
N ALA C 193 12.93 -19.39 -11.07
CA ALA C 193 14.17 -20.00 -10.58
C ALA C 193 15.01 -19.08 -9.70
N GLU C 194 14.78 -17.80 -9.84
CA GLU C 194 15.51 -16.79 -9.11
C GLU C 194 14.78 -16.30 -7.86
N GLU C 195 13.57 -16.81 -7.63
CA GLU C 195 12.71 -16.41 -6.51
C GLU C 195 13.30 -16.34 -5.11
N ALA C 196 14.02 -17.39 -4.75
CA ALA C 196 14.76 -17.55 -3.51
C ALA C 196 15.61 -16.29 -3.15
N HIS C 197 16.08 -15.54 -4.16
CA HIS C 197 16.89 -14.33 -3.96
C HIS C 197 16.05 -13.02 -3.80
N TYR C 198 14.75 -13.13 -4.05
CA TYR C 198 13.84 -11.96 -4.02
C TYR C 198 13.48 -11.57 -2.58
N ALA C 199 14.04 -10.47 -2.12
CA ALA C 199 13.75 -9.93 -0.78
C ALA C 199 12.28 -9.53 -0.71
N TRP C 200 11.71 -9.67 0.49
CA TRP C 200 10.39 -9.17 0.73
C TRP C 200 10.58 -7.71 1.20
N GLY C 201 9.71 -6.84 0.71
CA GLY C 201 9.70 -5.44 1.14
C GLY C 201 8.80 -5.42 2.38
N TYR C 202 8.97 -4.39 3.22
CA TYR C 202 8.21 -4.25 4.46
C TYR C 202 7.53 -2.91 4.49
N ARG C 203 6.23 -2.94 4.73
CA ARG C 203 5.48 -1.70 4.75
C ARG C 203 4.91 -1.38 6.13
N ASP C 204 3.85 -2.00 6.59
CA ASP C 204 3.49 -1.62 7.97
C ASP C 204 3.71 -2.91 8.83
N GLY C 205 4.95 -3.43 8.82
CA GLY C 205 5.30 -4.68 9.48
C GLY C 205 4.92 -5.90 8.61
N LYS C 206 4.42 -5.64 7.39
CA LYS C 206 3.95 -6.66 6.43
C LYS C 206 4.85 -6.80 5.21
N ALA C 207 5.08 -8.07 4.82
CA ALA C 207 5.92 -8.45 3.68
C ALA C 207 5.14 -8.26 2.37
N VAL C 208 5.64 -7.36 1.52
CA VAL C 208 4.98 -7.02 0.25
C VAL C 208 5.91 -6.87 -0.94
N HIS C 209 5.35 -7.18 -2.12
CA HIS C 209 6.04 -7.05 -3.41
C HIS C 209 5.22 -6.03 -4.22
N VAL C 210 5.87 -5.36 -5.18
CA VAL C 210 5.18 -4.38 -6.02
C VAL C 210 4.05 -5.07 -6.80
N SER C 211 2.91 -4.41 -6.93
CA SER C 211 1.76 -4.95 -7.69
C SER C 211 1.89 -4.52 -9.14
N PRO C 212 1.33 -5.31 -10.08
CA PRO C 212 1.38 -4.99 -11.52
C PRO C 212 0.59 -3.68 -11.74
N GLY C 213 1.01 -2.88 -12.71
CA GLY C 213 0.33 -1.62 -12.97
C GLY C 213 0.74 -1.22 -14.36
N MET C 214 -0.05 -0.38 -15.00
CA MET C 214 0.27 0.02 -16.35
C MET C 214 1.50 0.88 -16.33
N LEU C 215 2.42 0.60 -17.25
CA LEU C 215 3.66 1.35 -17.39
C LEU C 215 4.59 1.16 -16.17
N ASP C 216 4.40 0.05 -15.47
CA ASP C 216 5.19 -0.25 -14.28
C ASP C 216 6.67 -0.51 -14.63
N ALA C 217 6.90 -1.41 -15.60
CA ALA C 217 8.25 -1.71 -16.03
C ALA C 217 9.00 -0.43 -16.39
N GLU C 218 8.32 0.50 -17.07
CA GLU C 218 8.90 1.77 -17.54
C GLU C 218 9.16 2.80 -16.46
N ALA C 219 8.36 2.75 -15.40
CA ALA C 219 8.45 3.76 -14.34
C ALA C 219 9.02 3.38 -12.99
N TYR C 220 8.83 2.13 -12.57
CA TYR C 220 9.24 1.74 -11.23
C TYR C 220 9.33 0.22 -11.08
N GLY C 221 9.38 -0.49 -12.20
CA GLY C 221 9.34 -1.95 -12.16
C GLY C 221 10.58 -2.81 -12.14
N VAL C 222 11.77 -2.24 -12.21
CA VAL C 222 12.97 -3.07 -12.24
C VAL C 222 13.41 -3.67 -10.89
N LYS C 223 13.81 -4.95 -10.91
CA LYS C 223 14.34 -5.67 -9.73
C LYS C 223 15.79 -6.09 -10.01
N THR C 224 16.65 -5.98 -9.01
CA THR C 224 18.06 -6.30 -9.21
C THR C 224 18.73 -6.63 -7.91
N ASN C 225 20.00 -6.98 -8.04
CA ASN C 225 20.84 -7.18 -6.89
C ASN C 225 21.90 -6.06 -6.86
N VAL C 226 22.72 -6.04 -5.82
CA VAL C 226 23.68 -4.96 -5.64
C VAL C 226 24.91 -4.97 -6.55
N GLN C 227 25.30 -6.17 -6.98
CA GLN C 227 26.41 -6.38 -7.93
C GLN C 227 25.95 -5.80 -9.27
N ASP C 228 24.79 -6.22 -9.80
CA ASP C 228 24.33 -5.63 -11.06
C ASP C 228 24.18 -4.12 -10.97
N MET C 229 23.68 -3.59 -9.85
CA MET C 229 23.57 -2.12 -9.68
C MET C 229 24.93 -1.44 -9.58
N ALA C 230 25.91 -2.08 -8.96
CA ALA C 230 27.23 -1.44 -8.85
C ALA C 230 27.74 -1.26 -10.27
N SER C 231 27.54 -2.30 -11.04
CA SER C 231 27.94 -2.34 -12.42
C SER C 231 27.21 -1.26 -13.25
N TRP C 232 25.90 -1.14 -13.06
CA TRP C 232 25.09 -0.09 -13.70
C TRP C 232 25.63 1.31 -13.35
N VAL C 233 26.01 1.51 -12.08
CA VAL C 233 26.60 2.77 -11.62
C VAL C 233 28.02 2.96 -12.19
N MET C 234 28.87 1.93 -12.22
CA MET C 234 30.24 2.15 -12.77
C MET C 234 30.22 2.60 -14.25
N VAL C 235 29.39 1.93 -15.03
CA VAL C 235 29.16 2.18 -16.44
C VAL C 235 28.58 3.59 -16.72
N ASN C 236 27.69 4.07 -15.86
CA ASN C 236 27.12 5.42 -16.05
C ASN C 236 28.12 6.48 -15.60
N MET C 237 28.90 6.16 -14.57
CA MET C 237 29.94 7.04 -14.02
C MET C 237 30.93 7.24 -15.15
N LYS C 238 31.24 6.12 -15.83
CA LYS C 238 32.21 6.10 -16.91
C LYS C 238 31.74 5.44 -18.23
N PRO C 239 30.99 6.20 -19.05
CA PRO C 239 30.51 5.67 -20.33
C PRO C 239 31.66 5.27 -21.27
N ASP C 240 32.74 6.05 -21.28
CA ASP C 240 33.82 5.75 -22.19
C ASP C 240 34.53 4.43 -21.87
N SER C 241 34.03 3.68 -20.87
CA SER C 241 34.59 2.33 -20.58
C SER C 241 33.92 1.32 -21.58
N LEU C 242 32.83 1.77 -22.20
CA LEU C 242 32.11 1.02 -23.19
C LEU C 242 32.68 1.42 -24.53
N GLN C 243 32.44 0.56 -25.50
CA GLN C 243 32.85 0.84 -26.87
C GLN C 243 32.05 2.00 -27.43
N ASP C 244 32.50 2.54 -28.55
CA ASP C 244 31.84 3.66 -29.20
C ASP C 244 30.56 3.24 -29.97
N ASN C 245 29.42 3.04 -29.28
CA ASN C 245 28.17 2.60 -29.92
C ASN C 245 26.88 3.29 -29.42
N SER C 246 25.70 2.81 -29.86
CA SER C 246 24.45 3.43 -29.44
C SER C 246 24.26 3.46 -27.91
N LEU C 247 24.58 2.34 -27.23
CA LEU C 247 24.43 2.17 -25.77
C LEU C 247 25.28 3.21 -25.06
N ARG C 248 26.54 3.34 -25.45
CA ARG C 248 27.31 4.37 -24.82
C ARG C 248 26.80 5.79 -25.21
N LYS C 249 26.25 6.03 -26.41
CA LYS C 249 25.74 7.39 -26.71
C LYS C 249 24.53 7.61 -25.78
N GLY C 250 23.68 6.58 -25.64
CA GLY C 250 22.51 6.58 -24.76
C GLY C 250 22.86 6.96 -23.33
N LEU C 251 23.95 6.37 -22.81
CA LEU C 251 24.42 6.71 -21.46
C LEU C 251 24.72 8.22 -21.40
N THR C 252 25.46 8.76 -22.37
CA THR C 252 25.80 10.19 -22.43
C THR C 252 24.58 11.14 -22.62
N LEU C 253 23.53 10.67 -23.28
CA LEU C 253 22.35 11.50 -23.46
C LEU C 253 21.47 11.44 -22.20
N ALA C 254 21.57 10.38 -21.40
CA ALA C 254 20.72 10.30 -20.20
C ALA C 254 21.28 11.25 -19.13
N GLN C 255 22.58 11.53 -19.20
CA GLN C 255 23.18 12.51 -18.30
C GLN C 255 23.39 13.93 -18.94
N SER C 256 22.95 14.16 -20.18
CA SER C 256 23.04 15.50 -20.78
C SER C 256 21.97 16.31 -20.03
N ARG C 257 22.14 17.63 -19.98
CA ARG C 257 21.22 18.50 -19.26
C ARG C 257 20.11 19.11 -20.13
N TYR C 258 18.86 18.77 -19.85
CA TYR C 258 17.76 19.27 -20.67
C TYR C 258 16.95 20.45 -20.10
N TRP C 259 16.94 20.57 -18.77
CA TRP C 259 16.19 21.60 -18.05
C TRP C 259 16.92 21.97 -16.77
N ARG C 260 16.81 23.23 -16.34
CA ARG C 260 17.35 23.57 -15.04
C ARG C 260 16.07 23.92 -14.23
N VAL C 261 15.96 23.33 -13.03
CA VAL C 261 14.86 23.58 -12.09
C VAL C 261 15.55 23.86 -10.73
N GLY C 262 15.68 25.15 -10.37
CA GLY C 262 16.36 25.53 -9.13
C GLY C 262 17.83 25.17 -9.18
N ALA C 263 18.31 24.38 -8.21
CA ALA C 263 19.71 23.98 -8.25
C ALA C 263 19.96 22.60 -8.94
N MET C 264 18.95 22.06 -9.63
CA MET C 264 19.08 20.78 -10.35
C MET C 264 19.15 20.91 -11.89
N TYR C 265 19.37 19.78 -12.55
CA TYR C 265 19.26 19.71 -14.01
C TYR C 265 18.56 18.38 -14.29
N GLN C 266 17.67 18.36 -15.27
CA GLN C 266 17.00 17.13 -15.61
C GLN C 266 17.69 16.40 -16.77
N GLY C 267 18.04 15.15 -16.51
CA GLY C 267 18.56 14.29 -17.54
C GLY C 267 17.37 13.42 -17.95
N LEU C 268 17.69 12.26 -18.51
CA LEU C 268 16.72 11.25 -18.92
C LEU C 268 16.80 10.22 -17.78
N GLY C 269 15.88 10.32 -16.82
CA GLY C 269 15.90 9.43 -15.66
C GLY C 269 16.82 10.04 -14.60
N TRP C 270 18.11 10.14 -14.92
CA TRP C 270 19.08 10.74 -14.01
C TRP C 270 18.72 12.20 -13.78
N GLU C 271 19.07 12.68 -12.58
CA GLU C 271 18.93 14.07 -12.16
C GLU C 271 20.33 14.47 -11.71
N MET C 272 20.67 15.72 -11.89
CA MET C 272 22.05 16.09 -11.64
C MET C 272 22.12 17.45 -11.00
N LEU C 273 23.07 17.61 -10.07
CA LEU C 273 23.40 18.94 -9.50
C LEU C 273 24.94 19.11 -9.69
N ASN C 274 25.43 20.36 -9.82
CA ASN C 274 26.87 20.64 -10.03
C ASN C 274 27.65 20.23 -8.81
N TRP C 275 28.81 19.65 -9.04
CA TRP C 275 29.54 19.24 -7.85
C TRP C 275 30.83 20.13 -7.56
N PRO C 276 31.16 20.50 -6.19
CA PRO C 276 30.56 20.18 -4.86
C PRO C 276 29.15 20.64 -5.13
N VAL C 277 28.58 20.00 -4.17
CA VAL C 277 27.17 20.11 -3.82
C VAL C 277 27.03 20.25 -2.31
N ASP C 278 26.11 21.13 -1.96
CA ASP C 278 25.74 21.48 -0.60
C ASP C 278 24.85 20.39 0.04
N ALA C 279 25.26 19.85 1.19
CA ALA C 279 24.51 18.78 1.84
C ALA C 279 23.07 19.21 2.08
N LYS C 280 22.88 20.39 2.67
CA LYS C 280 21.53 20.94 2.89
C LYS C 280 20.68 20.99 1.58
N THR C 281 21.18 21.59 0.51
CA THR C 281 20.44 21.68 -0.77
C THR C 281 19.99 20.34 -1.37
N VAL C 282 20.91 19.39 -1.37
CA VAL C 282 20.60 18.13 -1.99
C VAL C 282 19.64 17.32 -1.14
N VAL C 283 19.82 17.34 0.19
CA VAL C 283 18.94 16.60 1.11
C VAL C 283 17.50 17.12 1.03
N GLU C 284 17.29 18.44 1.26
CA GLU C 284 15.97 19.13 1.24
C GLU C 284 15.28 19.04 -0.12
N GLY C 285 16.06 19.16 -1.19
CA GLY C 285 15.56 18.98 -2.55
C GLY C 285 15.00 17.57 -2.79
N SER C 286 15.47 16.56 -2.03
CA SER C 286 14.90 15.20 -2.19
C SER C 286 13.57 14.95 -1.41
N ASP C 287 13.21 15.83 -0.46
CA ASP C 287 11.95 15.75 0.30
C ASP C 287 10.80 15.82 -0.72
N ASN C 288 9.76 15.03 -0.48
CA ASN C 288 8.62 14.94 -1.37
C ASN C 288 7.88 16.25 -1.63
N LYS C 289 7.91 17.13 -0.63
CA LYS C 289 7.31 18.46 -0.70
C LYS C 289 8.05 19.23 -1.80
N VAL C 290 9.37 19.08 -1.94
CA VAL C 290 10.04 19.76 -3.03
C VAL C 290 10.17 18.89 -4.33
N ALA C 291 10.56 17.62 -4.19
CA ALA C 291 10.77 16.71 -5.33
C ALA C 291 9.56 16.45 -6.21
N LEU C 292 8.39 16.37 -5.58
CA LEU C 292 7.16 16.12 -6.33
C LEU C 292 6.30 17.37 -6.63
N ALA C 293 6.76 18.57 -6.26
CA ALA C 293 6.01 19.81 -6.54
C ALA C 293 6.20 20.26 -7.99
N PRO C 294 5.21 20.99 -8.55
CA PRO C 294 5.29 21.51 -9.92
C PRO C 294 6.25 22.69 -9.89
N LEU C 295 7.24 22.75 -10.77
CA LEU C 295 8.12 23.89 -10.69
C LEU C 295 8.52 24.39 -12.06
N PRO C 296 8.67 25.73 -12.21
CA PRO C 296 9.10 26.34 -13.47
C PRO C 296 10.47 25.72 -13.85
N ALA C 297 10.56 25.34 -15.12
CA ALA C 297 11.73 24.73 -15.75
C ALA C 297 12.26 25.58 -16.93
N ARG C 298 13.56 25.92 -16.93
CA ARG C 298 14.18 26.67 -18.04
C ARG C 298 14.80 25.54 -18.92
N GLU C 299 14.35 25.41 -20.18
CA GLU C 299 14.78 24.35 -21.14
C GLU C 299 16.26 24.42 -21.54
N VAL C 300 17.10 23.41 -21.28
CA VAL C 300 18.48 23.70 -21.62
C VAL C 300 18.47 23.56 -23.04
N ASN C 301 18.64 24.72 -23.61
CA ASN C 301 18.33 24.59 -24.93
C ASN C 301 19.13 23.59 -25.66
N PRO C 302 19.93 24.00 -26.63
CA PRO C 302 20.73 22.95 -27.28
C PRO C 302 21.34 22.18 -26.04
N PRO C 303 20.61 21.10 -25.54
CA PRO C 303 20.97 20.31 -24.33
C PRO C 303 22.43 20.21 -24.06
N ALA C 304 22.89 20.50 -22.83
CA ALA C 304 24.33 20.41 -22.56
C ALA C 304 24.84 18.96 -22.39
N PRO C 305 26.06 18.63 -22.89
CA PRO C 305 26.58 17.25 -22.71
C PRO C 305 26.90 17.03 -21.19
N PRO C 306 27.06 15.77 -20.73
CA PRO C 306 27.37 15.54 -19.31
C PRO C 306 28.51 16.37 -18.74
N VAL C 307 28.33 16.90 -17.54
CA VAL C 307 29.47 17.58 -16.95
C VAL C 307 29.97 16.65 -15.84
N ASN C 308 31.28 16.35 -15.88
CA ASN C 308 31.91 15.46 -14.92
C ASN C 308 31.81 15.93 -13.47
N ALA C 309 31.84 17.24 -13.25
CA ALA C 309 31.72 17.75 -11.89
C ALA C 309 30.23 17.76 -11.58
N SER C 310 29.65 16.61 -11.21
CA SER C 310 28.23 16.54 -10.88
C SER C 310 27.91 15.51 -9.83
N TRP C 311 26.82 15.77 -9.13
CA TRP C 311 26.25 14.84 -8.18
C TRP C 311 25.10 14.31 -9.06
N VAL C 312 25.21 13.08 -9.54
CA VAL C 312 24.19 12.47 -10.41
C VAL C 312 23.50 11.49 -9.47
N HIS C 313 22.18 11.53 -9.38
CA HIS C 313 21.49 10.64 -8.46
C HIS C 313 20.05 10.29 -8.84
N LYS C 314 19.47 9.32 -8.13
CA LYS C 314 18.04 8.98 -8.26
C LYS C 314 17.62 8.19 -7.03
N THR C 315 16.51 8.61 -6.40
CA THR C 315 15.91 7.89 -5.28
C THR C 315 14.81 7.12 -6.00
N GLY C 316 14.47 5.93 -5.50
CA GLY C 316 13.41 5.18 -6.12
C GLY C 316 12.74 4.29 -5.09
N SER C 317 11.44 4.44 -4.93
CA SER C 317 10.67 3.67 -3.96
C SER C 317 9.51 2.85 -4.56
N THR C 318 9.05 1.85 -3.79
CA THR C 318 7.82 1.09 -4.09
C THR C 318 7.17 0.98 -2.70
N GLY C 319 6.03 0.32 -2.58
CA GLY C 319 5.40 0.18 -1.28
C GLY C 319 6.28 -0.39 -0.17
N GLY C 320 7.15 -1.35 -0.51
CA GLY C 320 7.99 -2.00 0.50
C GLY C 320 9.48 -1.77 0.37
N PHE C 321 9.89 -1.00 -0.63
CA PHE C 321 11.32 -0.71 -0.91
C PHE C 321 11.71 0.75 -1.08
N GLY C 322 12.87 1.08 -0.54
CA GLY C 322 13.39 2.43 -0.63
C GLY C 322 14.85 2.30 -1.02
N SER C 323 15.17 2.76 -2.22
CA SER C 323 16.51 2.61 -2.74
C SER C 323 17.06 3.95 -3.23
N TYR C 324 18.37 4.04 -3.39
CA TYR C 324 18.96 5.31 -3.82
C TYR C 324 20.35 5.13 -4.44
N VAL C 325 20.64 5.95 -5.46
CA VAL C 325 21.95 5.93 -6.10
C VAL C 325 22.49 7.37 -6.30
N ALA C 326 23.80 7.54 -6.08
CA ALA C 326 24.49 8.82 -6.29
C ALA C 326 25.93 8.53 -6.74
N PHE C 327 26.46 9.36 -7.65
CA PHE C 327 27.85 9.23 -8.11
C PHE C 327 28.34 10.55 -8.64
N ILE C 328 29.65 10.73 -8.58
CA ILE C 328 30.30 11.96 -9.00
C ILE C 328 31.30 11.51 -10.05
N PRO C 329 30.95 11.60 -11.35
CA PRO C 329 31.90 11.15 -12.38
C PRO C 329 33.35 11.63 -12.19
N GLU C 330 33.55 12.91 -11.90
CA GLU C 330 34.89 13.47 -11.67
C GLU C 330 35.71 12.81 -10.57
N LYS C 331 35.09 12.16 -9.59
CA LYS C 331 35.89 11.55 -8.52
C LYS C 331 35.97 10.04 -8.67
N GLN C 332 35.22 9.52 -9.66
CA GLN C 332 35.03 8.08 -9.92
C GLN C 332 34.56 7.45 -8.58
N LEU C 333 33.63 8.13 -7.93
CA LEU C 333 33.10 7.76 -6.61
C LEU C 333 31.63 7.58 -6.77
N GLY C 334 31.09 6.47 -6.26
CA GLY C 334 29.65 6.26 -6.34
C GLY C 334 29.13 5.39 -5.21
N ILE C 335 27.82 5.41 -4.97
CA ILE C 335 27.22 4.58 -3.94
C ILE C 335 25.85 4.15 -4.41
N VAL C 336 25.51 2.92 -4.05
CA VAL C 336 24.21 2.32 -4.33
C VAL C 336 23.65 1.89 -2.95
N MET C 337 22.41 2.24 -2.62
CA MET C 337 21.87 1.77 -1.33
C MET C 337 20.51 1.20 -1.58
N LEU C 338 20.39 -0.10 -1.37
CA LEU C 338 19.17 -0.84 -1.60
C LEU C 338 18.60 -1.32 -0.27
N ALA C 339 17.36 -0.93 -0.03
CA ALA C 339 16.66 -1.30 1.20
C ALA C 339 15.24 -1.82 0.98
N ASN C 340 14.90 -2.83 1.78
CA ASN C 340 13.58 -3.42 1.77
C ASN C 340 12.61 -2.78 2.74
N LYS C 341 12.59 -1.45 2.66
CA LYS C 341 11.64 -0.71 3.43
C LYS C 341 11.70 0.66 2.85
N SER C 342 10.55 1.21 2.52
CA SER C 342 10.55 2.54 1.94
C SER C 342 10.71 3.60 3.07
N TYR C 343 11.92 4.10 3.34
CA TYR C 343 12.11 5.10 4.40
C TYR C 343 12.24 6.47 3.72
N PRO C 344 12.04 7.59 4.47
CA PRO C 344 12.13 8.89 3.78
C PRO C 344 13.30 9.15 2.84
N ASN C 345 13.03 9.81 1.70
CA ASN C 345 14.08 10.12 0.74
C ASN C 345 15.21 11.00 1.27
N PRO C 346 14.89 12.01 2.12
CA PRO C 346 15.94 12.86 2.68
C PRO C 346 16.88 12.03 3.55
N ALA C 347 16.38 10.99 4.21
CA ALA C 347 17.28 10.20 5.03
C ALA C 347 18.26 9.35 4.16
N ARG C 348 17.79 8.91 2.98
CA ARG C 348 18.62 8.16 2.01
C ARG C 348 19.72 9.05 1.48
N VAL C 349 19.35 10.27 1.04
CA VAL C 349 20.28 11.28 0.50
C VAL C 349 21.36 11.71 1.49
N GLU C 350 20.98 11.87 2.75
CA GLU C 350 21.91 12.25 3.83
C GLU C 350 22.87 11.10 4.22
N ALA C 351 22.37 9.86 4.32
CA ALA C 351 23.21 8.70 4.62
C ALA C 351 24.26 8.63 3.49
N ALA C 352 23.81 8.71 2.22
CA ALA C 352 24.73 8.72 1.06
C ALA C 352 25.69 9.94 1.05
N TYR C 353 25.20 11.14 1.36
CA TYR C 353 26.10 12.31 1.41
C TYR C 353 27.13 12.10 2.50
N ARG C 354 26.69 11.51 3.62
CA ARG C 354 27.58 11.32 4.75
C ARG C 354 28.71 10.36 4.37
N ILE C 355 28.35 9.23 3.77
CA ILE C 355 29.34 8.26 3.30
C ILE C 355 30.26 8.86 2.20
N LEU C 356 29.74 9.43 1.11
CA LEU C 356 30.62 9.97 0.03
C LEU C 356 31.53 11.19 0.31
N SER C 357 31.08 12.08 1.21
CA SER C 357 31.84 13.27 1.62
C SER C 357 33.05 12.82 2.44
N ALA C 358 32.99 11.61 3.00
CA ALA C 358 34.09 11.09 3.80
C ALA C 358 35.13 10.37 2.98
N LEU C 359 34.96 10.36 1.67
CA LEU C 359 35.92 9.67 0.82
C LEU C 359 36.48 10.58 -0.24
N PRO D 1 20.66 53.65 29.01
CA PRO D 1 20.19 54.64 29.95
C PRO D 1 19.70 54.10 31.25
N MET D 2 20.60 53.76 32.18
CA MET D 2 20.12 53.34 33.48
C MET D 2 19.05 54.31 34.06
N SER D 3 19.26 55.63 33.99
CA SER D 3 18.35 56.61 34.60
C SER D 3 16.93 56.82 34.02
N GLU D 4 15.97 57.26 34.84
CA GLU D 4 14.61 57.41 34.33
C GLU D 4 14.46 58.51 33.25
N LYS D 5 15.04 59.69 33.45
CA LYS D 5 15.04 60.79 32.47
C LYS D 5 15.81 60.40 31.18
N GLN D 6 16.67 59.39 31.30
CA GLN D 6 17.51 58.98 30.18
C GLN D 6 16.77 58.07 29.26
N LEU D 7 15.98 57.18 29.84
CA LEU D 7 15.13 56.31 29.07
C LEU D 7 14.09 57.21 28.37
N ALA D 8 13.61 58.24 29.06
CA ALA D 8 12.58 59.13 28.53
C ALA D 8 13.07 59.92 27.32
N GLU D 9 14.36 60.26 27.34
CA GLU D 9 14.95 61.05 26.26
C GLU D 9 15.09 60.11 25.11
N VAL D 10 15.59 58.91 25.38
CA VAL D 10 15.74 57.93 24.32
C VAL D 10 14.44 57.64 23.57
N VAL D 11 13.34 57.39 24.31
CA VAL D 11 12.04 57.12 23.69
C VAL D 11 11.51 58.35 22.97
N GLU D 12 11.35 59.43 23.73
CA GLU D 12 10.81 60.69 23.22
C GLU D 12 11.50 61.30 21.98
N ARG D 13 12.81 61.14 21.85
CA ARG D 13 13.55 61.74 20.73
C ARG D 13 13.36 61.05 19.42
N THR D 14 13.07 59.76 19.49
CA THR D 14 12.78 58.99 18.30
C THR D 14 11.26 59.02 17.98
N VAL D 15 10.40 58.96 19.01
CA VAL D 15 8.94 58.93 18.81
C VAL D 15 8.38 60.27 18.39
N THR D 16 8.74 61.37 19.06
CA THR D 16 8.16 62.64 18.66
C THR D 16 8.39 62.89 17.17
N PRO D 17 9.63 62.81 16.63
CA PRO D 17 9.76 63.04 15.18
C PRO D 17 9.07 61.99 14.28
N LEU D 18 8.91 60.76 14.75
CA LEU D 18 8.20 59.73 13.97
C LEU D 18 6.73 60.18 13.83
N MET D 19 6.17 60.69 14.92
CA MET D 19 4.79 61.08 14.87
C MET D 19 4.50 62.25 13.93
N LYS D 20 5.44 63.21 13.80
CA LYS D 20 5.35 64.36 12.87
C LYS D 20 5.54 63.88 11.41
N ALA D 21 6.60 63.13 11.17
CA ALA D 21 6.90 62.65 9.81
C ALA D 21 5.79 61.72 9.32
N GLN D 22 5.26 60.88 10.20
CA GLN D 22 4.21 59.95 9.78
C GLN D 22 2.80 60.49 9.98
N ALA D 23 2.68 61.63 10.66
CA ALA D 23 1.38 62.21 11.04
C ALA D 23 0.47 61.24 11.85
N ILE D 24 1.06 60.61 12.88
CA ILE D 24 0.35 59.75 13.82
C ILE D 24 -0.23 60.62 14.96
N PRO D 25 -1.55 60.54 15.20
CA PRO D 25 -2.15 61.35 16.29
C PRO D 25 -1.63 60.94 17.70
N GLY D 26 -1.17 59.67 17.81
CA GLY D 26 -0.59 59.06 19.02
C GLY D 26 -0.24 57.56 19.14
N MET D 27 0.87 57.33 19.85
CA MET D 27 1.29 55.99 20.22
C MET D 27 1.69 56.00 21.69
N ALA D 28 1.24 54.98 22.41
CA ALA D 28 1.63 54.82 23.79
C ALA D 28 2.76 53.81 23.69
N VAL D 29 3.84 54.11 24.42
CA VAL D 29 5.03 53.30 24.42
C VAL D 29 5.44 52.72 25.76
N ALA D 30 5.91 51.49 25.70
CA ALA D 30 6.41 50.80 26.87
C ALA D 30 7.79 50.20 26.57
N VAL D 31 8.71 50.44 27.49
CA VAL D 31 10.03 49.83 27.42
C VAL D 31 10.15 48.91 28.69
N ILE D 32 10.56 47.66 28.45
CA ILE D 32 10.87 46.68 29.51
C ILE D 32 12.42 46.81 29.60
N TYR D 33 12.84 47.45 30.68
CA TYR D 33 14.25 47.71 30.96
C TYR D 33 14.59 46.98 32.21
N GLU D 34 15.30 45.91 31.94
CA GLU D 34 15.64 44.99 32.96
C GLU D 34 14.27 44.59 33.42
N GLY D 35 13.75 43.67 32.63
CA GLY D 35 12.44 43.10 32.88
C GLY D 35 11.46 43.97 33.64
N GLN D 36 11.59 45.29 33.65
CA GLN D 36 10.59 46.08 34.38
C GLN D 36 10.03 47.17 33.40
N PRO D 37 8.68 47.42 33.40
CA PRO D 37 7.95 48.37 32.55
C PRO D 37 8.01 49.86 32.82
N HIS D 38 8.28 50.63 31.77
CA HIS D 38 8.38 52.09 31.82
C HIS D 38 7.42 52.53 30.73
N TYR D 39 6.61 53.55 31.01
CA TYR D 39 5.55 54.02 30.11
C TYR D 39 5.76 55.43 29.64
N PHE D 40 5.49 55.71 28.35
CA PHE D 40 5.56 57.06 27.76
C PHE D 40 4.36 57.16 26.81
N THR D 41 3.64 58.26 26.94
CA THR D 41 2.41 58.54 26.18
C THR D 41 2.54 59.85 25.46
N PHE D 42 2.06 59.85 24.22
CA PHE D 42 2.13 61.00 23.34
C PHE D 42 0.87 61.18 22.53
N GLY D 43 0.56 62.45 22.30
CA GLY D 43 -0.54 62.85 21.46
C GLY D 43 -1.91 62.61 21.96
N LYS D 44 -2.78 62.48 20.95
CA LYS D 44 -4.18 62.28 21.14
C LYS D 44 -4.76 60.95 20.69
N ALA D 45 -5.58 60.38 21.57
CA ALA D 45 -6.34 59.15 21.36
C ALA D 45 -7.57 59.52 20.51
N ASP D 46 -8.06 60.74 20.71
CA ASP D 46 -9.22 61.23 19.99
C ASP D 46 -8.91 62.65 19.54
N VAL D 47 -8.82 62.84 18.22
CA VAL D 47 -8.51 64.15 17.67
C VAL D 47 -9.72 65.13 17.68
N ALA D 48 -10.96 64.69 17.38
CA ALA D 48 -12.12 65.63 17.44
C ALA D 48 -12.38 66.15 18.86
N ALA D 49 -12.44 65.23 19.83
CA ALA D 49 -12.69 65.54 21.25
C ALA D 49 -11.40 65.94 21.97
N ASN D 50 -10.28 65.96 21.26
CA ASN D 50 -8.99 66.33 21.84
C ASN D 50 -8.60 65.62 23.18
N LYS D 51 -8.74 64.28 23.22
CA LYS D 51 -8.43 63.45 24.40
C LYS D 51 -6.99 62.87 24.32
N PRO D 52 -6.14 63.15 25.34
CA PRO D 52 -4.76 62.66 25.37
C PRO D 52 -4.67 61.14 25.40
N VAL D 53 -3.54 60.60 24.93
CA VAL D 53 -3.27 59.18 25.09
C VAL D 53 -2.77 59.14 26.56
N THR D 54 -3.21 58.08 27.23
CA THR D 54 -3.01 57.78 28.66
C THR D 54 -2.52 56.29 28.80
N PRO D 55 -1.92 55.83 29.96
CA PRO D 55 -1.54 54.39 29.92
C PRO D 55 -2.83 53.49 29.96
N GLN D 56 -4.01 54.10 29.86
CA GLN D 56 -5.22 53.28 29.86
C GLN D 56 -5.92 53.26 28.51
N THR D 57 -5.42 54.05 27.57
CA THR D 57 -6.00 54.09 26.24
C THR D 57 -5.99 52.70 25.55
N LEU D 58 -7.15 52.26 25.10
CA LEU D 58 -7.22 51.00 24.37
C LEU D 58 -6.82 51.28 22.90
N PHE D 59 -5.94 50.44 22.35
CA PHE D 59 -5.54 50.53 20.95
C PHE D 59 -5.88 49.19 20.31
N GLU D 60 -6.08 49.20 19.00
CA GLU D 60 -6.27 47.95 18.30
C GLU D 60 -4.84 47.40 18.06
N LEU D 61 -4.63 46.15 18.46
CA LEU D 61 -3.37 45.46 18.29
C LEU D 61 -3.19 44.97 16.83
N GLY D 62 -4.25 45.00 16.04
CA GLY D 62 -4.18 44.44 14.70
C GLY D 62 -3.61 43.02 14.77
N SER D 63 -2.76 42.70 13.79
CA SER D 63 -2.08 41.41 13.66
C SER D 63 -1.33 40.92 14.93
N ILE D 64 -0.98 41.82 15.87
CA ILE D 64 -0.33 41.37 17.12
C ILE D 64 -1.26 40.40 17.92
N SER D 65 -2.56 40.46 17.65
CA SER D 65 -3.51 39.53 18.26
C SER D 65 -3.06 38.10 17.92
N LYS D 66 -2.23 37.94 16.88
CA LYS D 66 -1.73 36.62 16.47
C LYS D 66 -0.78 36.01 17.49
N THR D 67 -0.15 36.84 18.32
CA THR D 67 0.73 36.26 19.31
C THR D 67 -0.14 35.65 20.40
N PHE D 68 -1.36 36.20 20.59
CA PHE D 68 -2.27 35.66 21.61
C PHE D 68 -2.81 34.34 21.15
N THR D 69 -3.15 34.31 19.86
CA THR D 69 -3.69 33.11 19.27
C THR D 69 -2.69 31.97 19.24
N GLY D 70 -1.40 32.27 19.08
CA GLY D 70 -0.40 31.23 18.98
C GLY D 70 -0.10 30.61 20.32
N VAL D 71 -0.11 31.48 21.34
CA VAL D 71 0.11 31.10 22.73
C VAL D 71 -1.09 30.28 23.20
N LEU D 72 -2.28 30.66 22.75
CA LEU D 72 -3.51 29.94 23.12
C LEU D 72 -3.56 28.56 22.41
N GLY D 73 -3.02 28.50 21.20
CA GLY D 73 -2.97 27.25 20.46
C GLY D 73 -2.04 26.34 21.24
N GLY D 74 -0.88 26.89 21.63
CA GLY D 74 0.16 26.20 22.41
C GLY D 74 -0.36 25.66 23.73
N ASP D 75 -1.19 26.47 24.39
CA ASP D 75 -1.83 26.10 25.65
C ASP D 75 -2.67 24.83 25.44
N ALA D 76 -3.51 24.81 24.39
CA ALA D 76 -4.34 23.66 24.05
C ALA D 76 -3.45 22.45 23.71
N ILE D 77 -2.28 22.70 23.10
CA ILE D 77 -1.33 21.61 22.79
C ILE D 77 -0.91 20.97 24.11
N ALA D 78 -0.41 21.82 25.01
CA ALA D 78 0.08 21.43 26.34
C ALA D 78 -0.95 20.60 27.08
N ARG D 79 -2.19 21.10 27.14
CA ARG D 79 -3.30 20.36 27.72
C ARG D 79 -3.58 19.05 26.87
N GLY D 80 -2.80 18.83 25.79
CA GLY D 80 -2.95 17.69 24.86
C GLY D 80 -4.26 17.60 24.06
N GLU D 81 -4.97 18.73 23.90
CA GLU D 81 -6.27 18.76 23.22
C GLU D 81 -6.19 18.76 21.71
N ILE D 82 -5.14 19.42 21.23
CA ILE D 82 -4.80 19.53 19.81
C ILE D 82 -3.33 19.14 19.66
N SER D 83 -2.95 18.95 18.41
CA SER D 83 -1.61 18.55 18.03
C SER D 83 -1.32 19.17 16.66
N LEU D 84 -0.16 19.81 16.51
CA LEU D 84 0.25 20.43 15.24
C LEU D 84 0.43 19.43 14.06
N GLY D 85 0.79 18.18 14.36
CA GLY D 85 0.95 17.19 13.32
C GLY D 85 -0.39 16.66 12.79
N ASP D 86 -1.49 16.85 13.53
CA ASP D 86 -2.77 16.32 13.04
C ASP D 86 -3.21 16.98 11.73
N PRO D 87 -4.08 16.30 10.93
CA PRO D 87 -4.49 17.02 9.71
C PRO D 87 -5.58 18.03 10.17
N VAL D 88 -5.88 19.06 9.38
CA VAL D 88 -6.95 20.03 9.73
C VAL D 88 -8.35 19.34 9.83
N THR D 89 -8.61 18.34 8.99
CA THR D 89 -9.89 17.58 9.01
C THR D 89 -10.24 16.91 10.33
N LYS D 90 -9.27 16.63 11.21
CA LYS D 90 -9.61 16.01 12.49
C LYS D 90 -10.45 16.97 13.31
N TYR D 91 -10.17 18.27 13.20
CA TYR D 91 -10.92 19.25 13.97
C TYR D 91 -12.09 19.90 13.20
N TRP D 92 -12.21 19.55 11.92
CA TRP D 92 -13.33 19.99 11.09
C TRP D 92 -13.67 18.91 10.04
N PRO D 93 -14.33 17.80 10.46
CA PRO D 93 -14.72 16.72 9.53
C PRO D 93 -15.34 17.15 8.18
N GLU D 94 -16.21 18.18 8.23
CA GLU D 94 -16.97 18.71 7.08
C GLU D 94 -16.08 19.34 5.99
N LEU D 95 -14.78 19.38 6.28
CA LEU D 95 -13.74 19.82 5.34
C LEU D 95 -13.34 18.52 4.58
N THR D 96 -14.34 17.99 3.86
CA THR D 96 -14.25 16.75 3.07
C THR D 96 -13.63 16.92 1.67
N GLY D 97 -13.14 18.12 1.35
CA GLY D 97 -12.45 18.39 0.08
C GLY D 97 -11.08 17.70 -0.06
N LYS D 98 -10.64 17.53 -1.32
CA LYS D 98 -9.39 16.85 -1.78
C LYS D 98 -8.06 17.59 -1.54
N GLN D 99 -8.09 18.92 -1.72
CA GLN D 99 -6.95 19.83 -1.51
C GLN D 99 -6.46 19.82 -0.06
N TRP D 100 -7.39 19.63 0.87
CA TRP D 100 -7.09 19.65 2.30
C TRP D 100 -6.42 18.42 2.82
N GLN D 101 -6.17 17.47 1.92
CA GLN D 101 -5.66 16.16 2.31
C GLN D 101 -4.51 16.15 3.29
N GLY D 102 -3.36 16.71 2.88
CA GLY D 102 -2.17 16.70 3.71
C GLY D 102 -1.79 17.94 4.50
N ILE D 103 -2.73 18.91 4.63
CA ILE D 103 -2.53 20.18 5.37
C ILE D 103 -2.57 19.90 6.88
N ARG D 104 -1.58 20.32 7.67
CA ARG D 104 -1.66 20.05 9.12
C ARG D 104 -2.11 21.29 9.91
N MET D 105 -2.46 21.09 11.19
CA MET D 105 -2.85 22.19 12.07
C MET D 105 -1.69 23.16 12.01
N LEU D 106 -0.47 22.61 12.11
CA LEU D 106 0.78 23.36 12.03
C LEU D 106 0.72 24.28 10.83
N ASP D 107 0.35 23.76 9.66
CA ASP D 107 0.34 24.59 8.45
C ASP D 107 -0.62 25.79 8.55
N LEU D 108 -1.81 25.63 9.12
CA LEU D 108 -2.68 26.79 9.31
C LEU D 108 -2.02 27.83 10.26
N ALA D 109 -1.49 27.33 11.38
CA ALA D 109 -0.87 28.14 12.45
C ALA D 109 0.31 28.99 11.97
N THR D 110 1.05 28.47 10.98
CA THR D 110 2.21 29.14 10.42
C THR D 110 2.20 29.56 8.92
N TYR D 111 1.02 29.94 8.39
CA TYR D 111 0.89 30.49 7.03
C TYR D 111 1.41 29.57 5.95
N THR D 112 1.43 28.28 6.25
CA THR D 112 2.07 27.37 5.35
C THR D 112 1.27 26.31 4.59
N ALA D 113 -0.06 26.42 4.67
CA ALA D 113 -0.97 25.49 4.02
C ALA D 113 -0.97 25.47 2.48
N GLY D 114 -0.29 26.42 1.84
CA GLY D 114 -0.18 26.51 0.37
C GLY D 114 -0.93 27.66 -0.32
N GLY D 115 -0.95 28.84 0.30
CA GLY D 115 -1.64 29.97 -0.30
C GLY D 115 -3.01 30.44 0.20
N LEU D 116 -3.41 30.10 1.44
CA LEU D 116 -4.65 30.66 2.02
C LEU D 116 -4.51 32.23 1.87
N PRO D 117 -5.62 32.95 1.55
CA PRO D 117 -5.39 34.40 1.37
C PRO D 117 -5.02 35.29 2.55
N LEU D 118 -4.45 36.46 2.26
CA LEU D 118 -4.06 37.41 3.31
C LEU D 118 -5.23 37.74 4.22
N GLN D 119 -6.39 37.97 3.60
CA GLN D 119 -7.62 38.28 4.30
C GLN D 119 -8.70 37.26 3.99
N VAL D 120 -9.55 37.02 4.96
CA VAL D 120 -10.73 36.22 4.73
C VAL D 120 -11.67 37.23 4.01
N PRO D 121 -12.22 36.83 2.85
CA PRO D 121 -13.14 37.68 2.10
C PRO D 121 -14.27 38.22 3.01
N ASP D 122 -14.59 39.50 2.84
CA ASP D 122 -15.65 40.16 3.58
C ASP D 122 -17.03 39.62 3.11
N GLU D 123 -17.04 38.92 1.98
CA GLU D 123 -18.28 38.36 1.45
C GLU D 123 -18.77 37.18 2.32
N VAL D 124 -17.88 36.70 3.21
CA VAL D 124 -18.12 35.59 4.17
C VAL D 124 -18.61 36.19 5.51
N LYS D 125 -19.85 35.90 5.90
CA LYS D 125 -20.38 36.48 7.13
C LYS D 125 -20.83 35.50 8.24
N ASP D 126 -20.86 34.20 7.93
CA ASP D 126 -21.29 33.18 8.92
C ASP D 126 -20.46 31.91 8.80
N ASN D 127 -20.72 30.94 9.66
CA ASN D 127 -19.92 29.73 9.68
C ASN D 127 -20.11 28.85 8.45
N ALA D 128 -21.30 28.93 7.84
CA ALA D 128 -21.63 28.15 6.65
C ALA D 128 -20.83 28.64 5.44
N SER D 129 -20.81 29.96 5.20
CA SER D 129 -20.05 30.56 4.09
C SER D 129 -18.55 30.33 4.30
N LEU D 130 -18.11 30.37 5.56
CA LEU D 130 -16.71 30.10 5.86
C LEU D 130 -16.37 28.66 5.40
N LEU D 131 -17.27 27.70 5.61
CA LEU D 131 -17.00 26.32 5.20
C LEU D 131 -16.91 26.26 3.66
N ARG D 132 -17.89 26.87 2.97
CA ARG D 132 -17.96 26.93 1.50
C ARG D 132 -16.75 27.69 0.92
N PHE D 133 -16.10 28.51 1.74
CA PHE D 133 -14.91 29.27 1.32
C PHE D 133 -13.70 28.37 1.34
N TYR D 134 -13.50 27.63 2.43
CA TYR D 134 -12.36 26.71 2.56
C TYR D 134 -12.52 25.47 1.70
N GLN D 135 -13.78 25.09 1.46
CA GLN D 135 -14.10 23.94 0.63
C GLN D 135 -13.75 24.25 -0.79
N ASN D 136 -14.04 25.48 -1.22
CA ASN D 136 -13.82 25.89 -2.61
C ASN D 136 -12.46 26.58 -2.82
N TRP D 137 -11.50 26.38 -1.91
CA TRP D 137 -10.19 27.03 -2.03
C TRP D 137 -9.13 26.25 -2.80
N GLN D 138 -8.52 26.94 -3.74
CA GLN D 138 -7.52 26.34 -4.58
C GLN D 138 -6.12 26.75 -4.21
N PRO D 139 -5.36 25.81 -3.61
CA PRO D 139 -3.98 26.05 -3.20
C PRO D 139 -3.18 26.40 -4.42
N GLN D 140 -2.26 27.35 -4.28
CA GLN D 140 -1.40 27.75 -5.39
C GLN D 140 -0.11 26.96 -5.27
N TRP D 141 0.14 26.49 -4.05
CA TRP D 141 1.32 25.68 -3.72
C TRP D 141 0.95 24.43 -2.91
N LYS D 142 1.87 23.47 -3.02
CA LYS D 142 1.83 22.19 -2.33
C LYS D 142 1.96 22.52 -0.82
N PRO D 143 1.20 21.80 0.04
CA PRO D 143 1.25 22.05 1.49
C PRO D 143 2.63 21.83 2.04
N GLY D 144 3.01 22.66 3.02
CA GLY D 144 4.29 22.56 3.69
C GLY D 144 5.55 23.12 3.05
N THR D 145 5.39 23.84 1.94
CA THR D 145 6.49 24.36 1.09
C THR D 145 6.68 25.86 0.92
N THR D 146 5.60 26.59 1.10
CA THR D 146 5.65 28.02 0.85
C THR D 146 5.02 28.80 1.99
N ARG D 147 5.75 29.77 2.54
CA ARG D 147 5.14 30.58 3.60
C ARG D 147 4.41 31.83 3.03
N LEU D 148 3.07 31.88 3.15
CA LEU D 148 2.27 33.09 2.72
C LEU D 148 1.43 33.64 3.89
N TYR D 149 1.92 34.72 4.52
CA TYR D 149 1.25 35.36 5.67
C TYR D 149 -0.23 35.52 5.31
N ALA D 150 -1.13 35.08 6.19
CA ALA D 150 -2.57 35.14 5.88
C ALA D 150 -3.46 35.01 7.10
N ASN D 151 -4.49 35.85 7.16
CA ASN D 151 -5.41 35.82 8.29
C ASN D 151 -6.24 34.54 8.20
N ALA D 152 -6.53 34.09 6.97
CA ALA D 152 -7.33 32.88 6.73
C ALA D 152 -6.63 31.58 7.16
N SER D 153 -5.32 31.65 7.33
CA SER D 153 -4.50 30.53 7.77
C SER D 153 -4.58 30.49 9.32
N ILE D 154 -3.83 31.35 10.03
CA ILE D 154 -3.85 31.39 11.51
C ILE D 154 -5.21 31.66 12.17
N GLY D 155 -6.11 32.28 11.41
CA GLY D 155 -7.42 32.62 11.94
C GLY D 155 -8.22 31.38 12.12
N LEU D 156 -8.07 30.45 11.17
CA LEU D 156 -8.75 29.16 11.19
C LEU D 156 -8.10 28.22 12.23
N PHE D 157 -6.77 28.26 12.33
CA PHE D 157 -6.00 27.49 13.32
C PHE D 157 -6.56 27.86 14.69
N GLY D 158 -6.58 29.16 14.99
CA GLY D 158 -7.12 29.62 16.26
C GLY D 158 -8.57 29.20 16.51
N ALA D 159 -9.44 29.30 15.50
CA ALA D 159 -10.86 28.92 15.68
C ALA D 159 -11.01 27.41 15.88
N LEU D 160 -10.18 26.62 15.21
CA LEU D 160 -10.22 25.16 15.36
C LEU D 160 -9.55 24.68 16.65
N ALA D 161 -8.44 25.30 17.06
CA ALA D 161 -7.68 24.87 18.26
C ALA D 161 -8.45 24.98 19.57
N VAL D 162 -9.58 25.67 19.50
CA VAL D 162 -10.45 25.99 20.63
C VAL D 162 -11.72 25.12 20.68
N LYS D 163 -11.91 24.27 19.67
CA LYS D 163 -13.12 23.44 19.60
C LYS D 163 -13.18 22.31 20.61
N PRO D 164 -12.04 21.66 20.90
CA PRO D 164 -12.14 20.58 21.89
C PRO D 164 -12.60 21.09 23.24
N SER D 165 -12.17 22.30 23.56
CA SER D 165 -12.44 22.97 24.83
C SER D 165 -13.91 23.25 25.13
N GLY D 166 -14.74 23.31 24.08
CA GLY D 166 -16.17 23.51 24.27
C GLY D 166 -16.57 24.96 24.43
N MET D 167 -15.56 25.82 24.37
CA MET D 167 -15.81 27.25 24.49
C MET D 167 -15.72 27.98 23.14
N SER D 168 -16.33 29.17 23.12
CA SER D 168 -16.25 30.08 21.98
C SER D 168 -14.80 30.64 22.04
N TYR D 169 -14.28 31.11 20.90
CA TYR D 169 -12.92 31.64 20.87
C TYR D 169 -12.74 32.76 21.88
N GLU D 170 -13.78 33.58 22.08
CA GLU D 170 -13.68 34.70 23.00
C GLU D 170 -13.62 34.23 24.44
N GLN D 171 -14.55 33.33 24.82
CA GLN D 171 -14.57 32.65 26.11
C GLN D 171 -13.19 32.02 26.44
N ALA D 172 -12.65 31.21 25.52
CA ALA D 172 -11.39 30.51 25.79
C ALA D 172 -10.16 31.39 25.96
N ILE D 173 -9.98 32.41 25.11
CA ILE D 173 -8.80 33.25 25.28
C ILE D 173 -8.87 34.07 26.60
N THR D 174 -10.09 34.46 27.00
CA THR D 174 -10.34 35.20 28.25
C THR D 174 -10.06 34.31 29.46
N THR D 175 -10.48 33.04 29.37
CA THR D 175 -10.32 32.07 30.47
C THR D 175 -8.95 31.43 30.53
N ARG D 176 -8.29 31.23 29.39
CA ARG D 176 -7.01 30.52 29.39
C ARG D 176 -5.77 31.39 29.16
N VAL D 177 -5.99 32.65 28.76
CA VAL D 177 -4.92 33.61 28.51
C VAL D 177 -5.11 34.94 29.28
N PHE D 178 -6.07 35.81 28.94
CA PHE D 178 -6.22 37.08 29.68
C PHE D 178 -6.38 36.99 31.20
N LYS D 179 -7.40 36.26 31.69
CA LYS D 179 -7.62 36.10 33.12
C LYS D 179 -6.38 35.58 33.89
N PRO D 180 -5.80 34.42 33.48
CA PRO D 180 -4.63 33.87 34.18
C PRO D 180 -3.52 34.85 34.36
N LEU D 181 -3.43 35.78 33.39
CA LEU D 181 -2.39 36.78 33.29
C LEU D 181 -2.68 38.20 33.79
N LYS D 182 -3.83 38.39 34.44
CA LYS D 182 -4.23 39.67 35.00
C LYS D 182 -4.20 40.79 33.95
N LEU D 183 -4.51 40.40 32.70
CA LEU D 183 -4.68 41.30 31.55
C LEU D 183 -6.20 41.68 31.58
N ASP D 184 -6.59 42.48 32.59
CA ASP D 184 -7.98 42.86 32.78
C ASP D 184 -8.50 43.98 31.93
N HIS D 185 -7.63 44.62 31.13
CA HIS D 185 -8.14 45.65 30.21
C HIS D 185 -7.71 45.28 28.75
N THR D 186 -7.81 43.98 28.45
CA THR D 186 -7.46 43.36 27.15
C THR D 186 -8.74 42.66 26.73
N TRP D 187 -9.26 43.03 25.57
CA TRP D 187 -10.56 42.61 25.10
C TRP D 187 -10.72 42.09 23.65
N ILE D 188 -11.68 41.20 23.38
CA ILE D 188 -11.94 40.94 21.96
C ILE D 188 -13.06 41.99 21.60
N ASN D 189 -13.99 42.24 22.51
CA ASN D 189 -15.07 43.25 22.34
C ASN D 189 -14.92 44.20 23.57
N VAL D 190 -14.61 45.49 23.36
CA VAL D 190 -14.43 46.39 24.52
C VAL D 190 -15.78 46.62 25.18
N PRO D 191 -15.91 46.40 26.49
CA PRO D 191 -17.23 46.64 27.08
C PRO D 191 -17.67 48.10 26.93
N LYS D 192 -18.99 48.29 26.84
CA LYS D 192 -19.64 49.61 26.80
C LYS D 192 -19.10 50.46 28.00
N ALA D 193 -18.91 49.84 29.15
CA ALA D 193 -18.41 50.61 30.29
C ALA D 193 -16.98 51.20 30.04
N GLU D 194 -16.18 50.56 29.18
CA GLU D 194 -14.75 50.90 28.88
C GLU D 194 -14.40 51.77 27.67
N GLU D 195 -15.43 52.11 26.91
CA GLU D 195 -15.34 52.78 25.62
C GLU D 195 -14.69 54.07 25.57
N ALA D 196 -14.91 54.83 26.62
CA ALA D 196 -14.34 56.13 26.77
C ALA D 196 -12.80 56.02 26.65
N HIS D 197 -12.21 54.84 26.93
CA HIS D 197 -10.75 54.57 26.79
C HIS D 197 -10.31 54.13 25.37
N TYR D 198 -11.29 53.75 24.57
CA TYR D 198 -11.00 53.28 23.23
C TYR D 198 -10.57 54.45 22.31
N ALA D 199 -9.31 54.42 21.89
CA ALA D 199 -8.73 55.41 20.97
C ALA D 199 -9.40 55.24 19.63
N TRP D 200 -9.51 56.32 18.86
CA TRP D 200 -9.93 56.17 17.47
C TRP D 200 -8.64 56.01 16.63
N GLY D 201 -8.71 55.22 15.57
CA GLY D 201 -7.64 55.06 14.61
C GLY D 201 -7.97 56.11 13.54
N TYR D 202 -6.97 56.51 12.76
CA TYR D 202 -7.07 57.54 11.70
C TYR D 202 -6.48 56.98 10.41
N ARG D 203 -7.32 56.96 9.35
CA ARG D 203 -6.96 56.44 8.04
C ARG D 203 -6.87 57.52 6.96
N ASP D 204 -7.92 57.98 6.30
CA ASP D 204 -7.50 59.04 5.40
C ASP D 204 -7.91 60.37 6.05
N GLY D 205 -7.55 60.43 7.34
CA GLY D 205 -7.82 61.57 8.22
C GLY D 205 -9.16 61.35 8.91
N LYS D 206 -9.73 60.16 8.68
CA LYS D 206 -11.02 59.70 9.18
C LYS D 206 -10.91 58.80 10.43
N ALA D 207 -11.79 59.01 11.40
CA ALA D 207 -11.75 58.22 12.64
C ALA D 207 -12.39 56.87 12.29
N VAL D 208 -11.68 55.79 12.62
CA VAL D 208 -12.14 54.43 12.32
C VAL D 208 -11.78 53.33 13.31
N HIS D 209 -12.67 52.36 13.43
CA HIS D 209 -12.46 51.18 14.25
C HIS D 209 -12.46 49.95 13.36
N VAL D 210 -11.81 48.90 13.81
CA VAL D 210 -11.78 47.65 13.07
C VAL D 210 -13.25 47.19 12.86
N SER D 211 -13.54 46.77 11.64
CA SER D 211 -14.86 46.29 11.21
C SER D 211 -15.09 44.84 11.61
N PRO D 212 -16.32 44.46 12.02
CA PRO D 212 -16.50 43.04 12.35
C PRO D 212 -16.11 42.17 11.10
N GLY D 213 -15.61 40.96 11.33
CA GLY D 213 -15.24 40.09 10.21
C GLY D 213 -15.12 38.66 10.67
N MET D 214 -15.23 37.71 9.76
CA MET D 214 -15.10 36.32 10.20
C MET D 214 -13.64 36.09 10.64
N LEU D 215 -13.42 35.27 11.66
CA LEU D 215 -12.08 35.03 12.24
C LEU D 215 -11.33 36.28 12.72
N ASP D 216 -12.03 37.41 12.90
CA ASP D 216 -11.35 38.63 13.37
C ASP D 216 -10.62 38.51 14.74
N ALA D 217 -11.30 38.01 15.79
CA ALA D 217 -10.67 37.81 17.12
C ALA D 217 -9.34 37.02 16.99
N GLU D 218 -9.39 35.90 16.27
CA GLU D 218 -8.28 34.97 16.03
C GLU D 218 -7.04 35.53 15.29
N ALA D 219 -7.29 36.45 14.36
CA ALA D 219 -6.27 37.08 13.53
C ALA D 219 -5.96 38.58 13.76
N TYR D 220 -6.89 39.41 14.21
CA TYR D 220 -6.53 40.84 14.29
C TYR D 220 -7.42 41.67 15.18
N GLY D 221 -8.15 40.99 16.05
CA GLY D 221 -9.16 41.63 16.88
C GLY D 221 -8.93 42.01 18.32
N VAL D 222 -7.77 41.71 18.88
CA VAL D 222 -7.57 42.07 20.27
C VAL D 222 -7.28 43.57 20.48
N LYS D 223 -7.89 44.17 21.50
CA LYS D 223 -7.62 45.57 21.88
C LYS D 223 -7.07 45.59 23.31
N THR D 224 -6.11 46.47 23.57
CA THR D 224 -5.53 46.58 24.93
C THR D 224 -4.99 47.96 25.16
N ASN D 225 -4.44 48.14 26.37
CA ASN D 225 -3.74 49.36 26.71
C ASN D 225 -2.24 48.99 26.87
N VAL D 226 -1.40 50.01 27.05
CA VAL D 226 0.05 49.86 27.09
C VAL D 226 0.54 49.08 28.31
N GLN D 227 -0.21 49.14 29.40
CA GLN D 227 0.15 48.39 30.60
C GLN D 227 -0.06 46.84 30.44
N ASP D 228 -1.26 46.38 30.03
CA ASP D 228 -1.45 44.93 29.82
C ASP D 228 -0.51 44.42 28.72
N MET D 229 -0.26 45.27 27.72
CA MET D 229 0.62 44.92 26.62
C MET D 229 2.07 44.79 27.13
N ALA D 230 2.53 45.70 27.99
CA ALA D 230 3.87 45.55 28.56
C ALA D 230 3.88 44.27 29.40
N SER D 231 2.83 44.02 30.17
CA SER D 231 2.76 42.82 30.99
C SER D 231 2.89 41.53 30.10
N TRP D 232 2.21 41.49 28.95
CA TRP D 232 2.25 40.40 27.96
C TRP D 232 3.69 40.15 27.35
N VAL D 233 4.43 41.24 27.15
CA VAL D 233 5.78 41.15 26.64
C VAL D 233 6.64 40.55 27.74
N MET D 234 6.47 41.03 28.98
CA MET D 234 7.24 40.53 30.11
C MET D 234 7.09 39.03 30.36
N VAL D 235 5.88 38.51 30.18
CA VAL D 235 5.61 37.08 30.42
C VAL D 235 6.07 36.26 29.19
N ASN D 236 5.88 36.76 27.97
CA ASN D 236 6.47 36.03 26.84
C ASN D 236 8.01 36.07 26.97
N MET D 237 8.59 37.12 27.56
CA MET D 237 10.05 37.20 27.71
C MET D 237 10.60 36.25 28.79
N LYS D 238 9.77 35.99 29.82
CA LYS D 238 10.11 35.17 31.01
C LYS D 238 8.92 34.35 31.55
N PRO D 239 8.61 33.23 30.87
CA PRO D 239 7.51 32.30 31.18
C PRO D 239 7.51 31.47 32.50
N ASP D 240 8.69 31.34 33.10
CA ASP D 240 8.91 30.55 34.29
C ASP D 240 8.40 31.23 35.54
N SER D 241 8.03 32.51 35.34
CA SER D 241 7.43 33.38 36.36
C SER D 241 5.90 33.21 36.42
N LEU D 242 5.37 32.28 35.61
CA LEU D 242 3.96 31.89 35.66
C LEU D 242 3.89 30.51 36.32
N GLN D 243 2.84 30.31 37.12
CA GLN D 243 2.54 29.09 37.87
C GLN D 243 1.64 28.06 37.10
N ASP D 244 0.89 28.54 36.09
CA ASP D 244 -0.02 27.73 35.20
C ASP D 244 0.85 26.72 34.33
N ASN D 245 0.48 25.43 34.15
CA ASN D 245 1.36 24.44 33.43
C ASN D 245 1.33 24.55 31.94
N SER D 246 0.09 24.47 31.52
CA SER D 246 -0.27 24.55 30.15
C SER D 246 0.04 25.96 29.64
N LEU D 247 -0.35 27.03 30.33
CA LEU D 247 -0.06 28.35 29.75
C LEU D 247 1.45 28.68 29.65
N ARG D 248 2.26 28.04 30.50
CA ARG D 248 3.73 28.21 30.48
C ARG D 248 4.31 27.41 29.27
N LYS D 249 3.81 26.20 28.97
CA LYS D 249 4.31 25.49 27.79
C LYS D 249 3.80 26.30 26.60
N GLY D 250 2.53 26.69 26.67
CA GLY D 250 1.93 27.47 25.61
C GLY D 250 2.86 28.57 25.17
N LEU D 251 3.39 29.31 26.12
CA LEU D 251 4.28 30.41 25.84
C LEU D 251 5.59 29.94 25.19
N THR D 252 6.05 28.78 25.62
CA THR D 252 7.28 28.17 25.11
C THR D 252 7.02 27.62 23.71
N LEU D 253 5.83 27.09 23.46
CA LEU D 253 5.58 26.54 22.13
C LEU D 253 5.44 27.65 21.09
N ALA D 254 4.98 28.84 21.50
CA ALA D 254 4.80 29.95 20.56
C ALA D 254 6.15 30.62 20.18
N GLN D 255 7.18 30.45 20.99
CA GLN D 255 8.50 30.92 20.56
C GLN D 255 9.43 29.82 19.94
N SER D 256 8.89 28.63 19.64
CA SER D 256 9.72 27.61 18.99
C SER D 256 9.81 27.93 17.51
N ARG D 257 10.81 27.37 16.84
CA ARG D 257 11.03 27.69 15.44
C ARG D 257 10.54 26.54 14.57
N TYR D 258 9.48 26.78 13.81
CA TYR D 258 8.87 25.71 13.02
C TYR D 258 9.23 25.68 11.53
N TRP D 259 9.73 26.82 11.05
CA TRP D 259 10.07 27.00 9.65
C TRP D 259 11.17 28.06 9.64
N ARG D 260 12.00 28.06 8.60
CA ARG D 260 12.98 29.14 8.43
C ARG D 260 12.67 29.71 7.04
N VAL D 261 12.50 31.03 6.96
CA VAL D 261 12.22 31.68 5.69
C VAL D 261 13.21 32.81 5.63
N GLY D 262 14.34 32.58 4.96
CA GLY D 262 15.35 33.61 4.87
C GLY D 262 16.03 33.81 6.21
N ALA D 263 16.12 35.06 6.64
CA ALA D 263 16.77 35.42 7.91
C ALA D 263 15.95 35.19 9.21
N MET D 264 14.71 34.72 9.05
CA MET D 264 13.78 34.59 10.17
C MET D 264 13.18 33.20 10.37
N TYR D 265 12.65 32.97 11.58
CA TYR D 265 11.99 31.72 12.00
C TYR D 265 10.52 31.93 12.39
N GLN D 266 9.66 31.03 11.91
CA GLN D 266 8.27 31.16 12.22
C GLN D 266 7.91 30.45 13.50
N GLY D 267 7.51 31.23 14.50
CA GLY D 267 7.04 30.64 15.75
C GLY D 267 5.53 30.58 15.53
N LEU D 268 4.73 30.49 16.60
CA LEU D 268 3.26 30.51 16.51
C LEU D 268 2.82 31.98 16.85
N GLY D 269 2.53 32.79 15.82
CA GLY D 269 2.22 34.21 16.05
C GLY D 269 3.53 34.98 16.07
N TRP D 270 4.40 34.72 17.05
CA TRP D 270 5.72 35.38 17.10
C TRP D 270 6.61 34.97 15.91
N GLU D 271 7.50 35.88 15.54
CA GLU D 271 8.47 35.65 14.48
C GLU D 271 9.79 36.00 15.16
N MET D 272 10.85 35.30 14.78
CA MET D 272 12.17 35.48 15.40
C MET D 272 13.35 35.52 14.46
N LEU D 273 14.33 36.34 14.86
CA LEU D 273 15.62 36.48 14.20
C LEU D 273 16.73 36.30 15.27
N ASN D 274 17.86 35.70 14.90
CA ASN D 274 18.93 35.58 15.87
C ASN D 274 19.42 36.94 16.27
N TRP D 275 19.66 37.06 17.57
CA TRP D 275 20.17 38.37 18.05
C TRP D 275 21.60 38.21 18.41
N PRO D 276 22.58 39.26 18.12
CA PRO D 276 22.37 40.58 17.35
C PRO D 276 21.91 40.36 15.97
N VAL D 277 21.39 41.47 15.49
CA VAL D 277 20.92 41.36 14.17
C VAL D 277 21.05 42.71 13.53
N ASP D 278 21.34 42.65 12.25
CA ASP D 278 21.58 43.84 11.46
C ASP D 278 20.29 44.65 11.41
N ALA D 279 20.39 45.96 11.65
CA ALA D 279 19.24 46.87 11.58
C ALA D 279 18.55 46.70 10.20
N LYS D 280 19.33 46.78 9.11
CA LYS D 280 18.87 46.57 7.72
C LYS D 280 18.12 45.22 7.48
N THR D 281 18.53 44.12 8.14
CA THR D 281 17.86 42.81 7.95
C THR D 281 16.40 42.85 8.50
N VAL D 282 16.24 43.21 9.78
CA VAL D 282 14.92 43.35 10.38
C VAL D 282 14.08 44.49 9.73
N VAL D 283 14.67 45.68 9.54
CA VAL D 283 13.89 46.79 9.00
C VAL D 283 13.33 46.48 7.62
N GLU D 284 14.18 45.95 6.73
CA GLU D 284 13.81 45.59 5.35
C GLU D 284 12.96 44.31 5.15
N GLY D 285 13.10 43.34 6.06
CA GLY D 285 12.28 42.13 6.03
C GLY D 285 10.83 42.41 6.44
N SER D 286 10.61 43.59 7.06
CA SER D 286 9.28 44.02 7.50
C SER D 286 8.54 44.77 6.40
N ASP D 287 9.23 45.19 5.33
CA ASP D 287 8.58 45.82 4.16
C ASP D 287 7.57 44.81 3.61
N ASN D 288 6.38 45.30 3.30
CA ASN D 288 5.30 44.48 2.80
C ASN D 288 5.64 43.60 1.61
N LYS D 289 6.53 44.13 0.76
CA LYS D 289 7.12 43.49 -0.44
C LYS D 289 7.78 42.17 -0.08
N VAL D 290 8.42 42.11 1.09
CA VAL D 290 9.05 40.90 1.63
C VAL D 290 8.02 40.13 2.55
N ALA D 291 7.49 40.77 3.62
CA ALA D 291 6.59 40.12 4.61
C ALA D 291 5.29 39.47 4.13
N LEU D 292 4.76 40.01 3.03
CA LEU D 292 3.50 39.54 2.44
C LEU D 292 3.70 38.70 1.16
N ALA D 293 4.95 38.53 0.74
CA ALA D 293 5.28 37.76 -0.45
C ALA D 293 5.35 36.25 -0.17
N PRO D 294 4.90 35.42 -1.12
CA PRO D 294 4.97 33.96 -0.92
C PRO D 294 6.46 33.60 -0.98
N LEU D 295 6.95 32.87 0.01
CA LEU D 295 8.36 32.55 0.10
C LEU D 295 8.62 31.08 0.47
N PRO D 296 9.71 30.47 -0.10
CA PRO D 296 10.12 29.08 0.16
C PRO D 296 10.42 28.95 1.66
N ALA D 297 9.74 28.00 2.31
CA ALA D 297 9.83 27.76 3.75
C ALA D 297 10.47 26.37 4.05
N ARG D 298 11.53 26.36 4.87
CA ARG D 298 12.23 25.13 5.26
C ARG D 298 11.75 24.72 6.68
N GLU D 299 10.97 23.65 6.72
CA GLU D 299 10.44 23.13 7.98
C GLU D 299 11.58 22.75 8.90
N VAL D 300 11.59 23.27 10.13
CA VAL D 300 12.65 22.93 11.10
C VAL D 300 12.29 21.51 11.63
N ASN D 301 13.08 20.49 11.24
CA ASN D 301 12.87 19.04 11.56
C ASN D 301 11.97 18.94 12.82
N PRO D 302 12.41 18.38 13.99
CA PRO D 302 11.33 18.49 15.00
C PRO D 302 11.45 19.98 15.32
N PRO D 303 10.36 20.69 15.67
CA PRO D 303 10.57 22.13 15.96
C PRO D 303 11.76 22.43 16.90
N ALA D 304 12.55 23.46 16.63
CA ALA D 304 13.65 23.80 17.54
C ALA D 304 13.07 24.60 18.75
N PRO D 305 13.54 24.32 19.98
CA PRO D 305 13.06 25.06 21.18
C PRO D 305 13.37 26.57 21.10
N PRO D 306 12.74 27.41 21.95
CA PRO D 306 13.01 28.86 21.94
C PRO D 306 14.46 29.21 22.19
N VAL D 307 15.13 29.87 21.24
CA VAL D 307 16.51 30.29 21.50
C VAL D 307 16.43 31.70 22.07
N ASN D 308 17.08 31.81 23.22
CA ASN D 308 17.16 32.98 24.06
C ASN D 308 17.78 34.21 23.40
N ALA D 309 18.81 34.01 22.58
CA ALA D 309 19.46 35.13 21.90
C ALA D 309 18.60 35.31 20.65
N SER D 310 17.48 35.99 20.83
CA SER D 310 16.62 36.18 19.70
C SER D 310 16.08 37.58 19.70
N TRP D 311 15.70 38.02 18.51
CA TRP D 311 15.01 39.28 18.35
C TRP D 311 13.60 38.72 18.02
N VAL D 312 12.68 38.76 18.99
CA VAL D 312 11.31 38.27 18.79
C VAL D 312 10.37 39.48 18.67
N HIS D 313 9.52 39.43 17.65
CA HIS D 313 8.67 40.56 17.34
C HIS D 313 7.42 40.24 16.52
N LYS D 314 6.53 41.23 16.45
CA LYS D 314 5.31 41.11 15.67
C LYS D 314 4.79 42.48 15.47
N THR D 315 4.52 42.76 14.20
CA THR D 315 3.90 43.99 13.76
C THR D 315 2.41 43.69 13.60
N GLY D 316 1.62 44.74 13.79
CA GLY D 316 0.17 44.64 13.71
C GLY D 316 -0.53 45.93 13.36
N SER D 317 -1.38 45.79 12.34
CA SER D 317 -2.14 46.86 11.75
C SER D 317 -3.61 46.53 11.57
N THR D 318 -4.38 47.61 11.53
CA THR D 318 -5.78 47.54 11.18
C THR D 318 -5.86 48.76 10.27
N GLY D 319 -7.05 49.08 9.78
CA GLY D 319 -7.15 50.23 8.92
C GLY D 319 -6.71 51.53 9.55
N GLY D 320 -7.00 51.70 10.86
CA GLY D 320 -6.66 52.92 11.58
C GLY D 320 -5.56 52.86 12.63
N PHE D 321 -4.98 51.69 12.88
CA PHE D 321 -3.94 51.52 13.91
C PHE D 321 -2.68 50.83 13.41
N GLY D 322 -1.52 51.19 13.96
CA GLY D 322 -0.29 50.51 13.56
C GLY D 322 0.52 50.24 14.81
N SER D 323 0.77 48.98 15.16
CA SER D 323 1.50 48.66 16.38
C SER D 323 2.66 47.72 16.14
N TYR D 324 3.55 47.69 17.11
CA TYR D 324 4.73 46.90 16.98
C TYR D 324 5.27 46.49 18.32
N VAL D 325 5.73 45.26 18.37
CA VAL D 325 6.34 44.67 19.55
C VAL D 325 7.62 43.92 19.19
N ALA D 326 8.68 44.28 19.91
CA ALA D 326 9.99 43.64 19.79
C ALA D 326 10.63 43.45 21.17
N PHE D 327 11.14 42.24 21.42
CA PHE D 327 11.88 41.94 22.65
C PHE D 327 13.07 40.95 22.47
N ILE D 328 14.09 41.08 23.34
CA ILE D 328 15.29 40.21 23.24
C ILE D 328 15.37 39.47 24.55
N PRO D 329 14.88 38.22 24.59
CA PRO D 329 14.90 37.45 25.83
C PRO D 329 16.23 37.52 26.59
N GLU D 330 17.31 37.18 25.92
CA GLU D 330 18.62 37.17 26.55
C GLU D 330 18.96 38.44 27.30
N LYS D 331 18.44 39.58 26.85
CA LYS D 331 18.73 40.83 27.53
C LYS D 331 17.62 41.36 28.47
N GLN D 332 16.49 40.66 28.55
CA GLN D 332 15.32 41.15 29.31
C GLN D 332 15.07 42.62 28.91
N LEU D 333 14.98 42.81 27.59
CA LEU D 333 14.76 44.12 26.97
C LEU D 333 13.57 44.04 26.01
N GLY D 334 12.66 45.00 26.10
CA GLY D 334 11.52 44.97 25.22
C GLY D 334 10.90 46.32 24.97
N ILE D 335 10.19 46.41 23.85
CA ILE D 335 9.45 47.62 23.51
C ILE D 335 8.07 47.29 22.95
N VAL D 336 7.12 48.15 23.28
CA VAL D 336 5.75 48.08 22.80
C VAL D 336 5.42 49.46 22.23
N MET D 337 5.03 49.54 20.96
CA MET D 337 4.60 50.82 20.36
C MET D 337 3.20 50.67 19.72
N LEU D 338 2.25 51.38 20.33
CA LEU D 338 0.84 51.42 19.99
C LEU D 338 0.60 52.81 19.43
N ALA D 339 0.15 52.85 18.18
CA ALA D 339 -0.15 54.08 17.47
C ALA D 339 -1.53 54.01 16.82
N ASN D 340 -2.24 55.13 16.79
CA ASN D 340 -3.54 55.15 16.13
C ASN D 340 -3.51 55.68 14.70
N LYS D 341 -2.57 55.14 13.95
CA LYS D 341 -2.48 55.41 12.52
C LYS D 341 -1.64 54.28 12.00
N SER D 342 -2.08 53.69 10.90
CA SER D 342 -1.33 52.58 10.36
C SER D 342 -0.18 53.08 9.46
N TYR D 343 1.00 53.34 10.02
CA TYR D 343 2.10 53.85 9.20
C TYR D 343 3.03 52.72 8.73
N PRO D 344 3.90 52.93 7.72
CA PRO D 344 4.72 51.78 7.29
C PRO D 344 5.42 50.92 8.31
N ASN D 345 5.37 49.60 8.12
CA ASN D 345 6.05 48.67 9.04
C ASN D 345 7.58 48.90 9.27
N PRO D 346 8.37 49.16 8.18
CA PRO D 346 9.82 49.43 8.18
C PRO D 346 10.10 50.57 9.17
N ALA D 347 9.25 51.60 9.16
CA ALA D 347 9.33 52.76 10.09
C ALA D 347 9.13 52.37 11.59
N ARG D 348 8.30 51.35 11.81
CA ARG D 348 8.05 50.89 13.17
C ARG D 348 9.31 50.11 13.64
N VAL D 349 9.73 49.11 12.87
CA VAL D 349 10.90 48.31 13.20
C VAL D 349 12.13 49.24 13.34
N GLU D 350 12.22 50.27 12.50
CA GLU D 350 13.30 51.26 12.58
C GLU D 350 13.29 52.07 13.91
N ALA D 351 12.20 52.76 14.24
CA ALA D 351 12.12 53.50 15.51
C ALA D 351 12.38 52.52 16.70
N ALA D 352 11.75 51.33 16.71
CA ALA D 352 11.95 50.30 17.77
C ALA D 352 13.42 49.85 17.84
N TYR D 353 14.04 49.67 16.66
CA TYR D 353 15.47 49.32 16.59
C TYR D 353 16.32 50.51 17.16
N ARG D 354 16.02 51.77 16.83
CA ARG D 354 16.77 52.91 17.39
C ARG D 354 16.72 53.03 18.91
N ILE D 355 15.58 52.67 19.48
CA ILE D 355 15.39 52.80 20.92
C ILE D 355 16.07 51.66 21.69
N LEU D 356 15.84 50.41 21.31
CA LEU D 356 16.45 49.27 21.99
C LEU D 356 17.98 49.22 21.89
N SER D 357 18.53 49.58 20.73
CA SER D 357 19.97 49.58 20.49
C SER D 357 20.71 50.57 21.40
N ALA D 358 20.04 51.62 21.86
CA ALA D 358 20.68 52.59 22.76
C ALA D 358 20.56 52.20 24.25
N LEU D 359 20.18 50.96 24.58
CA LEU D 359 19.96 50.55 25.98
C LEU D 359 20.70 49.27 26.35
#